data_7XEU
#
_entry.id   7XEU
#
_cell.length_a   1.00
_cell.length_b   1.00
_cell.length_c   1.00
_cell.angle_alpha   90.00
_cell.angle_beta   90.00
_cell.angle_gamma   90.00
#
_symmetry.space_group_name_H-M   'P 1'
#
loop_
_entity.id
_entity.type
_entity.pdbx_description
1 polymer 'Transient receptor potential cation channel subfamily V member 2'
2 non-polymer CHOLESTEROL
#
_entity_poly.entity_id   1
_entity_poly.type   'polypeptide(L)'
_entity_poly.pdbx_seq_one_letter_code
;MTSASNPPAFRLETSDGDEEGSAEVNKGKNEPPPMESPFQGEDRNFSPQIKVNLNYRKGLGPSQQDPNRFDRDRLFSVVS
RGVPEELTGLLEYLRRTSKYLTDSAYTEGSTGKTCLMKAVLNLQDGVNACILPLLQIDRDSGNPQPLVNAQCTDEFYRGH
SALHIAIEKRSLWCVKLLVENGANVHIRACGRFFQKHQGTCFYFGELPLSLAACTKQWDVVTYLLENPHQPASLEATDSL
GNTVLHALVMIADNSPENSALVIHMYDSLLQMGARLCPTVQLEDICNHQGLTPLKLAAKEGKIEIFRHILQREFSGLYQP
LSRKFTEWCYGPVRVSLYDLSSVDSWEKNSVLEIIAFHCKSPHRHRMVVLEPLNKLLQEKWDRLIPRFFFNFACYLVYMI
IFTIVAYHQPSLEQPAIPSSKATFGDSMLLLGHILILLGGIYLLLGQLWYFWRRRLFIWISFMDSYFEILFLVQALLTVL
SQVLRFVETEWYLPLLVSSLVLGWLNLLYYTRGFQHTGIYSVMIQKVILRDLLRFLLVYLVFLFGFAVALVSLSREARSP
KAPEDSNTTVTEKPTLGQEEEPVPYGGILDASLELFKFTIGMGELAFQEQLRFRGVVLLLLLAYVLLTYVLLLNMLIALM
SETVNSVATDSWSIWKLQKAISVLEMENGYWWCRRKRHRAGRLLKVGTKGDGIPDERWCFRVEEVNWAAWEKTLPTLSED
PSGAGITGYKKNPTSKPGKNSASEEDHLPLQVLQSH
;
_entity_poly.pdbx_strand_id   A,B,C,D
#
loop_
_chem_comp.id
_chem_comp.type
_chem_comp.name
_chem_comp.formula
CLR non-polymer CHOLESTEROL 'C27 H46 O'
#
# COMPACT_ATOMS: atom_id res chain seq x y z
N PRO A 67 27.79 -70.95 -22.33
CA PRO A 67 27.77 -70.38 -20.99
C PRO A 67 29.13 -69.81 -20.57
N ASN A 68 30.20 -70.36 -21.13
CA ASN A 68 31.54 -69.87 -20.78
C ASN A 68 31.75 -68.44 -21.25
N ARG A 69 31.42 -68.14 -22.49
CA ARG A 69 31.63 -66.82 -23.07
C ARG A 69 30.43 -65.93 -22.75
N PHE A 70 30.69 -64.71 -22.29
CA PHE A 70 29.66 -63.73 -21.97
C PHE A 70 29.99 -62.43 -22.69
N ASP A 71 29.05 -61.95 -23.50
CA ASP A 71 29.23 -60.67 -24.17
C ASP A 71 28.96 -59.52 -23.22
N ARG A 72 29.20 -58.30 -23.71
CA ARG A 72 28.93 -57.11 -22.90
C ARG A 72 27.45 -57.02 -22.53
N ASP A 73 26.57 -57.13 -23.53
CA ASP A 73 25.14 -56.99 -23.31
C ASP A 73 24.61 -58.09 -22.39
N ARG A 74 25.12 -59.31 -22.54
CA ARG A 74 24.66 -60.41 -21.68
C ARG A 74 24.95 -60.12 -20.21
N LEU A 75 26.17 -59.69 -19.91
CA LEU A 75 26.52 -59.42 -18.52
C LEU A 75 25.83 -58.16 -17.99
N PHE A 76 25.63 -57.17 -18.87
CA PHE A 76 24.85 -56.01 -18.47
C PHE A 76 23.42 -56.41 -18.08
N SER A 77 22.80 -57.27 -18.88
CA SER A 77 21.45 -57.75 -18.55
C SER A 77 21.46 -58.56 -17.26
N VAL A 78 22.50 -59.37 -17.06
CA VAL A 78 22.57 -60.19 -15.84
C VAL A 78 22.67 -59.29 -14.61
N VAL A 79 23.53 -58.27 -14.66
CA VAL A 79 23.70 -57.41 -13.50
C VAL A 79 22.53 -56.44 -13.34
N SER A 80 21.76 -56.21 -14.41
CA SER A 80 20.56 -55.38 -14.29
C SER A 80 19.51 -56.05 -13.41
N ARG A 81 19.36 -57.36 -13.49
CA ARG A 81 18.42 -58.08 -12.64
C ARG A 81 18.99 -58.37 -11.26
N GLY A 82 20.29 -58.17 -11.06
CA GLY A 82 20.91 -58.40 -9.77
C GLY A 82 20.89 -59.83 -9.30
N VAL A 83 21.21 -60.77 -10.17
CA VAL A 83 21.22 -62.19 -9.81
C VAL A 83 22.67 -62.70 -9.74
N PRO A 84 23.17 -62.97 -8.54
CA PRO A 84 24.53 -63.53 -8.44
C PRO A 84 24.64 -64.94 -8.98
N GLU A 85 23.57 -65.73 -8.91
CA GLU A 85 23.63 -67.13 -9.32
C GLU A 85 23.97 -67.29 -10.79
N GLU A 86 23.70 -66.29 -11.62
CA GLU A 86 24.02 -66.31 -13.04
C GLU A 86 25.40 -65.71 -13.32
N LEU A 87 26.26 -65.68 -12.31
CA LEU A 87 27.59 -65.09 -12.46
C LEU A 87 28.72 -66.11 -12.34
N THR A 88 28.40 -67.40 -12.23
CA THR A 88 29.43 -68.44 -12.09
C THR A 88 29.83 -68.92 -13.49
N GLY A 89 30.14 -67.95 -14.33
CA GLY A 89 30.63 -68.21 -15.66
C GLY A 89 31.68 -67.22 -16.11
N LEU A 90 32.03 -66.29 -15.22
CA LEU A 90 32.90 -65.18 -15.63
C LEU A 90 34.37 -65.50 -15.39
N LEU A 91 34.69 -66.12 -14.25
CA LEU A 91 36.08 -66.39 -13.91
C LEU A 91 36.73 -67.29 -14.95
N GLU A 92 36.01 -68.33 -15.40
CA GLU A 92 36.53 -69.21 -16.44
C GLU A 92 36.75 -68.45 -17.73
N TYR A 93 35.82 -67.55 -18.08
CA TYR A 93 35.96 -66.76 -19.31
C TYR A 93 37.20 -65.88 -19.25
N LEU A 94 37.44 -65.24 -18.11
CA LEU A 94 38.64 -64.42 -17.95
C LEU A 94 39.91 -65.26 -18.01
N ARG A 95 39.91 -66.43 -17.36
CA ARG A 95 41.13 -67.22 -17.31
C ARG A 95 41.38 -68.04 -18.57
N ARG A 96 40.40 -68.16 -19.46
CA ARG A 96 40.56 -68.92 -20.70
C ARG A 96 41.27 -68.13 -21.79
N THR A 97 40.80 -66.92 -22.08
CA THR A 97 41.35 -66.09 -23.14
C THR A 97 42.44 -65.15 -22.63
N SER A 98 42.76 -65.20 -21.32
CA SER A 98 43.81 -64.38 -20.73
C SER A 98 43.56 -62.90 -20.95
N LYS A 99 42.30 -62.50 -20.86
CA LYS A 99 41.93 -61.09 -20.92
C LYS A 99 41.62 -60.59 -19.51
N TYR A 100 41.31 -59.29 -19.40
CA TYR A 100 41.02 -58.69 -18.11
C TYR A 100 39.62 -58.09 -18.15
N LEU A 101 38.95 -58.14 -17.00
CA LEU A 101 37.64 -57.52 -16.87
C LEU A 101 37.70 -56.00 -17.02
N THR A 102 38.88 -55.42 -16.88
CA THR A 102 39.10 -53.98 -17.01
C THR A 102 39.45 -53.57 -18.45
N ASP A 103 39.48 -54.52 -19.37
CA ASP A 103 39.91 -54.26 -20.74
C ASP A 103 38.77 -53.62 -21.52
N SER A 104 38.93 -53.49 -22.83
CA SER A 104 37.93 -52.88 -23.71
C SER A 104 36.98 -53.91 -24.30
N ALA A 105 36.78 -55.02 -23.59
CA ALA A 105 35.83 -56.04 -24.04
C ALA A 105 34.69 -56.25 -23.06
N TYR A 106 34.48 -55.34 -22.11
CA TYR A 106 33.43 -55.48 -21.12
C TYR A 106 32.61 -54.22 -20.88
N THR A 107 33.02 -53.08 -21.41
CA THR A 107 32.33 -51.81 -21.17
C THR A 107 32.00 -51.14 -22.49
N GLU A 108 30.99 -50.27 -22.44
CA GLU A 108 30.57 -49.55 -23.64
C GLU A 108 31.65 -48.56 -24.08
N GLY A 109 31.91 -48.54 -25.39
CA GLY A 109 32.93 -47.65 -25.91
C GLY A 109 32.59 -46.18 -25.82
N SER A 110 31.33 -45.83 -26.12
CA SER A 110 30.91 -44.44 -26.14
C SER A 110 31.01 -43.79 -24.75
N THR A 111 30.24 -44.30 -23.80
CA THR A 111 30.21 -43.72 -22.46
C THR A 111 31.36 -44.23 -21.59
N GLY A 112 31.41 -45.54 -21.40
CA GLY A 112 32.41 -46.14 -20.53
C GLY A 112 31.81 -46.81 -19.32
N LYS A 113 30.47 -46.85 -19.27
CA LYS A 113 29.76 -47.48 -18.16
C LYS A 113 30.12 -48.96 -18.04
N THR A 114 30.74 -49.33 -16.91
CA THR A 114 31.16 -50.70 -16.70
C THR A 114 30.03 -51.52 -16.07
N CYS A 115 30.30 -52.80 -15.85
CA CYS A 115 29.29 -53.68 -15.24
C CYS A 115 28.99 -53.26 -13.80
N LEU A 116 30.02 -52.90 -13.05
CA LEU A 116 29.81 -52.47 -11.67
C LEU A 116 28.92 -51.24 -11.60
N MET A 117 29.21 -50.24 -12.43
CA MET A 117 28.40 -49.03 -12.45
C MET A 117 26.95 -49.36 -12.80
N LYS A 118 26.74 -50.08 -13.91
CA LYS A 118 25.39 -50.42 -14.33
C LYS A 118 24.65 -51.20 -13.25
N ALA A 119 25.40 -51.99 -12.46
CA ALA A 119 24.80 -52.62 -11.28
C ALA A 119 24.38 -51.57 -10.25
N VAL A 120 25.20 -50.55 -10.06
CA VAL A 120 24.90 -49.53 -9.04
C VAL A 120 23.75 -48.63 -9.48
N LEU A 121 23.58 -48.45 -10.79
CA LEU A 121 22.49 -47.61 -11.29
C LEU A 121 21.11 -48.12 -10.91
N ASN A 122 20.98 -49.39 -10.57
CA ASN A 122 19.67 -49.94 -10.23
C ASN A 122 19.77 -50.84 -9.01
N LEU A 123 19.06 -50.47 -7.95
CA LEU A 123 18.91 -51.30 -6.75
C LEU A 123 17.44 -51.38 -6.40
N GLN A 124 16.93 -52.61 -6.27
CA GLN A 124 15.49 -52.79 -6.10
C GLN A 124 14.98 -52.20 -4.79
N ASP A 125 15.73 -52.38 -3.71
CA ASP A 125 15.33 -51.89 -2.40
C ASP A 125 16.57 -51.31 -1.71
N GLY A 126 17.41 -50.62 -2.47
CA GLY A 126 18.68 -50.15 -1.93
C GLY A 126 19.61 -51.28 -1.57
N VAL A 127 19.43 -52.45 -2.19
CA VAL A 127 20.25 -53.62 -1.91
C VAL A 127 20.41 -54.41 -3.20
N ASN A 128 21.65 -54.80 -3.48
CA ASN A 128 21.97 -55.65 -4.63
C ASN A 128 22.89 -56.76 -4.17
N ALA A 129 22.47 -58.00 -4.35
CA ALA A 129 23.29 -59.16 -4.05
C ALA A 129 24.30 -59.47 -5.14
N CYS A 130 24.25 -58.77 -6.27
CA CYS A 130 25.15 -59.03 -7.38
C CYS A 130 26.38 -58.13 -7.36
N ILE A 131 26.39 -57.07 -6.55
CA ILE A 131 27.55 -56.18 -6.49
C ILE A 131 28.76 -56.95 -5.95
N LEU A 132 28.56 -57.74 -4.90
CA LEU A 132 29.67 -58.48 -4.30
C LEU A 132 30.34 -59.44 -5.26
N PRO A 133 29.63 -60.37 -5.93
CA PRO A 133 30.33 -61.38 -6.74
C PRO A 133 31.26 -60.78 -7.78
N LEU A 134 30.83 -59.69 -8.43
CA LEU A 134 31.74 -58.97 -9.34
C LEU A 134 32.97 -58.49 -8.58
N LEU A 135 32.80 -58.06 -7.34
CA LEU A 135 33.94 -57.54 -6.58
C LEU A 135 34.95 -58.64 -6.27
N GLN A 136 34.50 -59.82 -5.80
CA GLN A 136 35.53 -60.82 -5.52
C GLN A 136 36.05 -61.50 -6.77
N ILE A 137 35.28 -61.53 -7.86
CA ILE A 137 35.83 -62.13 -9.08
C ILE A 137 36.71 -61.14 -9.83
N ASP A 138 36.67 -59.86 -9.48
CA ASP A 138 37.56 -58.88 -10.10
C ASP A 138 38.80 -58.59 -9.27
N ARG A 139 38.79 -58.92 -7.98
CA ARG A 139 39.94 -58.68 -7.12
C ARG A 139 40.94 -59.85 -7.12
N ASP A 140 40.60 -60.97 -7.75
CA ASP A 140 41.53 -62.08 -7.87
C ASP A 140 42.26 -62.09 -9.20
N SER A 141 41.77 -61.35 -10.20
CA SER A 141 42.41 -61.28 -11.50
C SER A 141 42.56 -59.87 -12.05
N GLY A 142 42.25 -58.84 -11.25
CA GLY A 142 42.28 -57.48 -11.76
C GLY A 142 43.69 -57.02 -12.05
N ASN A 143 43.80 -56.09 -13.00
CA ASN A 143 45.06 -55.53 -13.42
C ASN A 143 44.99 -54.31 -12.48
N PRO A 144 45.98 -53.40 -12.32
CA PRO A 144 46.00 -52.62 -11.06
C PRO A 144 44.72 -51.84 -10.79
N GLN A 145 43.91 -51.57 -11.81
CA GLN A 145 42.62 -50.92 -11.65
C GLN A 145 41.56 -51.97 -11.36
N PRO A 146 40.87 -51.90 -10.21
CA PRO A 146 39.87 -52.92 -9.87
C PRO A 146 38.49 -52.63 -10.45
N LEU A 147 38.40 -51.76 -11.45
CA LEU A 147 37.12 -51.27 -11.99
C LEU A 147 36.33 -50.53 -10.92
N VAL A 148 37.07 -50.01 -9.93
CA VAL A 148 36.49 -49.16 -8.90
C VAL A 148 37.05 -47.76 -9.09
N ASN A 149 38.31 -47.69 -9.54
CA ASN A 149 38.96 -46.43 -9.86
C ASN A 149 38.88 -46.10 -11.35
N ALA A 150 38.18 -46.92 -12.13
CA ALA A 150 38.00 -46.68 -13.56
C ALA A 150 36.73 -45.88 -13.78
N GLN A 151 36.82 -44.87 -14.64
CA GLN A 151 35.70 -43.97 -14.87
C GLN A 151 35.39 -43.84 -16.36
N CYS A 152 34.40 -43.02 -16.69
CA CYS A 152 34.00 -42.80 -18.07
C CYS A 152 35.05 -41.96 -18.80
N THR A 153 35.11 -42.14 -20.12
CA THR A 153 36.06 -41.43 -20.96
C THR A 153 35.41 -40.40 -21.88
N ASP A 154 34.08 -40.36 -21.94
CA ASP A 154 33.40 -39.39 -22.79
C ASP A 154 33.63 -37.97 -22.27
N GLU A 155 33.53 -37.00 -23.19
CA GLU A 155 33.78 -35.61 -22.84
C GLU A 155 32.75 -35.13 -21.82
N PHE A 156 31.52 -35.65 -21.91
CA PHE A 156 30.46 -35.21 -21.00
C PHE A 156 30.74 -35.66 -19.56
N TYR A 157 31.18 -36.90 -19.39
CA TYR A 157 31.37 -37.49 -18.07
C TYR A 157 32.82 -37.93 -17.87
N ARG A 158 33.77 -37.07 -18.25
CA ARG A 158 35.18 -37.43 -18.13
C ARG A 158 35.64 -37.36 -16.68
N GLY A 159 35.60 -38.49 -15.98
CA GLY A 159 36.03 -38.54 -14.60
C GLY A 159 35.03 -39.18 -13.66
N HIS A 160 33.79 -39.32 -14.13
CA HIS A 160 32.70 -39.83 -13.32
C HIS A 160 32.90 -41.32 -13.03
N SER A 161 33.27 -41.65 -11.79
CA SER A 161 33.55 -43.03 -11.41
C SER A 161 32.38 -43.63 -10.64
N ALA A 162 32.51 -44.92 -10.33
CA ALA A 162 31.40 -45.65 -9.72
C ALA A 162 31.04 -45.11 -8.35
N LEU A 163 32.04 -44.63 -7.60
CA LEU A 163 31.76 -44.06 -6.28
C LEU A 163 30.82 -42.86 -6.39
N HIS A 164 30.92 -42.11 -7.48
CA HIS A 164 30.02 -40.98 -7.68
C HIS A 164 28.57 -41.44 -7.83
N ILE A 165 28.34 -42.51 -8.59
CA ILE A 165 26.99 -43.07 -8.68
C ILE A 165 26.54 -43.57 -7.31
N ALA A 166 27.44 -44.24 -6.59
CA ALA A 166 27.09 -44.80 -5.28
C ALA A 166 26.64 -43.70 -4.33
N ILE A 167 27.36 -42.58 -4.31
CA ILE A 167 26.98 -41.47 -3.45
C ILE A 167 25.70 -40.80 -3.95
N GLU A 168 25.57 -40.62 -5.27
CA GLU A 168 24.42 -39.93 -5.83
C GLU A 168 23.10 -40.67 -5.60
N LYS A 169 23.12 -42.01 -5.68
CA LYS A 169 21.92 -42.81 -5.47
C LYS A 169 21.49 -42.87 -4.01
N ARG A 170 22.25 -42.26 -3.10
CA ARG A 170 21.93 -42.19 -1.68
C ARG A 170 21.87 -43.58 -1.06
N SER A 171 22.95 -44.33 -1.24
CA SER A 171 23.09 -45.68 -0.71
C SER A 171 24.43 -45.78 -0.01
N LEU A 172 24.42 -45.65 1.32
CA LEU A 172 25.67 -45.72 2.10
C LEU A 172 26.29 -47.11 2.02
N TRP A 173 25.46 -48.14 1.82
CA TRP A 173 25.94 -49.51 1.86
C TRP A 173 26.95 -49.75 0.75
N CYS A 174 26.58 -49.41 -0.49
CA CYS A 174 27.47 -49.61 -1.62
C CYS A 174 28.66 -48.66 -1.56
N VAL A 175 28.48 -47.49 -0.94
CA VAL A 175 29.62 -46.61 -0.70
C VAL A 175 30.65 -47.32 0.17
N LYS A 176 30.18 -47.99 1.23
CA LYS A 176 31.07 -48.83 2.02
C LYS A 176 31.76 -49.87 1.14
N LEU A 177 30.97 -50.78 0.55
CA LEU A 177 31.55 -51.83 -0.30
C LEU A 177 32.58 -51.29 -1.26
N LEU A 178 32.39 -50.08 -1.77
CA LEU A 178 33.39 -49.48 -2.63
C LEU A 178 34.63 -49.06 -1.84
N VAL A 179 34.44 -48.60 -0.60
CA VAL A 179 35.59 -48.02 0.11
C VAL A 179 36.45 -49.07 0.81
N GLU A 180 35.89 -50.14 1.36
CA GLU A 180 36.79 -51.16 1.92
C GLU A 180 37.55 -51.93 0.86
N ASN A 181 36.97 -52.17 -0.31
CA ASN A 181 37.66 -52.90 -1.37
C ASN A 181 38.58 -52.00 -2.19
N GLY A 182 38.89 -50.79 -1.72
CA GLY A 182 39.76 -49.89 -2.44
C GLY A 182 38.99 -48.91 -3.28
N ALA A 183 39.17 -47.61 -3.02
CA ALA A 183 38.48 -46.57 -3.79
C ALA A 183 39.25 -45.27 -3.62
N ASN A 184 39.82 -44.77 -4.71
CA ASN A 184 40.50 -43.48 -4.67
C ASN A 184 39.46 -42.37 -4.52
N VAL A 185 39.37 -41.82 -3.31
CA VAL A 185 38.35 -40.82 -2.99
C VAL A 185 38.68 -39.52 -3.71
N HIS A 186 39.92 -39.39 -4.19
CA HIS A 186 40.38 -38.17 -4.84
C HIS A 186 40.27 -38.26 -6.36
N ILE A 187 39.22 -38.94 -6.83
CA ILE A 187 38.93 -39.06 -8.25
C ILE A 187 38.09 -37.85 -8.63
N ARG A 188 38.58 -37.07 -9.61
CA ARG A 188 37.88 -35.87 -10.04
C ARG A 188 37.04 -36.16 -11.28
N ALA A 189 35.79 -35.73 -11.24
CA ALA A 189 34.88 -35.90 -12.37
C ALA A 189 34.86 -34.63 -13.23
N CYS A 190 35.97 -34.40 -13.93
CA CYS A 190 36.14 -33.21 -14.74
C CYS A 190 35.47 -33.41 -16.11
N GLY A 191 34.14 -33.46 -16.08
CA GLY A 191 33.34 -33.61 -17.28
C GLY A 191 32.55 -32.34 -17.55
N ARG A 192 32.03 -32.25 -18.78
CA ARG A 192 31.31 -31.07 -19.23
C ARG A 192 30.07 -30.79 -18.39
N PHE A 193 29.40 -31.82 -17.90
CA PHE A 193 28.21 -31.67 -17.06
C PHE A 193 28.54 -31.21 -15.65
N PHE A 194 29.74 -31.50 -15.15
CA PHE A 194 30.11 -31.19 -13.78
C PHE A 194 30.90 -29.90 -13.64
N GLN A 195 31.17 -29.20 -14.73
CA GLN A 195 31.81 -27.90 -14.65
C GLN A 195 30.77 -26.80 -14.59
N LYS A 196 31.24 -25.58 -14.32
CA LYS A 196 30.36 -24.41 -14.18
C LYS A 196 30.26 -23.72 -15.53
N HIS A 197 29.10 -23.83 -16.17
CA HIS A 197 28.86 -23.18 -17.45
C HIS A 197 27.37 -22.84 -17.53
N GLN A 198 26.92 -22.48 -18.73
CA GLN A 198 25.51 -22.20 -18.96
C GLN A 198 24.88 -23.32 -19.76
N GLY A 199 23.76 -23.86 -19.24
CA GLY A 199 23.04 -24.95 -19.88
C GLY A 199 22.93 -26.14 -18.95
N THR A 200 23.26 -27.32 -19.49
CA THR A 200 23.17 -28.58 -18.76
C THR A 200 24.40 -28.71 -17.88
N CYS A 201 24.28 -28.33 -16.61
CA CYS A 201 25.43 -28.36 -15.72
C CYS A 201 24.97 -28.44 -14.28
N PHE A 202 25.84 -28.99 -13.43
CA PHE A 202 25.68 -28.93 -11.99
C PHE A 202 27.05 -29.08 -11.35
N TYR A 203 27.60 -27.97 -10.86
CA TYR A 203 28.92 -27.97 -10.25
C TYR A 203 28.80 -28.25 -8.75
N PHE A 204 29.49 -29.30 -8.29
CA PHE A 204 29.51 -29.65 -6.89
C PHE A 204 30.90 -29.82 -6.32
N GLY A 205 31.94 -29.42 -7.05
CA GLY A 205 33.31 -29.59 -6.62
C GLY A 205 34.03 -30.78 -7.21
N GLU A 206 33.36 -31.55 -8.07
CA GLU A 206 33.91 -32.75 -8.73
C GLU A 206 34.78 -33.58 -7.77
N LEU A 207 34.25 -33.80 -6.57
CA LEU A 207 34.91 -34.61 -5.56
C LEU A 207 33.84 -35.37 -4.79
N PRO A 208 34.07 -36.66 -4.51
CA PRO A 208 33.04 -37.44 -3.77
C PRO A 208 32.68 -36.83 -2.43
N LEU A 209 33.65 -36.31 -1.69
CA LEU A 209 33.35 -35.66 -0.41
C LEU A 209 32.50 -34.41 -0.62
N SER A 210 32.89 -33.58 -1.58
CA SER A 210 32.12 -32.38 -1.88
C SER A 210 30.75 -32.75 -2.46
N LEU A 211 30.69 -33.80 -3.27
CA LEU A 211 29.42 -34.26 -3.81
C LEU A 211 28.47 -34.68 -2.69
N ALA A 212 28.99 -35.42 -1.72
CA ALA A 212 28.17 -35.83 -0.58
C ALA A 212 27.74 -34.64 0.26
N ALA A 213 28.66 -33.68 0.46
CA ALA A 213 28.34 -32.52 1.27
C ALA A 213 27.26 -31.66 0.61
N CYS A 214 27.34 -31.48 -0.71
CA CYS A 214 26.41 -30.62 -1.42
C CYS A 214 25.01 -31.20 -1.50
N THR A 215 24.81 -32.48 -1.18
CA THR A 215 23.52 -33.14 -1.31
C THR A 215 22.87 -33.42 0.05
N LYS A 216 23.27 -32.66 1.07
CA LYS A 216 22.69 -32.78 2.42
C LYS A 216 22.75 -34.21 2.93
N GLN A 217 23.82 -34.92 2.58
CA GLN A 217 24.01 -36.30 2.98
C GLN A 217 24.94 -36.32 4.17
N TRP A 218 24.43 -35.91 5.33
CA TRP A 218 25.26 -35.91 6.55
C TRP A 218 25.24 -37.27 7.24
N ASP A 219 25.46 -38.33 6.46
CA ASP A 219 25.66 -39.67 6.99
C ASP A 219 26.89 -40.28 6.32
N VAL A 220 27.08 -39.97 5.04
CA VAL A 220 28.22 -40.48 4.29
C VAL A 220 29.41 -39.53 4.33
N VAL A 221 29.16 -38.22 4.47
CA VAL A 221 30.26 -37.27 4.65
C VAL A 221 31.09 -37.65 5.86
N THR A 222 30.41 -38.01 6.95
CA THR A 222 31.12 -38.52 8.11
C THR A 222 31.90 -39.79 7.77
N TYR A 223 31.24 -40.76 7.13
CA TYR A 223 31.86 -42.06 6.91
C TYR A 223 33.13 -41.93 6.06
N LEU A 224 33.18 -40.91 5.19
CA LEU A 224 34.42 -40.68 4.45
C LEU A 224 35.56 -40.21 5.35
N LEU A 225 35.25 -39.81 6.58
CA LEU A 225 36.27 -39.23 7.47
C LEU A 225 36.79 -40.19 8.54
N GLU A 226 36.06 -41.25 8.90
CA GLU A 226 36.64 -42.28 9.75
C GLU A 226 36.70 -43.66 9.12
N ASN A 227 36.70 -43.77 7.80
CA ASN A 227 36.96 -45.06 7.17
C ASN A 227 38.40 -45.47 7.45
N PRO A 228 38.63 -46.59 8.14
CA PRO A 228 40.00 -46.89 8.59
C PRO A 228 40.96 -47.20 7.46
N HIS A 229 40.47 -47.72 6.34
CA HIS A 229 41.35 -48.16 5.25
C HIS A 229 42.02 -46.98 4.55
N GLN A 230 41.22 -46.08 3.98
CA GLN A 230 41.76 -44.93 3.24
C GLN A 230 40.93 -43.70 3.60
N PRO A 231 41.41 -42.87 4.53
CA PRO A 231 40.66 -41.67 4.90
C PRO A 231 40.63 -40.66 3.77
N ALA A 232 39.58 -39.83 3.77
CA ALA A 232 39.40 -38.79 2.76
C ALA A 232 39.89 -37.46 3.31
N SER A 233 40.85 -36.86 2.62
CA SER A 233 41.36 -35.56 3.04
C SER A 233 40.30 -34.49 2.89
N LEU A 234 40.25 -33.58 3.86
CA LEU A 234 39.28 -32.49 3.86
C LEU A 234 39.81 -31.22 3.22
N GLU A 235 41.13 -31.04 3.16
CA GLU A 235 41.74 -29.89 2.51
C GLU A 235 42.12 -30.21 1.06
N ALA A 236 41.46 -31.21 0.49
CA ALA A 236 41.71 -31.64 -0.89
C ALA A 236 40.97 -30.72 -1.85
N THR A 237 41.64 -30.32 -2.92
CA THR A 237 41.11 -29.39 -3.89
C THR A 237 40.93 -30.06 -5.24
N ASP A 238 40.01 -29.51 -6.04
CA ASP A 238 39.71 -30.05 -7.35
C ASP A 238 40.58 -29.35 -8.41
N SER A 239 40.29 -29.57 -9.69
CA SER A 239 41.08 -28.98 -10.75
C SER A 239 40.89 -27.47 -10.87
N LEU A 240 39.82 -26.93 -10.31
CA LEU A 240 39.55 -25.50 -10.35
C LEU A 240 40.15 -24.76 -9.15
N GLY A 241 40.90 -25.44 -8.30
CA GLY A 241 41.43 -24.83 -7.10
C GLY A 241 40.40 -24.61 -6.02
N ASN A 242 39.29 -25.35 -6.07
CA ASN A 242 38.19 -25.20 -5.13
C ASN A 242 38.18 -26.36 -4.15
N THR A 243 38.05 -26.04 -2.86
CA THR A 243 37.91 -27.04 -1.83
C THR A 243 36.42 -27.25 -1.53
N VAL A 244 36.14 -28.02 -0.48
CA VAL A 244 34.75 -28.35 -0.17
C VAL A 244 33.96 -27.12 0.19
N LEU A 245 34.54 -26.20 0.98
CA LEU A 245 33.85 -24.97 1.33
C LEU A 245 33.60 -24.10 0.11
N HIS A 246 34.56 -24.06 -0.82
CA HIS A 246 34.34 -23.34 -2.08
C HIS A 246 33.19 -23.96 -2.86
N ALA A 247 33.11 -25.28 -2.92
CA ALA A 247 32.00 -25.93 -3.61
C ALA A 247 30.68 -25.59 -2.93
N LEU A 248 30.68 -25.54 -1.59
CA LEU A 248 29.47 -25.19 -0.85
C LEU A 248 29.02 -23.78 -1.17
N VAL A 249 29.97 -22.83 -1.25
CA VAL A 249 29.59 -21.44 -1.48
C VAL A 249 29.21 -21.23 -2.94
N MET A 250 29.71 -22.07 -3.84
CA MET A 250 29.24 -22.03 -5.24
C MET A 250 27.76 -22.35 -5.35
N ILE A 251 27.29 -23.36 -4.62
CA ILE A 251 25.94 -23.89 -4.83
C ILE A 251 24.92 -23.10 -4.01
N ALA A 252 25.35 -22.02 -3.39
CA ALA A 252 24.50 -21.21 -2.54
C ALA A 252 23.70 -20.24 -3.39
N ASP A 253 22.37 -20.33 -3.31
CA ASP A 253 21.48 -19.34 -3.90
C ASP A 253 20.86 -18.50 -2.80
N ASN A 254 20.31 -17.35 -3.20
CA ASN A 254 19.67 -16.44 -2.25
C ASN A 254 18.23 -16.85 -1.98
N SER A 255 18.05 -18.10 -1.58
CA SER A 255 16.75 -18.69 -1.28
C SER A 255 16.70 -19.11 0.18
N PRO A 256 15.54 -18.98 0.83
CA PRO A 256 15.44 -19.34 2.25
C PRO A 256 15.69 -20.81 2.53
N GLU A 257 15.46 -21.67 1.54
CA GLU A 257 15.60 -23.10 1.75
C GLU A 257 16.99 -23.61 1.39
N ASN A 258 17.69 -22.94 0.48
CA ASN A 258 19.05 -23.33 0.13
C ASN A 258 20.07 -22.70 1.08
N SER A 259 19.80 -21.47 1.53
CA SER A 259 20.72 -20.79 2.44
C SER A 259 20.85 -21.55 3.75
N ALA A 260 19.74 -22.05 4.28
CA ALA A 260 19.77 -22.81 5.52
C ALA A 260 20.61 -24.08 5.35
N LEU A 261 20.41 -24.79 4.25
CA LEU A 261 21.19 -25.99 3.96
C LEU A 261 22.67 -25.67 3.91
N VAL A 262 23.03 -24.64 3.13
CA VAL A 262 24.44 -24.30 2.95
C VAL A 262 25.06 -23.90 4.28
N ILE A 263 24.35 -23.08 5.05
CA ILE A 263 24.86 -22.60 6.33
C ILE A 263 25.07 -23.76 7.30
N HIS A 264 24.08 -24.65 7.41
CA HIS A 264 24.19 -25.77 8.34
C HIS A 264 25.32 -26.70 7.95
N MET A 265 25.43 -27.02 6.65
CA MET A 265 26.52 -27.89 6.21
C MET A 265 27.87 -27.24 6.44
N TYR A 266 27.97 -25.94 6.16
CA TYR A 266 29.22 -25.21 6.38
C TYR A 266 29.66 -25.29 7.84
N ASP A 267 28.74 -24.95 8.74
CA ASP A 267 29.07 -24.96 10.17
C ASP A 267 29.42 -26.37 10.64
N SER A 268 28.61 -27.36 10.27
CA SER A 268 28.85 -28.72 10.72
C SER A 268 30.18 -29.25 10.20
N LEU A 269 30.52 -28.94 8.94
CA LEU A 269 31.76 -29.43 8.38
C LEU A 269 32.96 -28.70 8.98
N LEU A 270 32.80 -27.42 9.33
CA LEU A 270 33.88 -26.72 10.01
C LEU A 270 34.15 -27.34 11.38
N GLN A 271 33.08 -27.63 12.13
CA GLN A 271 33.25 -28.31 13.42
C GLN A 271 33.87 -29.69 13.24
N MET A 272 33.45 -30.41 12.20
CA MET A 272 34.01 -31.73 11.92
C MET A 272 35.50 -31.65 11.62
N GLY A 273 35.91 -30.65 10.83
CA GLY A 273 37.31 -30.50 10.50
C GLY A 273 38.14 -29.98 11.67
N ALA A 274 37.48 -29.37 12.65
CA ALA A 274 38.18 -28.97 13.87
C ALA A 274 38.79 -30.18 14.57
N ARG A 275 38.05 -31.29 14.62
CA ARG A 275 38.49 -32.49 15.33
C ARG A 275 39.45 -33.33 14.51
N LEU A 276 39.54 -33.12 13.20
CA LEU A 276 40.39 -33.93 12.34
C LEU A 276 41.73 -33.26 12.05
N CYS A 277 41.70 -32.02 11.54
CA CYS A 277 42.90 -31.28 11.19
C CYS A 277 42.92 -29.99 11.99
N PRO A 278 43.52 -29.99 13.19
CA PRO A 278 43.55 -28.78 14.01
C PRO A 278 44.70 -27.85 13.64
N THR A 279 45.78 -28.41 13.07
CA THR A 279 46.94 -27.61 12.75
C THR A 279 46.73 -26.73 11.53
N VAL A 280 45.79 -27.08 10.65
CA VAL A 280 45.52 -26.32 9.44
C VAL A 280 44.07 -25.82 9.50
N GLN A 281 43.88 -24.57 9.10
CA GLN A 281 42.57 -23.93 9.12
C GLN A 281 42.02 -23.86 7.70
N LEU A 282 40.78 -24.30 7.53
CA LEU A 282 40.16 -24.38 6.21
C LEU A 282 39.71 -23.02 5.69
N GLU A 283 39.50 -22.04 6.57
CA GLU A 283 38.97 -20.75 6.12
C GLU A 283 39.98 -19.98 5.28
N ASP A 284 41.25 -20.36 5.35
CA ASP A 284 42.29 -19.65 4.62
C ASP A 284 42.92 -20.53 3.54
N ILE A 285 42.11 -21.29 2.82
CA ILE A 285 42.57 -22.10 1.71
C ILE A 285 42.40 -21.25 0.45
N CYS A 286 43.50 -21.00 -0.25
CA CYS A 286 43.48 -20.10 -1.38
C CYS A 286 42.99 -20.79 -2.64
N ASN A 287 42.12 -20.11 -3.38
CA ASN A 287 41.62 -20.60 -4.65
C ASN A 287 42.68 -20.43 -5.75
N HIS A 288 42.38 -20.97 -6.93
CA HIS A 288 43.23 -20.72 -8.09
C HIS A 288 43.20 -19.26 -8.49
N GLN A 289 42.06 -18.60 -8.30
CA GLN A 289 41.91 -17.17 -8.53
C GLN A 289 42.41 -16.34 -7.37
N GLY A 290 42.86 -16.97 -6.29
CA GLY A 290 43.38 -16.24 -5.15
C GLY A 290 42.34 -15.87 -4.11
N LEU A 291 41.21 -16.56 -4.07
CA LEU A 291 40.12 -16.20 -3.18
C LEU A 291 39.94 -17.24 -2.07
N THR A 292 39.31 -16.79 -1.00
CA THR A 292 38.92 -17.61 0.14
C THR A 292 37.41 -17.71 0.18
N PRO A 293 36.85 -18.64 0.96
CA PRO A 293 35.38 -18.77 0.97
C PRO A 293 34.64 -17.49 1.29
N LEU A 294 35.16 -16.68 2.20
CA LEU A 294 34.53 -15.38 2.47
C LEU A 294 34.66 -14.45 1.27
N LYS A 295 35.86 -14.35 0.70
CA LYS A 295 36.06 -13.52 -0.47
C LYS A 295 35.28 -14.06 -1.67
N LEU A 296 35.23 -15.38 -1.80
CA LEU A 296 34.48 -15.99 -2.90
C LEU A 296 32.99 -15.71 -2.76
N ALA A 297 32.47 -15.76 -1.54
CA ALA A 297 31.08 -15.36 -1.32
C ALA A 297 30.86 -13.89 -1.63
N ALA A 298 31.83 -13.04 -1.28
CA ALA A 298 31.69 -11.62 -1.57
C ALA A 298 31.65 -11.35 -3.08
N LYS A 299 32.53 -12.02 -3.83
CA LYS A 299 32.60 -11.79 -5.28
C LYS A 299 31.41 -12.38 -6.03
N GLU A 300 30.93 -13.56 -5.63
CA GLU A 300 29.85 -14.21 -6.35
C GLU A 300 28.47 -13.65 -5.99
N GLY A 301 28.40 -12.76 -5.01
CA GLY A 301 27.16 -12.11 -4.66
C GLY A 301 26.24 -12.86 -3.73
N LYS A 302 26.63 -14.06 -3.29
CA LYS A 302 25.83 -14.79 -2.32
C LYS A 302 25.83 -14.03 -0.99
N ILE A 303 24.67 -13.49 -0.63
CA ILE A 303 24.58 -12.55 0.49
C ILE A 303 24.28 -13.27 1.79
N GLU A 304 23.48 -14.34 1.74
CA GLU A 304 23.07 -15.03 2.95
C GLU A 304 24.25 -15.73 3.61
N ILE A 305 25.00 -16.51 2.83
CA ILE A 305 26.16 -17.21 3.39
C ILE A 305 27.24 -16.21 3.78
N PHE A 306 27.38 -15.13 3.00
CA PHE A 306 28.32 -14.07 3.36
C PHE A 306 27.95 -13.43 4.69
N ARG A 307 26.67 -13.15 4.89
CA ARG A 307 26.21 -12.59 6.15
C ARG A 307 26.48 -13.54 7.31
N HIS A 308 26.20 -14.84 7.10
CA HIS A 308 26.41 -15.80 8.17
C HIS A 308 27.89 -15.94 8.53
N ILE A 309 28.75 -16.03 7.54
CA ILE A 309 30.18 -16.13 7.77
C ILE A 309 30.76 -14.88 8.41
N LEU A 310 30.27 -13.70 8.03
CA LEU A 310 30.79 -12.44 8.55
C LEU A 310 30.57 -12.32 10.06
N GLN A 311 29.41 -12.74 10.55
CA GLN A 311 29.13 -12.79 11.98
C GLN A 311 28.59 -14.18 12.34
N ARG A 312 29.47 -15.01 12.90
CA ARG A 312 29.09 -16.33 13.39
C ARG A 312 29.69 -16.53 14.78
N GLU A 313 28.91 -17.09 15.69
CA GLU A 313 29.33 -17.32 17.06
C GLU A 313 29.00 -18.75 17.48
N PHE A 314 29.87 -19.33 18.31
CA PHE A 314 29.70 -20.69 18.81
C PHE A 314 29.68 -20.67 20.33
N SER A 315 29.30 -21.80 20.92
CA SER A 315 29.05 -21.87 22.36
C SER A 315 30.25 -22.39 23.15
N GLY A 316 30.72 -23.60 22.85
CA GLY A 316 31.65 -24.27 23.73
C GLY A 316 33.05 -24.49 23.19
N LEU A 317 33.34 -25.72 22.76
CA LEU A 317 34.71 -26.10 22.43
C LEU A 317 35.19 -25.41 21.16
N TYR A 318 34.28 -24.86 20.37
CA TYR A 318 34.60 -24.27 19.07
C TYR A 318 34.63 -22.74 19.12
N GLN A 319 35.13 -22.19 20.22
CA GLN A 319 35.35 -20.75 20.30
C GLN A 319 36.32 -20.24 19.24
N PRO A 320 37.49 -20.89 19.00
CA PRO A 320 38.41 -20.36 17.97
C PRO A 320 37.81 -20.25 16.58
N LEU A 321 36.83 -21.11 16.28
CA LEU A 321 36.19 -21.11 14.96
C LEU A 321 35.02 -20.14 14.98
N SER A 322 35.32 -18.88 15.32
CA SER A 322 34.28 -17.87 15.39
C SER A 322 34.83 -16.55 14.88
N ARG A 323 33.91 -15.70 14.40
CA ARG A 323 34.25 -14.38 13.89
C ARG A 323 33.74 -13.25 14.78
N LYS A 324 32.55 -13.40 15.33
CA LYS A 324 31.95 -12.39 16.22
C LYS A 324 32.04 -12.93 17.65
N PHE A 325 32.63 -12.15 18.54
CA PHE A 325 32.74 -12.51 19.95
C PHE A 325 31.99 -11.50 20.81
N THR A 326 31.42 -11.99 21.91
CA THR A 326 30.68 -11.16 22.85
C THR A 326 31.47 -11.06 24.15
N GLU A 327 31.95 -9.85 24.45
CA GLU A 327 32.71 -9.60 25.66
C GLU A 327 31.73 -9.26 26.79
N TRP A 328 32.22 -8.69 27.88
CA TRP A 328 31.42 -8.49 29.10
C TRP A 328 30.05 -7.91 28.80
N CYS A 329 29.03 -8.55 29.33
CA CYS A 329 27.63 -8.09 29.21
C CYS A 329 27.18 -7.37 30.48
N TYR A 330 27.78 -6.22 30.78
CA TYR A 330 27.40 -5.47 31.96
C TYR A 330 26.00 -4.90 31.80
N GLY A 331 25.04 -5.45 32.53
CA GLY A 331 23.66 -5.06 32.39
C GLY A 331 23.12 -5.36 31.00
N PRO A 332 22.34 -4.44 30.45
CA PRO A 332 21.76 -4.64 29.11
C PRO A 332 22.61 -4.13 27.95
N VAL A 333 23.79 -3.57 28.20
CA VAL A 333 24.68 -3.11 27.14
C VAL A 333 25.76 -4.18 26.94
N ARG A 334 26.00 -4.54 25.68
CA ARG A 334 26.99 -5.55 25.34
C ARG A 334 27.90 -5.04 24.24
N VAL A 335 29.16 -5.47 24.30
CA VAL A 335 30.18 -5.07 23.34
C VAL A 335 30.51 -6.27 22.46
N SER A 336 30.41 -6.09 21.15
CA SER A 336 30.68 -7.14 20.19
C SER A 336 31.97 -6.82 19.45
N LEU A 337 32.85 -7.82 19.35
CA LEU A 337 34.11 -7.72 18.63
C LEU A 337 33.98 -8.53 17.34
N TYR A 338 33.99 -7.86 16.21
CA TYR A 338 33.95 -8.53 14.92
C TYR A 338 35.36 -8.72 14.38
N ASP A 339 35.64 -9.91 13.86
CA ASP A 339 36.94 -10.20 13.29
C ASP A 339 37.13 -9.39 12.01
N LEU A 340 38.28 -8.73 11.90
CA LEU A 340 38.62 -7.91 10.72
C LEU A 340 39.66 -8.58 9.85
N SER A 341 39.66 -9.91 9.78
CA SER A 341 40.61 -10.64 8.96
C SER A 341 40.07 -10.73 7.53
N SER A 342 40.90 -10.30 6.57
CA SER A 342 40.58 -10.39 5.15
C SER A 342 39.37 -9.55 4.76
N VAL A 343 38.90 -8.69 5.66
CA VAL A 343 37.81 -7.77 5.36
C VAL A 343 38.23 -6.31 5.53
N ASP A 344 39.18 -6.01 6.40
CA ASP A 344 39.71 -4.65 6.50
C ASP A 344 40.47 -4.29 5.23
N SER A 345 40.30 -3.05 4.79
CA SER A 345 40.88 -2.58 3.54
C SER A 345 42.39 -2.43 3.61
N TRP A 346 42.99 -2.55 4.80
CA TRP A 346 44.44 -2.47 4.92
C TRP A 346 45.16 -3.57 4.15
N GLU A 347 44.52 -4.72 3.98
CA GLU A 347 45.07 -5.81 3.19
C GLU A 347 44.96 -5.49 1.71
N LYS A 348 45.73 -6.23 0.90
CA LYS A 348 45.79 -6.00 -0.54
C LYS A 348 44.44 -6.26 -1.18
N ASN A 349 43.93 -7.49 -1.05
CA ASN A 349 42.66 -7.90 -1.64
C ASN A 349 41.68 -8.15 -0.49
N SER A 350 40.96 -7.10 -0.11
CA SER A 350 40.02 -7.19 1.00
C SER A 350 38.59 -7.40 0.48
N VAL A 351 37.69 -7.75 1.40
CA VAL A 351 36.29 -7.93 1.05
C VAL A 351 35.64 -6.62 0.63
N LEU A 352 36.00 -5.50 1.25
CA LEU A 352 35.45 -4.22 0.86
C LEU A 352 35.78 -3.86 -0.58
N GLU A 353 37.01 -4.09 -1.01
CA GLU A 353 37.39 -3.86 -2.40
C GLU A 353 36.72 -4.81 -3.37
N ILE A 354 36.52 -6.07 -2.97
CA ILE A 354 35.88 -7.07 -3.83
C ILE A 354 34.48 -6.63 -4.18
N ILE A 355 33.69 -6.25 -3.18
CA ILE A 355 32.32 -5.81 -3.40
C ILE A 355 32.31 -4.56 -4.27
N ALA A 356 33.23 -3.64 -3.99
CA ALA A 356 33.21 -2.34 -4.67
C ALA A 356 33.57 -2.47 -6.14
N PHE A 357 34.60 -3.27 -6.47
CA PHE A 357 35.22 -3.19 -7.78
C PHE A 357 35.23 -4.51 -8.56
N HIS A 358 34.69 -5.59 -7.99
CA HIS A 358 34.78 -6.89 -8.66
C HIS A 358 33.43 -7.59 -8.73
N CYS A 359 32.56 -7.33 -7.76
CA CYS A 359 31.27 -7.99 -7.72
C CYS A 359 30.38 -7.53 -8.87
N LYS A 360 29.85 -8.48 -9.63
CA LYS A 360 29.03 -8.21 -10.81
C LYS A 360 27.54 -8.41 -10.51
N SER A 361 27.20 -8.52 -9.23
CA SER A 361 25.83 -8.87 -8.86
C SER A 361 24.87 -7.71 -9.18
N PRO A 362 23.61 -8.02 -9.51
CA PRO A 362 22.64 -6.96 -9.79
C PRO A 362 22.43 -6.02 -8.62
N HIS A 363 22.32 -6.57 -7.42
CA HIS A 363 22.18 -5.77 -6.20
C HIS A 363 23.35 -6.11 -5.26
N ARG A 364 24.46 -5.41 -5.47
CA ARG A 364 25.62 -5.50 -4.60
C ARG A 364 25.67 -4.36 -3.59
N HIS A 365 24.71 -3.44 -3.64
CA HIS A 365 24.58 -2.39 -2.65
C HIS A 365 23.90 -2.86 -1.37
N ARG A 366 23.30 -4.05 -1.37
CA ARG A 366 22.74 -4.62 -0.16
C ARG A 366 23.78 -5.36 0.67
N MET A 367 24.93 -5.70 0.09
CA MET A 367 26.00 -6.37 0.82
C MET A 367 26.94 -5.41 1.53
N VAL A 368 26.78 -4.10 1.31
CA VAL A 368 27.70 -3.10 1.86
C VAL A 368 27.13 -2.43 3.10
N VAL A 369 25.88 -2.72 3.46
CA VAL A 369 25.22 -2.04 4.56
C VAL A 369 25.03 -2.94 5.79
N LEU A 370 25.32 -4.23 5.65
CA LEU A 370 25.17 -5.17 6.76
C LEU A 370 26.19 -5.02 7.89
N GLU A 371 25.96 -5.75 8.98
CA GLU A 371 26.83 -5.72 10.16
C GLU A 371 28.33 -5.94 9.88
N PRO A 372 29.18 -5.38 10.75
CA PRO A 372 30.63 -5.35 10.62
C PRO A 372 31.08 -5.15 9.17
N LEU A 373 30.63 -4.03 8.62
CA LEU A 373 30.88 -3.59 7.25
C LEU A 373 30.24 -2.21 7.24
N ASN A 374 29.14 -2.12 7.97
CA ASN A 374 28.35 -0.89 8.15
C ASN A 374 29.10 0.23 8.93
N LYS A 375 29.26 -0.03 10.22
CA LYS A 375 29.95 0.75 11.24
C LYS A 375 31.38 1.07 10.83
N LEU A 376 32.07 0.09 10.26
CA LEU A 376 33.45 0.30 9.82
C LEU A 376 33.52 1.38 8.75
N LEU A 377 32.62 1.31 7.76
CA LEU A 377 32.61 2.29 6.69
C LEU A 377 32.22 3.67 7.21
N GLN A 378 31.29 3.73 8.17
CA GLN A 378 30.93 5.00 8.77
C GLN A 378 32.10 5.63 9.50
N GLU A 379 32.86 4.81 10.24
CA GLU A 379 34.03 5.31 10.94
C GLU A 379 35.08 5.82 9.94
N LYS A 380 35.30 5.06 8.87
CA LYS A 380 36.27 5.48 7.86
C LYS A 380 35.85 6.78 7.19
N TRP A 381 34.56 6.92 6.87
CA TRP A 381 34.06 8.16 6.28
C TRP A 381 34.20 9.33 7.24
N ASP A 382 33.89 9.12 8.52
CA ASP A 382 34.03 10.19 9.50
C ASP A 382 35.49 10.62 9.64
N ARG A 383 36.41 9.67 9.51
CA ARG A 383 37.83 10.02 9.54
C ARG A 383 38.30 10.71 8.26
N LEU A 384 37.70 10.38 7.11
CA LEU A 384 38.16 10.92 5.83
C LEU A 384 37.38 12.13 5.35
N ILE A 385 36.40 12.61 6.12
CA ILE A 385 35.66 13.82 5.74
C ILE A 385 36.57 15.00 5.38
N PRO A 386 37.60 15.36 6.20
CA PRO A 386 38.41 16.54 5.87
C PRO A 386 39.06 16.47 4.51
N ARG A 387 39.57 15.30 4.12
CA ARG A 387 40.20 15.16 2.81
C ARG A 387 39.17 15.32 1.70
N PHE A 388 37.99 14.76 1.88
CA PHE A 388 36.93 14.88 0.89
C PHE A 388 36.56 16.35 0.66
N PHE A 389 36.35 17.10 1.75
CA PHE A 389 35.95 18.49 1.56
C PHE A 389 37.11 19.36 1.13
N PHE A 390 38.35 18.96 1.43
CA PHE A 390 39.51 19.67 0.89
C PHE A 390 39.59 19.50 -0.63
N ASN A 391 39.35 18.28 -1.11
CA ASN A 391 39.29 18.06 -2.55
C ASN A 391 38.16 18.87 -3.18
N PHE A 392 37.00 18.91 -2.51
CA PHE A 392 35.90 19.72 -3.01
C PHE A 392 36.29 21.19 -3.11
N ALA A 393 36.95 21.72 -2.08
CA ALA A 393 37.37 23.12 -2.10
C ALA A 393 38.37 23.38 -3.22
N CYS A 394 39.31 22.44 -3.42
CA CYS A 394 40.29 22.61 -4.50
C CYS A 394 39.60 22.63 -5.85
N TYR A 395 38.65 21.73 -6.08
CA TYR A 395 37.94 21.71 -7.35
C TYR A 395 37.11 22.97 -7.54
N LEU A 396 36.49 23.46 -6.47
CA LEU A 396 35.72 24.70 -6.56
C LEU A 396 36.60 25.88 -6.92
N VAL A 397 37.78 25.97 -6.31
CA VAL A 397 38.72 27.04 -6.65
C VAL A 397 39.15 26.91 -8.11
N TYR A 398 39.42 25.69 -8.56
CA TYR A 398 39.82 25.48 -9.94
C TYR A 398 38.74 25.96 -10.91
N MET A 399 37.48 25.64 -10.61
CA MET A 399 36.40 26.08 -11.49
C MET A 399 36.15 27.58 -11.40
N ILE A 400 36.38 28.19 -10.23
CA ILE A 400 36.29 29.64 -10.14
C ILE A 400 37.33 30.28 -11.04
N ILE A 401 38.56 29.77 -11.01
CA ILE A 401 39.59 30.27 -11.91
C ILE A 401 39.20 30.06 -13.37
N PHE A 402 38.62 28.89 -13.67
CA PHE A 402 38.19 28.60 -15.03
C PHE A 402 37.15 29.62 -15.52
N THR A 403 36.15 29.89 -14.68
CA THR A 403 35.12 30.86 -15.03
C THR A 403 35.71 32.25 -15.21
N ILE A 404 36.61 32.64 -14.32
CA ILE A 404 37.21 33.97 -14.40
C ILE A 404 38.00 34.11 -15.70
N VAL A 405 38.77 33.07 -16.05
CA VAL A 405 39.59 33.13 -17.26
C VAL A 405 38.71 33.14 -18.51
N ALA A 406 37.66 32.31 -18.52
CA ALA A 406 36.80 32.26 -19.70
C ALA A 406 36.01 33.56 -19.89
N TYR A 407 35.57 34.17 -18.80
CA TYR A 407 34.74 35.38 -18.88
C TYR A 407 35.54 36.63 -19.23
N HIS A 408 36.84 36.65 -18.93
CA HIS A 408 37.66 37.84 -19.14
C HIS A 408 38.68 37.63 -20.25
N GLN A 409 38.28 36.98 -21.34
CA GLN A 409 39.21 36.76 -22.45
C GLN A 409 38.79 37.59 -23.66
N PRO A 410 39.73 38.21 -24.35
CA PRO A 410 39.40 39.02 -25.53
C PRO A 410 39.10 38.16 -26.74
N SER A 411 38.60 38.82 -27.78
CA SER A 411 38.23 38.15 -29.03
C SER A 411 39.46 37.88 -29.88
N THR A 423 50.17 44.24 -19.70
CA THR A 423 49.75 44.91 -18.48
C THR A 423 49.49 43.91 -17.37
N PHE A 424 49.03 44.41 -16.22
CA PHE A 424 48.72 43.53 -15.09
C PHE A 424 47.59 42.57 -15.44
N GLY A 425 46.56 43.08 -16.12
CA GLY A 425 45.46 42.21 -16.52
C GLY A 425 45.91 41.13 -17.48
N ASP A 426 46.75 41.48 -18.45
CA ASP A 426 47.27 40.48 -19.38
C ASP A 426 48.12 39.45 -18.64
N SER A 427 48.92 39.91 -17.68
CA SER A 427 49.77 38.99 -16.92
C SER A 427 48.94 38.00 -16.11
N MET A 428 47.90 38.50 -15.43
CA MET A 428 47.07 37.61 -14.64
C MET A 428 46.24 36.68 -15.54
N LEU A 429 45.87 37.15 -16.73
CA LEU A 429 45.18 36.28 -17.68
C LEU A 429 46.10 35.15 -18.15
N LEU A 430 47.35 35.47 -18.44
CA LEU A 430 48.31 34.43 -18.83
C LEU A 430 48.55 33.44 -17.70
N LEU A 431 48.67 33.95 -16.48
CA LEU A 431 48.83 33.07 -15.32
C LEU A 431 47.62 32.16 -15.16
N GLY A 432 46.42 32.71 -15.35
CA GLY A 432 45.23 31.89 -15.31
C GLY A 432 45.24 30.81 -16.37
N HIS A 433 45.65 31.17 -17.58
CA HIS A 433 45.69 30.19 -18.67
C HIS A 433 46.64 29.05 -18.36
N ILE A 434 47.84 29.37 -17.85
CA ILE A 434 48.79 28.30 -17.56
C ILE A 434 48.32 27.46 -16.38
N LEU A 435 47.72 28.09 -15.36
CA LEU A 435 47.14 27.31 -14.27
C LEU A 435 46.03 26.38 -14.73
N ILE A 436 45.19 26.83 -15.66
CA ILE A 436 44.17 25.95 -16.22
C ILE A 436 44.81 24.81 -16.99
N LEU A 437 45.88 25.07 -17.74
CA LEU A 437 46.53 23.99 -18.47
C LEU A 437 47.06 22.92 -17.52
N LEU A 438 47.76 23.35 -16.46
CA LEU A 438 48.28 22.38 -15.49
C LEU A 438 47.15 21.68 -14.74
N GLY A 439 46.08 22.39 -14.40
CA GLY A 439 44.96 21.74 -13.72
C GLY A 439 44.31 20.69 -14.59
N GLY A 440 44.12 21.00 -15.88
CA GLY A 440 43.54 20.04 -16.79
C GLY A 440 44.42 18.82 -16.98
N ILE A 441 45.73 19.03 -17.14
CA ILE A 441 46.61 17.88 -17.29
C ILE A 441 46.65 17.05 -16.01
N TYR A 442 46.58 17.70 -14.85
CA TYR A 442 46.50 16.97 -13.59
C TYR A 442 45.25 16.12 -13.49
N LEU A 443 44.09 16.68 -13.81
CA LEU A 443 42.86 15.90 -13.79
C LEU A 443 42.91 14.75 -14.79
N LEU A 444 43.45 15.00 -15.98
CA LEU A 444 43.56 13.96 -16.98
C LEU A 444 44.48 12.83 -16.50
N LEU A 445 45.61 13.19 -15.88
CA LEU A 445 46.53 12.19 -15.36
C LEU A 445 45.88 11.37 -14.25
N GLY A 446 45.15 12.04 -13.37
CA GLY A 446 44.46 11.31 -12.30
C GLY A 446 43.44 10.33 -12.85
N GLN A 447 42.63 10.76 -13.82
CA GLN A 447 41.65 9.88 -14.41
C GLN A 447 42.30 8.72 -15.16
N LEU A 448 43.41 9.00 -15.85
CA LEU A 448 44.12 7.95 -16.56
C LEU A 448 44.71 6.93 -15.60
N TRP A 449 45.26 7.40 -14.46
CA TRP A 449 45.75 6.48 -13.45
C TRP A 449 44.63 5.63 -12.88
N TYR A 450 43.47 6.24 -12.64
CA TYR A 450 42.31 5.49 -12.16
C TYR A 450 41.93 4.40 -13.13
N PHE A 451 41.84 4.73 -14.43
CA PHE A 451 41.42 3.74 -15.41
C PHE A 451 42.51 2.70 -15.66
N TRP A 452 43.77 3.07 -15.43
CA TRP A 452 44.86 2.11 -15.57
C TRP A 452 44.83 1.08 -14.45
N ARG A 453 44.64 1.53 -13.20
CA ARG A 453 44.64 0.64 -12.05
C ARG A 453 43.24 0.07 -11.76
N ARG A 454 42.25 0.40 -12.58
CA ARG A 454 40.92 -0.17 -12.44
C ARG A 454 40.34 -0.49 -13.81
N ARG A 455 41.13 -1.14 -14.66
CA ARG A 455 40.75 -1.33 -16.06
C ARG A 455 39.48 -2.16 -16.21
N LEU A 456 39.29 -3.15 -15.33
CA LEU A 456 38.14 -4.04 -15.48
C LEU A 456 36.82 -3.34 -15.14
N PHE A 457 36.84 -2.38 -14.21
CA PHE A 457 35.61 -1.90 -13.57
C PHE A 457 34.60 -1.38 -14.59
N ILE A 458 35.08 -0.88 -15.73
CA ILE A 458 34.18 -0.30 -16.73
C ILE A 458 33.23 -1.36 -17.26
N TRP A 459 33.62 -2.64 -17.19
CA TRP A 459 32.74 -3.71 -17.65
C TRP A 459 31.90 -4.30 -16.54
N ILE A 460 32.42 -4.34 -15.31
CA ILE A 460 31.60 -4.80 -14.18
C ILE A 460 30.44 -3.83 -13.93
N SER A 461 30.72 -2.53 -13.92
CA SER A 461 29.69 -1.55 -13.59
C SER A 461 30.05 -0.21 -14.21
N PHE A 462 29.32 0.17 -15.26
CA PHE A 462 29.37 1.51 -15.81
C PHE A 462 28.42 2.46 -15.10
N MET A 463 27.27 1.94 -14.67
CA MET A 463 26.22 2.79 -14.11
C MET A 463 26.58 3.29 -12.71
N ASP A 464 27.50 2.58 -12.04
CA ASP A 464 27.76 2.88 -10.64
C ASP A 464 28.71 4.05 -10.42
N SER A 465 29.51 4.40 -11.44
CA SER A 465 30.43 5.51 -11.22
C SER A 465 30.09 6.72 -12.09
N TYR A 466 30.17 6.57 -13.42
CA TYR A 466 29.58 7.46 -14.43
C TYR A 466 29.96 8.93 -14.22
N PHE A 467 30.89 9.19 -13.29
CA PHE A 467 31.49 10.50 -13.12
C PHE A 467 32.96 10.51 -13.47
N GLU A 468 33.65 9.36 -13.36
CA GLU A 468 35.03 9.30 -13.81
C GLU A 468 35.13 9.53 -15.32
N ILE A 469 34.18 8.99 -16.08
CA ILE A 469 34.16 9.21 -17.52
C ILE A 469 33.90 10.69 -17.81
N LEU A 470 33.01 11.32 -17.05
CA LEU A 470 32.72 12.73 -17.26
C LEU A 470 33.92 13.60 -16.93
N PHE A 471 34.62 13.29 -15.83
CA PHE A 471 35.82 14.03 -15.49
C PHE A 471 36.90 13.85 -16.54
N LEU A 472 37.05 12.62 -17.06
CA LEU A 472 38.03 12.38 -18.12
C LEU A 472 37.70 13.18 -19.36
N VAL A 473 36.42 13.21 -19.74
CA VAL A 473 36.00 13.96 -20.93
C VAL A 473 36.25 15.45 -20.73
N GLN A 474 35.91 15.97 -19.54
CA GLN A 474 36.12 17.39 -19.26
C GLN A 474 37.60 17.75 -19.31
N ALA A 475 38.46 16.93 -18.70
CA ALA A 475 39.89 17.20 -18.72
C ALA A 475 40.44 17.13 -20.14
N LEU A 476 39.98 16.14 -20.92
CA LEU A 476 40.43 16.01 -22.31
C LEU A 476 40.02 17.24 -23.11
N LEU A 477 38.77 17.68 -22.96
CA LEU A 477 38.31 18.87 -23.67
C LEU A 477 39.12 20.10 -23.27
N THR A 478 39.39 20.25 -21.97
CA THR A 478 40.13 21.41 -21.49
C THR A 478 41.55 21.43 -22.07
N VAL A 479 42.26 20.29 -21.99
CA VAL A 479 43.64 20.26 -22.45
C VAL A 479 43.69 20.41 -23.97
N LEU A 480 42.72 19.81 -24.67
CA LEU A 480 42.71 19.89 -26.14
C LEU A 480 42.43 21.32 -26.59
N SER A 481 41.50 22.00 -25.91
CA SER A 481 41.25 23.41 -26.21
C SER A 481 42.45 24.29 -25.90
N GLN A 482 43.16 24.00 -24.81
CA GLN A 482 44.32 24.81 -24.46
C GLN A 482 45.47 24.60 -25.44
N VAL A 483 45.60 23.39 -25.99
CA VAL A 483 46.67 23.11 -26.93
C VAL A 483 46.20 23.53 -28.33
N LEU A 484 44.91 23.87 -28.44
CA LEU A 484 44.35 24.34 -29.70
C LEU A 484 44.37 25.85 -29.83
N ARG A 485 44.65 26.58 -28.75
CA ARG A 485 44.81 28.02 -28.82
C ARG A 485 46.15 28.43 -29.42
N PHE A 486 47.19 27.60 -29.25
CA PHE A 486 48.48 27.86 -29.88
C PHE A 486 48.42 27.71 -31.40
N VAL A 487 47.41 27.01 -31.92
CA VAL A 487 47.23 26.84 -33.36
C VAL A 487 46.40 27.97 -33.96
N GLU A 488 45.79 28.82 -33.12
CA GLU A 488 44.88 29.87 -33.57
C GLU A 488 43.74 29.28 -34.41
N THR A 489 43.13 28.23 -33.87
CA THR A 489 42.06 27.50 -34.54
C THR A 489 40.72 28.20 -34.29
N GLU A 490 39.86 28.15 -35.31
CA GLU A 490 38.54 28.78 -35.26
C GLU A 490 37.57 28.07 -34.33
N TRP A 491 37.89 26.86 -33.86
CA TRP A 491 36.98 26.08 -33.03
C TRP A 491 37.46 25.98 -31.57
N TYR A 492 38.10 27.02 -31.06
CA TYR A 492 38.56 27.08 -29.68
C TYR A 492 37.45 27.35 -28.67
N LEU A 493 36.69 28.42 -28.88
CA LEU A 493 35.65 28.82 -27.92
C LEU A 493 34.58 27.77 -27.71
N PRO A 494 34.07 27.06 -28.74
CA PRO A 494 33.07 26.01 -28.48
C PRO A 494 33.54 24.96 -27.49
N LEU A 495 34.74 24.41 -27.71
CA LEU A 495 35.25 23.38 -26.80
C LEU A 495 35.55 23.96 -25.43
N LEU A 496 36.04 25.21 -25.38
CA LEU A 496 36.28 25.85 -24.09
C LEU A 496 35.00 25.96 -23.27
N VAL A 497 33.93 26.44 -23.90
CA VAL A 497 32.68 26.60 -23.15
C VAL A 497 32.03 25.25 -22.87
N SER A 498 32.25 24.25 -23.73
CA SER A 498 31.76 22.91 -23.42
C SER A 498 32.42 22.35 -22.17
N SER A 499 33.74 22.51 -22.06
CA SER A 499 34.43 22.09 -20.84
C SER A 499 33.96 22.91 -19.64
N LEU A 500 33.69 24.20 -19.85
CA LEU A 500 33.16 25.03 -18.77
C LEU A 500 31.81 24.53 -18.27
N VAL A 501 30.92 24.14 -19.18
CA VAL A 501 29.65 23.55 -18.77
C VAL A 501 29.88 22.23 -18.05
N LEU A 502 30.74 21.37 -18.60
CA LEU A 502 30.89 20.02 -18.08
C LEU A 502 31.48 20.04 -16.67
N GLY A 503 32.41 20.97 -16.41
CA GLY A 503 32.98 21.04 -15.07
C GLY A 503 31.96 21.46 -14.02
N TRP A 504 31.16 22.49 -14.33
CA TRP A 504 30.14 22.91 -13.39
C TRP A 504 29.08 21.84 -13.19
N LEU A 505 28.80 21.06 -14.23
CA LEU A 505 27.88 19.93 -14.07
C LEU A 505 28.52 18.83 -13.21
N ASN A 506 29.82 18.59 -13.38
CA ASN A 506 30.53 17.58 -12.61
C ASN A 506 30.71 18.01 -11.16
N LEU A 507 30.53 19.30 -10.87
CA LEU A 507 30.61 19.79 -9.50
C LEU A 507 29.59 19.09 -8.61
N LEU A 508 28.54 18.52 -9.21
CA LEU A 508 27.56 17.75 -8.45
C LEU A 508 28.08 16.39 -7.99
N TYR A 509 29.34 16.07 -8.28
CA TYR A 509 29.96 14.88 -7.71
C TYR A 509 30.00 14.97 -6.19
N TYR A 510 30.35 16.15 -5.68
CA TYR A 510 30.47 16.33 -4.24
C TYR A 510 29.11 16.57 -3.57
N THR A 511 28.04 16.62 -4.36
CA THR A 511 26.69 16.63 -3.79
C THR A 511 26.50 15.44 -2.86
N ARG A 512 27.02 14.29 -3.25
CA ARG A 512 27.11 13.14 -2.36
C ARG A 512 28.12 13.43 -1.26
N GLY A 513 27.80 13.03 -0.03
CA GLY A 513 28.57 13.42 1.13
C GLY A 513 27.60 13.89 2.21
N PHE A 514 26.39 14.22 1.76
CA PHE A 514 25.26 14.49 2.62
C PHE A 514 24.11 13.60 2.19
N GLN A 515 23.41 13.02 3.15
CA GLN A 515 22.36 12.06 2.83
C GLN A 515 21.24 12.69 2.02
N HIS A 516 20.80 13.87 2.44
CA HIS A 516 19.65 14.51 1.80
C HIS A 516 19.91 14.81 0.34
N THR A 517 21.12 15.27 0.01
CA THR A 517 21.45 15.62 -1.37
C THR A 517 22.00 14.42 -2.14
N GLY A 518 22.70 13.52 -1.47
CA GLY A 518 23.19 12.32 -2.15
C GLY A 518 22.06 11.42 -2.62
N ILE A 519 21.04 11.23 -1.77
CA ILE A 519 19.89 10.43 -2.17
C ILE A 519 19.15 11.11 -3.32
N TYR A 520 19.10 12.45 -3.31
CA TYR A 520 18.50 13.18 -4.41
C TYR A 520 19.25 12.94 -5.71
N SER A 521 20.59 12.95 -5.65
CA SER A 521 21.37 12.69 -6.85
C SER A 521 21.14 11.26 -7.36
N VAL A 522 21.07 10.29 -6.45
CA VAL A 522 20.82 8.92 -6.84
C VAL A 522 19.46 8.81 -7.52
N MET A 523 18.44 9.46 -6.95
CA MET A 523 17.11 9.44 -7.55
C MET A 523 17.11 10.11 -8.92
N ILE A 524 17.88 11.19 -9.06
CA ILE A 524 18.00 11.85 -10.37
C ILE A 524 18.56 10.88 -11.39
N GLN A 525 19.61 10.16 -11.02
CA GLN A 525 20.18 9.17 -11.93
C GLN A 525 19.17 8.09 -12.30
N LYS A 526 18.44 7.58 -11.31
CA LYS A 526 17.47 6.52 -11.58
C LYS A 526 16.37 7.03 -12.51
N VAL A 527 15.90 8.26 -12.29
CA VAL A 527 14.86 8.82 -13.14
C VAL A 527 15.37 9.00 -14.57
N ILE A 528 16.59 9.50 -14.72
CA ILE A 528 17.16 9.68 -16.05
C ILE A 528 17.27 8.34 -16.77
N LEU A 529 17.75 7.31 -16.07
CA LEU A 529 17.98 6.02 -16.68
C LEU A 529 16.70 5.23 -16.94
N ARG A 530 15.62 5.49 -16.18
CA ARG A 530 14.45 4.63 -16.21
C ARG A 530 13.34 5.12 -17.13
N ASP A 531 12.93 6.38 -17.03
CA ASP A 531 11.73 6.82 -17.73
C ASP A 531 11.96 8.18 -18.41
N LEU A 532 13.11 8.33 -19.06
CA LEU A 532 13.36 9.55 -19.83
C LEU A 532 13.83 9.23 -21.23
N LEU A 533 14.54 8.10 -21.40
CA LEU A 533 15.08 7.75 -22.71
C LEU A 533 14.00 7.28 -23.67
N ARG A 534 13.10 6.42 -23.21
CA ARG A 534 12.01 5.95 -24.06
C ARG A 534 11.05 7.07 -24.41
N PHE A 535 10.78 7.97 -23.46
CA PHE A 535 10.02 9.17 -23.78
C PHE A 535 10.72 9.98 -24.86
N LEU A 536 12.04 10.10 -24.77
CA LEU A 536 12.78 10.84 -25.79
C LEU A 536 12.65 10.18 -27.14
N LEU A 537 12.72 8.85 -27.19
CA LEU A 537 12.57 8.12 -28.44
C LEU A 537 11.21 8.41 -29.08
N VAL A 538 10.14 8.24 -28.30
CA VAL A 538 8.80 8.48 -28.83
C VAL A 538 8.64 9.94 -29.26
N TYR A 539 9.14 10.86 -28.44
CA TYR A 539 9.02 12.29 -28.74
C TYR A 539 9.74 12.65 -30.03
N LEU A 540 10.94 12.13 -30.23
CA LEU A 540 11.68 12.43 -31.46
C LEU A 540 11.01 11.82 -32.67
N VAL A 541 10.45 10.61 -32.52
CA VAL A 541 9.72 10.02 -33.64
C VAL A 541 8.55 10.91 -34.04
N PHE A 542 7.74 11.32 -33.06
CA PHE A 542 6.58 12.16 -33.33
C PHE A 542 7.01 13.50 -33.94
N LEU A 543 8.03 14.12 -33.36
CA LEU A 543 8.48 15.43 -33.82
C LEU A 543 8.99 15.37 -35.25
N PHE A 544 9.80 14.33 -35.56
CA PHE A 544 10.32 14.20 -36.91
C PHE A 544 9.20 13.99 -37.91
N GLY A 545 8.25 13.11 -37.58
CA GLY A 545 7.14 12.87 -38.49
C GLY A 545 6.35 14.12 -38.79
N PHE A 546 5.95 14.85 -37.73
CA PHE A 546 5.12 16.03 -37.92
C PHE A 546 5.90 17.16 -38.58
N ALA A 547 7.19 17.30 -38.27
CA ALA A 547 8.01 18.33 -38.89
C ALA A 547 8.17 18.08 -40.38
N VAL A 548 8.44 16.82 -40.76
CA VAL A 548 8.53 16.50 -42.18
C VAL A 548 7.20 16.74 -42.88
N ALA A 549 6.09 16.40 -42.22
CA ALA A 549 4.79 16.64 -42.81
C ALA A 549 4.55 18.13 -43.05
N LEU A 550 4.91 18.98 -42.08
CA LEU A 550 4.67 20.40 -42.22
C LEU A 550 5.61 21.03 -43.24
N VAL A 551 6.82 20.49 -43.37
CA VAL A 551 7.75 20.98 -44.39
C VAL A 551 7.26 20.61 -45.78
N SER A 552 6.72 19.39 -45.93
CA SER A 552 6.28 18.93 -47.25
C SER A 552 5.25 19.88 -47.85
N LEU A 553 4.24 20.25 -47.07
CA LEU A 553 3.28 21.26 -47.51
C LEU A 553 3.71 22.64 -47.03
N SER A 554 2.79 23.62 -47.13
CA SER A 554 3.02 24.98 -46.67
C SER A 554 4.06 25.70 -47.51
N ARG A 555 4.44 25.11 -48.64
CA ARG A 555 5.26 25.80 -49.63
C ARG A 555 4.45 26.19 -50.86
N GLU A 556 3.12 26.05 -50.80
CA GLU A 556 2.24 26.45 -51.90
C GLU A 556 1.53 27.75 -51.48
N ALA A 557 2.03 28.86 -52.00
CA ALA A 557 1.45 30.17 -51.71
C ALA A 557 0.06 30.29 -52.31
N ARG A 558 -0.88 30.85 -51.56
CA ARG A 558 -2.24 31.08 -52.05
C ARG A 558 -2.27 32.23 -53.05
N PRO A 582 9.67 36.28 -44.87
CA PRO A 582 10.03 34.88 -45.04
C PRO A 582 8.84 33.94 -44.96
N VAL A 583 9.09 32.63 -45.03
CA VAL A 583 8.03 31.64 -45.02
C VAL A 583 8.22 30.73 -43.81
N PRO A 584 7.19 30.52 -42.98
CA PRO A 584 7.32 29.59 -41.86
C PRO A 584 7.44 28.15 -42.35
N TYR A 585 8.11 27.35 -41.52
CA TYR A 585 8.41 25.95 -41.84
C TYR A 585 9.16 25.84 -43.17
N GLY A 586 10.19 26.67 -43.30
CA GLY A 586 11.00 26.69 -44.50
C GLY A 586 11.80 25.41 -44.70
N GLY A 587 12.41 24.93 -43.63
CA GLY A 587 13.21 23.72 -43.69
C GLY A 587 12.92 22.76 -42.56
N ILE A 588 13.65 21.65 -42.53
CA ILE A 588 13.47 20.67 -41.45
C ILE A 588 13.83 21.23 -40.09
N LEU A 589 14.96 21.94 -39.98
CA LEU A 589 15.38 22.49 -38.69
C LEU A 589 14.40 23.53 -38.18
N ASP A 590 13.93 24.42 -39.07
CA ASP A 590 13.00 25.46 -38.66
C ASP A 590 11.70 24.86 -38.14
N ALA A 591 11.13 23.90 -38.88
CA ALA A 591 9.88 23.27 -38.45
C ALA A 591 10.08 22.49 -37.17
N SER A 592 11.21 21.80 -37.04
CA SER A 592 11.50 21.06 -35.81
C SER A 592 11.57 21.99 -34.62
N LEU A 593 12.23 23.14 -34.78
CA LEU A 593 12.31 24.10 -33.69
C LEU A 593 10.93 24.68 -33.35
N GLU A 594 10.13 24.98 -34.37
CA GLU A 594 8.80 25.52 -34.14
C GLU A 594 7.93 24.51 -33.40
N LEU A 595 8.07 23.23 -33.73
CA LEU A 595 7.31 22.19 -33.04
C LEU A 595 7.81 21.98 -31.61
N PHE A 596 9.13 22.07 -31.41
CA PHE A 596 9.69 21.92 -30.07
C PHE A 596 9.32 23.09 -29.17
N LYS A 597 9.01 24.25 -29.76
CA LYS A 597 8.58 25.39 -28.96
C LYS A 597 7.29 25.09 -28.19
N PHE A 598 6.47 24.18 -28.70
CA PHE A 598 5.23 23.83 -28.01
C PHE A 598 5.50 23.18 -26.67
N THR A 599 6.60 22.44 -26.53
CA THR A 599 6.90 21.74 -25.29
C THR A 599 7.20 22.72 -24.16
N ILE A 600 7.84 23.84 -24.48
CA ILE A 600 8.26 24.80 -23.46
C ILE A 600 7.21 25.87 -23.29
N GLY A 601 6.00 25.61 -23.81
CA GLY A 601 4.90 26.55 -23.68
C GLY A 601 5.11 27.85 -24.44
N MET A 602 5.66 27.75 -25.65
CA MET A 602 5.90 28.94 -26.45
C MET A 602 5.53 28.75 -27.92
N GLY A 603 4.71 27.75 -28.26
CA GLY A 603 4.43 27.47 -29.66
C GLY A 603 3.35 28.39 -30.21
N GLU A 604 3.55 28.82 -31.46
CA GLU A 604 2.56 29.65 -32.14
C GLU A 604 1.51 28.76 -32.78
N LEU A 605 0.23 29.08 -32.56
CA LEU A 605 -0.86 28.26 -33.09
C LEU A 605 -1.86 29.15 -33.79
N ALA A 606 -1.38 30.05 -34.66
CA ALA A 606 -2.24 30.98 -35.38
C ALA A 606 -2.82 30.30 -36.61
N PHE A 607 -3.88 30.90 -37.15
CA PHE A 607 -4.53 30.44 -38.37
C PHE A 607 -3.95 31.23 -39.54
N GLN A 608 -2.75 30.84 -39.98
CA GLN A 608 -2.06 31.53 -41.06
C GLN A 608 -2.89 31.43 -42.35
N GLU A 609 -3.07 32.57 -43.00
CA GLU A 609 -3.96 32.66 -44.15
C GLU A 609 -3.23 32.80 -45.48
N GLN A 610 -1.90 32.97 -45.46
CA GLN A 610 -1.17 33.09 -46.72
C GLN A 610 -1.06 31.72 -47.41
N LEU A 611 -1.19 30.65 -46.66
CA LEU A 611 -1.05 29.31 -47.20
C LEU A 611 -2.35 28.85 -47.86
N ARG A 612 -2.21 27.96 -48.85
CA ARG A 612 -3.38 27.41 -49.52
C ARG A 612 -4.07 26.35 -48.67
N PHE A 613 -3.34 25.73 -47.75
CA PHE A 613 -3.87 24.61 -46.98
C PHE A 613 -3.90 24.93 -45.49
N ARG A 614 -4.43 26.11 -45.14
CA ARG A 614 -4.40 26.56 -43.75
C ARG A 614 -5.15 25.60 -42.83
N GLY A 615 -6.28 25.06 -43.30
CA GLY A 615 -7.02 24.13 -42.48
C GLY A 615 -6.26 22.86 -42.18
N VAL A 616 -5.54 22.33 -43.19
CA VAL A 616 -4.74 21.13 -42.98
C VAL A 616 -3.61 21.42 -42.00
N VAL A 617 -2.97 22.59 -42.10
CA VAL A 617 -1.93 22.95 -41.14
C VAL A 617 -2.47 23.07 -39.73
N LEU A 618 -3.61 23.73 -39.55
CA LEU A 618 -4.20 23.88 -38.22
C LEU A 618 -4.59 22.54 -37.63
N LEU A 619 -5.22 21.67 -38.42
CA LEU A 619 -5.61 20.36 -37.92
C LEU A 619 -4.39 19.53 -37.54
N LEU A 620 -3.34 19.58 -38.35
CA LEU A 620 -2.13 18.83 -38.05
C LEU A 620 -1.47 19.35 -36.77
N LEU A 621 -1.43 20.67 -36.60
CA LEU A 621 -0.86 21.25 -35.40
C LEU A 621 -1.67 20.88 -34.16
N LEU A 622 -3.00 20.89 -34.27
CA LEU A 622 -3.84 20.50 -33.14
C LEU A 622 -3.64 19.03 -32.80
N ALA A 623 -3.54 18.17 -33.82
CA ALA A 623 -3.29 16.76 -33.57
C ALA A 623 -1.97 16.56 -32.84
N TYR A 624 -0.93 17.27 -33.31
CA TYR A 624 0.37 17.19 -32.64
C TYR A 624 0.29 17.67 -31.20
N VAL A 625 -0.42 18.77 -30.96
CA VAL A 625 -0.52 19.33 -29.61
C VAL A 625 -1.19 18.34 -28.67
N LEU A 626 -2.36 17.83 -29.07
CA LEU A 626 -3.08 16.90 -28.20
C LEU A 626 -2.35 15.57 -28.06
N LEU A 627 -1.54 15.20 -29.05
CA LEU A 627 -0.88 13.89 -29.00
C LEU A 627 0.45 13.94 -28.25
N THR A 628 1.07 15.11 -28.16
CA THR A 628 2.38 15.23 -27.55
C THR A 628 2.41 16.04 -26.26
N TYR A 629 1.69 17.15 -26.17
CA TYR A 629 1.76 18.03 -25.01
C TYR A 629 0.75 17.70 -23.93
N VAL A 630 -0.45 17.27 -24.27
CA VAL A 630 -1.47 16.96 -23.28
C VAL A 630 -1.24 15.55 -22.75
N LEU A 631 -0.93 14.61 -23.65
CA LEU A 631 -0.81 13.21 -23.26
C LEU A 631 0.59 12.86 -22.79
N LEU A 632 1.59 13.05 -23.66
CA LEU A 632 2.90 12.45 -23.44
C LEU A 632 3.64 13.07 -22.26
N LEU A 633 3.58 14.40 -22.12
CA LEU A 633 4.32 15.05 -21.04
C LEU A 633 3.68 14.78 -19.67
N ASN A 634 2.35 14.79 -19.60
CA ASN A 634 1.68 14.43 -18.35
C ASN A 634 1.94 12.98 -18.00
N MET A 635 1.96 12.09 -19.00
CA MET A 635 2.31 10.70 -18.74
C MET A 635 3.75 10.57 -18.26
N LEU A 636 4.65 11.42 -18.78
CA LEU A 636 6.01 11.49 -18.26
C LEU A 636 6.01 11.87 -16.78
N ILE A 637 5.18 12.86 -16.41
CA ILE A 637 5.10 13.27 -15.00
C ILE A 637 4.63 12.08 -14.15
N ALA A 638 3.62 11.37 -14.64
CA ALA A 638 3.11 10.19 -13.92
C ALA A 638 4.19 9.12 -13.79
N LEU A 639 4.95 8.90 -14.86
CA LEU A 639 6.00 7.88 -14.84
C LEU A 639 7.09 8.23 -13.84
N MET A 640 7.49 9.51 -13.80
CA MET A 640 8.45 9.92 -12.77
C MET A 640 7.86 9.76 -11.38
N SER A 641 6.57 10.05 -11.20
CA SER A 641 5.95 9.86 -9.89
C SER A 641 6.07 8.40 -9.44
N GLU A 642 5.70 7.47 -10.33
CA GLU A 642 5.73 6.06 -9.95
C GLU A 642 7.15 5.55 -9.79
N THR A 643 8.09 6.07 -10.60
CA THR A 643 9.48 5.67 -10.46
C THR A 643 10.06 6.14 -9.12
N VAL A 644 9.75 7.39 -8.72
CA VAL A 644 10.21 7.88 -7.43
C VAL A 644 9.59 7.07 -6.30
N ASN A 645 8.30 6.73 -6.42
CA ASN A 645 7.68 5.88 -5.41
C ASN A 645 8.27 4.48 -5.39
N SER A 646 8.85 4.02 -6.49
CA SER A 646 9.38 2.65 -6.56
C SER A 646 10.78 2.52 -5.99
N VAL A 647 11.66 3.50 -6.21
CA VAL A 647 13.06 3.37 -5.84
C VAL A 647 13.40 4.15 -4.57
N ALA A 648 12.40 4.48 -3.76
CA ALA A 648 12.61 5.27 -2.55
C ALA A 648 13.36 4.51 -1.45
N THR A 649 13.58 3.20 -1.55
CA THR A 649 14.25 2.45 -0.49
C THR A 649 15.64 1.97 -0.88
N ASP A 650 15.88 1.66 -2.15
CA ASP A 650 17.20 1.22 -2.58
C ASP A 650 18.17 2.38 -2.77
N SER A 651 17.67 3.61 -2.90
CA SER A 651 18.54 4.75 -3.12
C SER A 651 19.48 4.97 -1.95
N TRP A 652 19.00 4.71 -0.72
CA TRP A 652 19.85 4.85 0.46
C TRP A 652 21.02 3.86 0.40
N SER A 653 20.74 2.62 0.02
CA SER A 653 21.81 1.62 -0.09
C SER A 653 22.78 1.98 -1.21
N ILE A 654 22.25 2.51 -2.33
CA ILE A 654 23.12 2.94 -3.42
C ILE A 654 24.03 4.07 -2.96
N TRP A 655 23.48 5.02 -2.17
CA TRP A 655 24.29 6.10 -1.65
C TRP A 655 25.36 5.59 -0.69
N LYS A 656 25.02 4.59 0.13
CA LYS A 656 26.02 4.00 1.02
C LYS A 656 27.13 3.32 0.23
N LEU A 657 26.77 2.62 -0.85
CA LEU A 657 27.79 2.01 -1.70
C LEU A 657 28.67 3.07 -2.36
N GLN A 658 28.06 4.18 -2.79
CA GLN A 658 28.83 5.28 -3.36
C GLN A 658 29.82 5.83 -2.35
N LYS A 659 29.38 6.01 -1.10
CA LYS A 659 30.28 6.45 -0.05
C LYS A 659 31.40 5.45 0.18
N ALA A 660 31.08 4.16 0.15
CA ALA A 660 32.11 3.14 0.32
C ALA A 660 33.16 3.23 -0.78
N ILE A 661 32.71 3.42 -2.02
CA ILE A 661 33.65 3.55 -3.13
C ILE A 661 34.52 4.79 -2.95
N SER A 662 33.90 5.91 -2.56
CA SER A 662 34.65 7.14 -2.35
C SER A 662 35.69 6.97 -1.24
N VAL A 663 35.31 6.28 -0.16
CA VAL A 663 36.23 6.05 0.96
C VAL A 663 37.39 5.18 0.50
N LEU A 664 37.11 4.12 -0.25
CA LEU A 664 38.17 3.25 -0.74
C LEU A 664 39.12 4.01 -1.66
N GLU A 665 38.59 4.94 -2.46
CA GLU A 665 39.47 5.76 -3.29
C GLU A 665 40.31 6.69 -2.43
N MET A 666 39.70 7.31 -1.41
CA MET A 666 40.42 8.26 -0.57
C MET A 666 41.44 7.61 0.35
N GLU A 667 41.30 6.31 0.63
CA GLU A 667 42.32 5.62 1.42
C GLU A 667 43.66 5.61 0.69
N ASN A 668 43.64 5.37 -0.61
CA ASN A 668 44.83 5.61 -1.42
C ASN A 668 45.14 7.09 -1.47
N GLY A 669 46.35 7.42 -1.88
CA GLY A 669 46.73 8.81 -1.97
C GLY A 669 46.40 9.40 -3.32
N TYR A 670 47.40 9.84 -4.06
CA TYR A 670 47.19 10.33 -5.41
C TYR A 670 48.18 9.64 -6.34
N TRP A 671 48.19 10.04 -7.62
CA TRP A 671 49.13 9.48 -8.58
C TRP A 671 50.54 9.99 -8.35
N TRP A 672 50.72 10.97 -7.47
CA TRP A 672 52.03 11.51 -7.13
C TRP A 672 52.45 11.27 -5.68
N CYS A 673 51.52 10.96 -4.78
CA CYS A 673 51.84 10.75 -3.38
C CYS A 673 50.85 9.77 -2.78
N ARG A 674 51.34 8.67 -2.24
CA ARG A 674 50.50 7.65 -1.64
C ARG A 674 50.32 7.90 -0.15
N ARG A 675 49.07 7.86 0.30
CA ARG A 675 48.77 8.09 1.70
C ARG A 675 49.28 6.93 2.56
N LYS A 676 49.65 7.24 3.80
CA LYS A 676 50.07 6.23 4.76
C LYS A 676 48.84 5.42 5.18
N ARG A 677 48.97 4.10 5.14
CA ARG A 677 47.82 3.25 5.40
C ARG A 677 47.59 3.10 6.90
N HIS A 678 46.33 3.03 7.30
CA HIS A 678 45.94 3.04 8.71
C HIS A 678 45.18 1.76 9.03
N ARG A 679 45.61 1.07 10.09
CA ARG A 679 44.90 -0.12 10.57
C ARG A 679 43.55 0.27 11.16
N ALA A 680 42.54 -0.54 10.88
CA ALA A 680 41.22 -0.40 11.47
C ALA A 680 41.01 -1.50 12.50
N GLY A 681 40.54 -1.12 13.68
CA GLY A 681 40.32 -2.13 14.71
C GLY A 681 41.54 -2.22 15.62
N ARG A 682 41.31 -2.71 16.83
CA ARG A 682 42.34 -2.85 17.84
C ARG A 682 42.71 -4.32 18.01
N LEU A 683 43.89 -4.57 18.55
CA LEU A 683 44.24 -5.93 18.94
C LEU A 683 43.71 -6.23 20.33
N LEU A 684 42.93 -7.31 20.45
CA LEU A 684 42.23 -7.62 21.69
C LEU A 684 42.67 -8.99 22.20
N LYS A 685 42.08 -9.38 23.32
CA LYS A 685 42.29 -10.71 23.90
C LYS A 685 41.11 -11.61 23.54
N VAL A 686 41.27 -12.33 22.43
CA VAL A 686 40.18 -13.15 21.92
C VAL A 686 40.08 -14.46 22.70
N GLY A 687 41.18 -15.19 22.80
CA GLY A 687 41.17 -16.47 23.49
C GLY A 687 42.45 -17.24 23.24
N THR A 688 42.36 -18.55 23.41
CA THR A 688 43.50 -19.45 23.30
C THR A 688 43.27 -20.46 22.18
N LYS A 689 44.29 -20.67 21.36
CA LYS A 689 44.22 -21.63 20.27
C LYS A 689 44.33 -23.05 20.80
N GLY A 690 44.02 -24.01 19.93
CA GLY A 690 44.07 -25.41 20.30
C GLY A 690 45.36 -26.10 19.91
N ASP A 691 46.35 -25.31 19.47
CA ASP A 691 47.66 -25.85 19.10
C ASP A 691 48.73 -25.36 20.07
N GLY A 692 48.82 -24.05 20.24
CA GLY A 692 49.80 -23.46 21.13
C GLY A 692 49.18 -22.78 22.34
N ILE A 693 49.23 -21.44 22.35
CA ILE A 693 48.82 -20.62 23.50
C ILE A 693 47.95 -19.45 23.00
N PRO A 694 48.19 -18.14 23.15
CA PRO A 694 47.15 -17.23 22.63
C PRO A 694 47.18 -17.08 21.12
N ASP A 695 46.00 -16.87 20.54
CA ASP A 695 45.83 -16.62 19.11
C ASP A 695 45.00 -15.34 18.95
N GLU A 696 45.69 -14.21 18.90
CA GLU A 696 45.02 -12.92 18.97
C GLU A 696 44.94 -12.28 17.58
N ARG A 697 43.81 -11.61 17.34
CA ARG A 697 43.46 -11.10 16.03
C ARG A 697 42.93 -9.68 16.16
N TRP A 698 43.03 -8.93 15.06
CA TRP A 698 42.52 -7.57 15.02
C TRP A 698 41.00 -7.58 14.94
N CYS A 699 40.35 -6.87 15.85
CA CYS A 699 38.91 -6.86 15.95
C CYS A 699 38.37 -5.44 15.92
N PHE A 700 37.09 -5.33 15.60
CA PHE A 700 36.37 -4.06 15.56
C PHE A 700 35.30 -4.10 16.63
N ARG A 701 35.29 -3.08 17.50
CA ARG A 701 34.39 -3.07 18.64
C ARG A 701 33.14 -2.24 18.34
N VAL A 702 31.99 -2.79 18.71
CA VAL A 702 30.74 -2.04 18.62
C VAL A 702 29.89 -2.27 19.87
N GLU A 703 29.38 -1.20 20.46
CA GLU A 703 28.50 -1.32 21.60
C GLU A 703 27.05 -1.32 21.16
N GLU A 704 26.22 -2.05 21.90
CA GLU A 704 24.79 -2.01 21.64
C GLU A 704 24.04 -2.16 22.96
N VAL A 705 23.16 -1.21 23.25
CA VAL A 705 22.26 -1.31 24.40
C VAL A 705 21.04 -2.08 23.90
N ASN A 706 21.03 -3.38 24.14
CA ASN A 706 19.97 -4.26 23.67
C ASN A 706 19.39 -5.02 24.85
N TRP A 707 18.09 -4.87 25.08
CA TRP A 707 17.41 -5.58 26.15
C TRP A 707 16.96 -6.97 25.73
N ALA A 708 16.72 -7.19 24.44
CA ALA A 708 16.20 -8.44 23.89
C ALA A 708 17.13 -9.62 24.19
N ALA A 709 18.42 -9.49 23.86
CA ALA A 709 19.38 -10.51 24.23
C ALA A 709 19.56 -10.56 25.74
N TRP A 710 19.13 -9.49 26.44
CA TRP A 710 19.41 -9.40 27.87
C TRP A 710 18.43 -10.20 28.71
N GLU A 711 17.14 -10.24 28.34
CA GLU A 711 16.23 -11.00 29.21
C GLU A 711 16.42 -12.51 29.03
N LYS A 712 17.07 -12.91 27.94
CA LYS A 712 17.19 -14.32 27.59
C LYS A 712 18.50 -14.91 28.12
N THR A 713 19.00 -14.29 29.20
CA THR A 713 20.18 -14.85 29.88
C THR A 713 19.98 -14.94 31.38
N LEU A 714 18.75 -14.83 31.89
CA LEU A 714 18.50 -14.90 33.32
C LEU A 714 18.37 -16.34 33.79
N PRO B 67 54.76 -19.10 54.10
CA PRO B 67 53.31 -19.17 54.29
C PRO B 67 52.76 -17.96 55.02
N ASN B 68 53.53 -17.43 55.97
CA ASN B 68 53.10 -16.25 56.72
C ASN B 68 52.99 -15.04 55.80
N ARG B 69 53.96 -14.84 54.93
CA ARG B 69 54.02 -13.67 54.07
C ARG B 69 53.24 -13.94 52.78
N PHE B 70 52.15 -13.19 52.58
CA PHE B 70 51.32 -13.32 51.40
C PHE B 70 51.27 -11.98 50.67
N ASP B 71 51.57 -11.99 49.38
CA ASP B 71 51.49 -10.78 48.58
C ASP B 71 50.08 -10.61 48.01
N ARG B 72 49.87 -9.48 47.32
CA ARG B 72 48.56 -9.19 46.74
C ARG B 72 48.16 -10.24 45.71
N ASP B 73 49.06 -10.54 44.77
CA ASP B 73 48.75 -11.48 43.71
C ASP B 73 48.47 -12.87 44.25
N ARG B 74 49.17 -13.26 45.32
CA ARG B 74 48.92 -14.56 45.93
C ARG B 74 47.49 -14.65 46.45
N LEU B 75 47.04 -13.61 47.16
CA LEU B 75 45.67 -13.60 47.66
C LEU B 75 44.66 -13.58 46.52
N PHE B 76 44.94 -12.80 45.48
CA PHE B 76 44.02 -12.76 44.34
C PHE B 76 43.90 -14.14 43.69
N SER B 77 45.03 -14.82 43.50
CA SER B 77 45.01 -16.15 42.91
C SER B 77 44.27 -17.14 43.80
N VAL B 78 44.48 -17.06 45.12
CA VAL B 78 43.81 -17.97 46.03
C VAL B 78 42.30 -17.77 46.00
N VAL B 79 41.86 -16.51 46.04
CA VAL B 79 40.42 -16.24 46.06
C VAL B 79 39.80 -16.47 44.69
N SER B 80 40.59 -16.46 43.62
CA SER B 80 40.06 -16.80 42.30
C SER B 80 39.62 -18.26 42.24
N ARG B 81 40.35 -19.16 42.90
CA ARG B 81 39.97 -20.57 42.95
C ARG B 81 38.92 -20.85 44.01
N GLY B 82 38.66 -19.91 44.91
CA GLY B 82 37.66 -20.09 45.94
C GLY B 82 37.96 -21.19 46.93
N VAL B 83 39.19 -21.27 47.43
CA VAL B 83 39.58 -22.31 48.36
C VAL B 83 39.79 -21.71 49.76
N PRO B 84 38.86 -21.95 50.69
CA PRO B 84 39.08 -21.46 52.07
C PRO B 84 40.26 -22.11 52.75
N GLU B 85 40.58 -23.37 52.42
CA GLU B 85 41.64 -24.11 53.11
C GLU B 85 43.01 -23.45 52.96
N GLU B 86 43.19 -22.59 51.96
CA GLU B 86 44.45 -21.91 51.73
C GLU B 86 44.48 -20.51 52.32
N LEU B 87 43.53 -20.20 53.22
CA LEU B 87 43.47 -18.90 53.85
C LEU B 87 43.89 -18.92 55.32
N THR B 88 44.44 -20.01 55.81
CA THR B 88 44.87 -20.10 57.21
C THR B 88 46.32 -19.62 57.32
N GLY B 89 46.57 -18.45 56.73
CA GLY B 89 47.85 -17.80 56.82
C GLY B 89 47.73 -16.29 56.87
N LEU B 90 46.50 -15.79 56.88
CA LEU B 90 46.29 -14.35 56.75
C LEU B 90 46.23 -13.66 58.11
N LEU B 91 45.65 -14.32 59.11
CA LEU B 91 45.53 -13.70 60.43
C LEU B 91 46.90 -13.43 61.04
N GLU B 92 47.82 -14.38 60.89
CA GLU B 92 49.19 -14.19 61.38
C GLU B 92 49.87 -13.07 60.61
N TYR B 93 49.63 -12.99 59.29
CA TYR B 93 50.20 -11.93 58.48
C TYR B 93 49.72 -10.55 58.96
N LEU B 94 48.43 -10.46 59.31
CA LEU B 94 47.91 -9.21 59.84
C LEU B 94 48.51 -8.88 61.20
N ARG B 95 48.56 -9.87 62.09
CA ARG B 95 48.96 -9.60 63.48
C ARG B 95 50.46 -9.51 63.68
N ARG B 96 51.28 -9.89 62.70
CA ARG B 96 52.72 -9.81 62.85
C ARG B 96 53.28 -8.43 62.53
N THR B 97 52.91 -7.86 61.38
CA THR B 97 53.41 -6.57 60.95
C THR B 97 52.54 -5.41 61.43
N SER B 98 51.46 -5.70 62.16
CA SER B 98 50.56 -4.69 62.70
C SER B 98 49.99 -3.80 61.59
N LYS B 99 49.69 -4.43 60.46
CA LYS B 99 49.04 -3.74 59.35
C LYS B 99 47.55 -4.05 59.35
N TYR B 100 46.82 -3.45 58.42
CA TYR B 100 45.40 -3.71 58.27
C TYR B 100 45.15 -4.26 56.88
N LEU B 101 44.19 -5.19 56.79
CA LEU B 101 43.87 -5.81 55.52
C LEU B 101 43.16 -4.83 54.57
N THR B 102 42.72 -3.68 55.10
CA THR B 102 42.09 -2.63 54.32
C THR B 102 43.10 -1.57 53.85
N ASP B 103 44.37 -1.76 54.14
CA ASP B 103 45.40 -0.77 53.85
C ASP B 103 45.77 -0.84 52.37
N SER B 104 46.84 -0.15 51.98
CA SER B 104 47.29 -0.07 50.59
C SER B 104 48.30 -1.15 50.27
N ALA B 105 48.26 -2.28 50.98
CA ALA B 105 49.12 -3.42 50.67
C ALA B 105 48.31 -4.65 50.29
N TYR B 106 47.05 -4.49 49.89
CA TYR B 106 46.19 -5.63 49.58
C TYR B 106 45.42 -5.47 48.29
N THR B 107 45.37 -4.29 47.68
CA THR B 107 44.54 -4.01 46.53
C THR B 107 45.36 -3.34 45.43
N GLU B 108 44.88 -3.48 44.20
CA GLU B 108 45.55 -2.87 43.06
C GLU B 108 45.45 -1.34 43.14
N GLY B 109 46.56 -0.67 42.86
CA GLY B 109 46.57 0.79 42.93
C GLY B 109 45.74 1.46 41.86
N SER B 110 45.80 0.95 40.63
CA SER B 110 45.09 1.58 39.51
C SER B 110 43.59 1.56 39.70
N THR B 111 43.00 0.36 39.75
CA THR B 111 41.55 0.22 39.85
C THR B 111 41.09 0.35 41.30
N GLY B 112 41.58 -0.52 42.16
CA GLY B 112 41.14 -0.54 43.54
C GLY B 112 40.43 -1.83 43.92
N LYS B 113 40.40 -2.78 42.98
CA LYS B 113 39.77 -4.08 43.22
C LYS B 113 40.44 -4.80 44.38
N THR B 114 39.67 -5.08 45.43
CA THR B 114 40.19 -5.74 46.61
C THR B 114 40.05 -7.26 46.48
N CYS B 115 40.48 -7.98 47.52
CA CYS B 115 40.37 -9.43 47.51
C CYS B 115 38.91 -9.87 47.53
N LEU B 116 38.07 -9.16 48.30
CA LEU B 116 36.65 -9.48 48.35
C LEU B 116 36.02 -9.37 46.95
N MET B 117 36.24 -8.25 46.28
CA MET B 117 35.67 -8.06 44.95
C MET B 117 36.22 -9.10 43.98
N LYS B 118 37.52 -9.37 44.04
CA LYS B 118 38.11 -10.38 43.18
C LYS B 118 37.45 -11.73 43.38
N ALA B 119 37.11 -12.06 44.63
CA ALA B 119 36.36 -13.27 44.89
C ALA B 119 34.96 -13.21 44.30
N VAL B 120 34.31 -12.05 44.39
CA VAL B 120 32.92 -11.94 43.94
C VAL B 120 32.83 -11.96 42.42
N LEU B 121 33.90 -11.56 41.73
CA LEU B 121 33.89 -11.56 40.27
C LEU B 121 33.74 -12.96 39.66
N ASN B 122 33.99 -14.00 40.43
CA ASN B 122 33.92 -15.35 39.90
C ASN B 122 33.28 -16.30 40.90
N LEU B 123 32.18 -16.93 40.49
CA LEU B 123 31.50 -17.96 41.26
C LEU B 123 31.27 -19.16 40.36
N GLN B 124 31.77 -20.32 40.76
CA GLN B 124 31.73 -21.49 39.88
C GLN B 124 30.29 -21.95 39.61
N ASP B 125 29.46 -21.96 40.65
CA ASP B 125 28.06 -22.36 40.53
C ASP B 125 27.22 -21.41 41.38
N GLY B 126 27.54 -20.12 41.30
CA GLY B 126 26.90 -19.16 42.19
C GLY B 126 27.21 -19.42 43.64
N VAL B 127 28.43 -19.87 43.93
CA VAL B 127 28.82 -20.22 45.30
C VAL B 127 30.33 -20.05 45.43
N ASN B 128 30.75 -19.55 46.60
CA ASN B 128 32.15 -19.52 46.98
C ASN B 128 32.24 -19.71 48.49
N ALA B 129 32.89 -20.78 48.91
CA ALA B 129 33.13 -21.04 50.32
C ALA B 129 34.28 -20.23 50.88
N CYS B 130 34.83 -19.29 50.10
CA CYS B 130 35.96 -18.49 50.53
C CYS B 130 35.60 -17.05 50.87
N ILE B 131 34.40 -16.60 50.49
CA ILE B 131 34.02 -15.21 50.74
C ILE B 131 33.87 -14.96 52.24
N LEU B 132 33.13 -15.83 52.93
CA LEU B 132 32.88 -15.62 54.36
C LEU B 132 34.11 -15.87 55.24
N PRO B 133 35.05 -16.77 54.91
CA PRO B 133 36.30 -16.80 55.68
C PRO B 133 37.05 -15.47 55.64
N LEU B 134 37.06 -14.80 54.48
CA LEU B 134 37.73 -13.51 54.39
C LEU B 134 37.09 -12.48 55.31
N LEU B 135 35.76 -12.45 55.35
CA LEU B 135 35.08 -11.50 56.23
C LEU B 135 35.30 -11.86 57.70
N GLN B 136 35.27 -13.15 58.04
CA GLN B 136 35.39 -13.52 59.44
C GLN B 136 36.83 -13.38 59.93
N ILE B 137 37.82 -13.36 59.03
CA ILE B 137 39.16 -12.98 59.44
C ILE B 137 39.37 -11.48 59.32
N ASP B 138 38.45 -10.76 58.66
CA ASP B 138 38.53 -9.32 58.56
C ASP B 138 37.68 -8.59 59.59
N ARG B 139 36.66 -9.24 60.16
CA ARG B 139 35.80 -8.62 61.15
C ARG B 139 36.38 -8.66 62.55
N ASP B 140 37.49 -9.36 62.77
CA ASP B 140 38.13 -9.40 64.07
C ASP B 140 39.35 -8.49 64.18
N SER B 141 39.85 -7.98 63.06
CA SER B 141 41.00 -7.09 63.04
C SER B 141 40.82 -5.89 62.12
N GLY B 142 39.67 -5.74 61.47
CA GLY B 142 39.51 -4.66 60.52
C GLY B 142 39.45 -3.31 61.19
N ASN B 143 39.76 -2.28 60.40
CA ASN B 143 39.69 -0.88 60.80
C ASN B 143 38.23 -0.49 60.55
N PRO B 144 37.76 0.74 60.82
CA PRO B 144 36.31 0.97 60.72
C PRO B 144 35.74 0.72 59.33
N GLN B 145 36.59 0.66 58.30
CA GLN B 145 36.16 0.17 56.99
C GLN B 145 36.47 -1.32 56.91
N PRO B 146 35.46 -2.19 56.78
CA PRO B 146 35.69 -3.62 56.65
C PRO B 146 35.84 -4.12 55.23
N LEU B 147 36.13 -3.22 54.29
CA LEU B 147 36.24 -3.53 52.86
C LEU B 147 34.93 -4.10 52.32
N VAL B 148 33.82 -3.67 52.92
CA VAL B 148 32.50 -3.93 52.38
C VAL B 148 31.92 -2.60 51.93
N ASN B 149 32.28 -1.54 52.65
CA ASN B 149 31.91 -0.18 52.28
C ASN B 149 33.02 0.55 51.53
N ALA B 150 34.15 -0.11 51.28
CA ALA B 150 35.26 0.46 50.54
C ALA B 150 35.12 0.17 49.06
N GLN B 151 35.40 1.17 48.23
CA GLN B 151 35.18 1.06 46.79
C GLN B 151 36.41 1.46 46.00
N CYS B 152 36.29 1.50 44.68
CA CYS B 152 37.40 1.85 43.81
C CYS B 152 37.64 3.36 43.83
N THR B 153 38.89 3.75 43.58
CA THR B 153 39.27 5.14 43.55
C THR B 153 39.53 5.68 42.15
N ASP B 154 39.58 4.82 41.14
CA ASP B 154 39.81 5.26 39.77
C ASP B 154 38.64 6.11 39.27
N GLU B 155 38.93 7.01 38.33
CA GLU B 155 37.90 7.92 37.82
C GLU B 155 36.79 7.15 37.11
N PHE B 156 37.13 6.06 36.43
CA PHE B 156 36.12 5.30 35.69
C PHE B 156 35.11 4.67 36.64
N TYR B 157 35.58 4.11 37.75
CA TYR B 157 34.74 3.38 38.69
C TYR B 157 34.80 4.01 40.08
N ARG B 158 34.71 5.33 40.16
CA ARG B 158 34.78 6.02 41.44
C ARG B 158 33.51 5.84 42.24
N GLY B 159 33.47 4.82 43.10
CA GLY B 159 32.30 4.58 43.92
C GLY B 159 31.81 3.15 43.84
N HIS B 160 32.26 2.42 42.83
CA HIS B 160 31.83 1.04 42.61
C HIS B 160 32.39 0.12 43.70
N SER B 161 31.52 -0.37 44.58
CA SER B 161 31.96 -1.19 45.69
C SER B 161 31.66 -2.67 45.41
N ALA B 162 31.91 -3.50 46.42
CA ALA B 162 31.69 -4.94 46.28
C ALA B 162 30.20 -5.27 46.18
N LEU B 163 29.36 -4.49 46.85
CA LEU B 163 27.92 -4.75 46.84
C LEU B 163 27.35 -4.60 45.44
N HIS B 164 27.78 -3.58 44.71
CA HIS B 164 27.29 -3.38 43.35
C HIS B 164 27.63 -4.58 42.48
N ILE B 165 28.84 -5.13 42.64
CA ILE B 165 29.21 -6.35 41.93
C ILE B 165 28.29 -7.49 42.37
N ALA B 166 28.03 -7.59 43.67
CA ALA B 166 27.24 -8.70 44.20
C ALA B 166 25.84 -8.74 43.59
N ILE B 167 25.18 -7.59 43.51
CA ILE B 167 23.90 -7.56 42.79
C ILE B 167 24.10 -7.79 41.30
N GLU B 168 25.09 -7.15 40.68
CA GLU B 168 25.19 -7.21 39.22
C GLU B 168 25.54 -8.61 38.72
N LYS B 169 26.22 -9.42 39.52
CA LYS B 169 26.43 -10.83 39.21
C LYS B 169 25.15 -11.66 39.31
N ARG B 170 24.07 -11.08 39.83
CA ARG B 170 22.78 -11.76 40.00
C ARG B 170 22.92 -12.95 40.95
N SER B 171 23.41 -12.66 42.15
CA SER B 171 23.59 -13.66 43.21
C SER B 171 23.05 -13.09 44.51
N LEU B 172 21.91 -13.62 44.96
CA LEU B 172 21.26 -13.09 46.15
C LEU B 172 22.01 -13.47 47.42
N TRP B 173 22.67 -14.63 47.42
CA TRP B 173 23.28 -15.16 48.64
C TRP B 173 24.43 -14.27 49.10
N CYS B 174 25.30 -13.87 48.15
CA CYS B 174 26.43 -13.02 48.50
C CYS B 174 25.96 -11.63 48.90
N VAL B 175 24.87 -11.15 48.29
CA VAL B 175 24.27 -9.89 48.71
C VAL B 175 23.82 -10.00 50.17
N LYS B 176 23.17 -11.10 50.51
CA LYS B 176 22.81 -11.35 51.91
C LYS B 176 24.05 -11.27 52.79
N LEU B 177 25.03 -12.16 52.54
CA LEU B 177 26.21 -12.23 53.40
C LEU B 177 26.86 -10.86 53.54
N LEU B 178 26.83 -10.06 52.48
CA LEU B 178 27.36 -8.71 52.56
C LEU B 178 26.50 -7.83 53.45
N VAL B 179 25.18 -8.08 53.49
CA VAL B 179 24.34 -7.13 54.22
C VAL B 179 24.21 -7.46 55.71
N GLU B 180 24.26 -8.73 56.14
CA GLU B 180 24.17 -8.86 57.60
C GLU B 180 25.45 -8.44 58.30
N ASN B 181 26.60 -8.57 57.64
CA ASN B 181 27.87 -8.17 58.23
C ASN B 181 28.15 -6.67 58.08
N GLY B 182 27.14 -5.90 57.67
CA GLY B 182 27.32 -4.47 57.47
C GLY B 182 27.66 -4.12 56.04
N ALA B 183 26.81 -3.32 55.39
CA ALA B 183 27.09 -2.87 54.04
C ALA B 183 26.26 -1.60 53.81
N ASN B 184 26.95 -0.47 53.64
CA ASN B 184 26.25 0.80 53.46
C ASN B 184 25.52 0.79 52.12
N VAL B 185 24.20 0.66 52.17
CA VAL B 185 23.36 0.50 50.99
C VAL B 185 23.36 1.81 50.20
N HIS B 186 23.75 2.90 50.86
CA HIS B 186 23.69 4.23 50.26
C HIS B 186 25.03 4.64 49.69
N ILE B 187 25.77 3.68 49.14
CA ILE B 187 27.06 3.93 48.50
C ILE B 187 26.78 4.31 47.06
N ARG B 188 27.20 5.51 46.66
CA ARG B 188 27.00 5.97 45.30
C ARG B 188 28.21 5.67 44.44
N ALA B 189 27.97 5.07 43.27
CA ALA B 189 29.04 4.76 42.32
C ALA B 189 29.16 5.88 41.28
N CYS B 190 29.64 7.03 41.75
CA CYS B 190 29.77 8.22 40.92
C CYS B 190 31.05 8.12 40.08
N GLY B 191 31.05 7.15 39.17
CA GLY B 191 32.16 6.94 38.27
C GLY B 191 31.76 7.27 36.83
N ARG B 192 32.78 7.57 36.02
CA ARG B 192 32.57 8.03 34.65
C ARG B 192 31.73 7.06 33.81
N PHE B 193 31.81 5.76 34.08
CA PHE B 193 31.00 4.77 33.39
C PHE B 193 29.53 4.81 33.81
N PHE B 194 29.25 5.23 35.05
CA PHE B 194 27.91 5.16 35.60
C PHE B 194 27.14 6.47 35.49
N GLN B 195 27.71 7.50 34.87
CA GLN B 195 26.97 8.73 34.63
C GLN B 195 26.32 8.69 33.25
N LYS B 196 25.51 9.71 32.98
CA LYS B 196 24.79 9.83 31.71
C LYS B 196 25.61 10.70 30.76
N HIS B 197 26.24 10.06 29.78
CA HIS B 197 27.02 10.77 28.78
C HIS B 197 26.90 10.01 27.46
N GLN B 198 27.76 10.37 26.51
CA GLN B 198 27.80 9.68 25.23
C GLN B 198 29.06 8.82 25.13
N GLY B 199 28.88 7.54 24.79
CA GLY B 199 29.97 6.60 24.67
C GLY B 199 29.77 5.41 25.59
N THR B 200 30.81 5.09 26.36
CA THR B 200 30.80 3.95 27.27
C THR B 200 30.12 4.38 28.56
N CYS B 201 28.82 4.09 28.67
CA CYS B 201 28.07 4.52 29.84
C CYS B 201 26.87 3.61 30.04
N PHE B 202 26.41 3.55 31.28
CA PHE B 202 25.12 2.94 31.61
C PHE B 202 24.65 3.54 32.93
N TYR B 203 23.69 4.44 32.87
CA TYR B 203 23.18 5.12 34.05
C TYR B 203 22.02 4.32 34.64
N PHE B 204 22.15 3.93 35.91
CA PHE B 204 21.11 3.20 36.61
C PHE B 204 20.72 3.83 37.95
N GLY B 205 21.19 5.05 38.24
CA GLY B 205 20.91 5.70 39.50
C GLY B 205 22.01 5.62 40.52
N GLU B 206 23.14 4.99 40.18
CA GLU B 206 24.31 4.81 41.06
C GLU B 206 23.89 4.53 42.51
N LEU B 207 22.98 3.56 42.65
CA LEU B 207 22.52 3.11 43.95
C LEU B 207 22.21 1.63 43.85
N PRO B 208 22.61 0.83 44.85
CA PRO B 208 22.34 -0.62 44.78
C PRO B 208 20.87 -0.97 44.62
N LEU B 209 19.98 -0.24 45.29
CA LEU B 209 18.55 -0.48 45.14
C LEU B 209 18.10 -0.16 43.72
N SER B 210 18.51 1.00 43.20
CA SER B 210 18.17 1.36 41.83
C SER B 210 18.84 0.42 40.83
N LEU B 211 20.07 0.00 41.12
CA LEU B 211 20.76 -0.95 40.26
C LEU B 211 20.00 -2.26 40.17
N ALA B 212 19.54 -2.77 41.31
CA ALA B 212 18.76 -4.01 41.31
C ALA B 212 17.42 -3.82 40.61
N ALA B 213 16.78 -2.68 40.81
CA ALA B 213 15.48 -2.42 40.18
C ALA B 213 15.61 -2.35 38.66
N CYS B 214 16.67 -1.70 38.17
CA CYS B 214 16.85 -1.51 36.73
C CYS B 214 17.19 -2.79 35.98
N THR B 215 17.53 -3.86 36.70
CA THR B 215 17.96 -5.12 36.08
C THR B 215 16.91 -6.21 36.21
N LYS B 216 15.65 -5.84 36.43
CA LYS B 216 14.53 -6.78 36.52
C LYS B 216 14.80 -7.85 37.57
N GLN B 217 15.48 -7.45 38.65
CA GLN B 217 15.81 -8.36 39.74
C GLN B 217 14.79 -8.15 40.86
N TRP B 218 13.57 -8.66 40.64
CA TRP B 218 12.53 -8.55 41.67
C TRP B 218 12.61 -9.69 42.67
N ASP B 219 13.81 -9.95 43.19
CA ASP B 219 14.03 -10.88 44.28
C ASP B 219 14.93 -10.24 45.33
N VAL B 220 15.88 -9.44 44.87
CA VAL B 220 16.80 -8.75 45.76
C VAL B 220 16.32 -7.34 46.12
N VAL B 221 15.56 -6.70 45.22
CA VAL B 221 14.97 -5.41 45.54
C VAL B 221 14.10 -5.52 46.78
N THR B 222 13.29 -6.58 46.85
CA THR B 222 12.52 -6.83 48.06
C THR B 222 13.43 -7.04 49.26
N TYR B 223 14.46 -7.89 49.11
CA TYR B 223 15.30 -8.22 50.26
C TYR B 223 15.98 -6.99 50.85
N LEU B 224 16.26 -5.99 50.02
CA LEU B 224 16.86 -4.76 50.54
C LEU B 224 15.87 -3.98 51.41
N LEU B 225 14.58 -4.31 51.35
CA LEU B 225 13.56 -3.51 52.01
C LEU B 225 13.06 -4.11 53.33
N GLU B 226 13.32 -5.40 53.60
CA GLU B 226 13.05 -5.96 54.92
C GLU B 226 14.22 -6.68 55.56
N ASN B 227 15.46 -6.39 55.16
CA ASN B 227 16.60 -6.90 55.89
C ASN B 227 16.60 -6.31 57.30
N PRO B 228 16.58 -7.15 58.35
CA PRO B 228 16.41 -6.61 59.71
C PRO B 228 17.56 -5.75 60.19
N HIS B 229 18.76 -5.93 59.64
CA HIS B 229 19.92 -5.22 60.14
C HIS B 229 19.91 -3.76 59.72
N GLN B 230 19.91 -3.48 58.42
CA GLN B 230 19.91 -2.12 57.91
C GLN B 230 18.97 -2.02 56.71
N PRO B 231 17.77 -1.49 56.91
CA PRO B 231 16.83 -1.34 55.78
C PRO B 231 17.34 -0.31 54.78
N ALA B 232 16.95 -0.49 53.52
CA ALA B 232 17.32 0.42 52.45
C ALA B 232 16.21 1.44 52.24
N SER B 233 16.56 2.72 52.38
CA SER B 233 15.58 3.78 52.17
C SER B 233 15.17 3.84 50.71
N LEU B 234 13.86 4.01 50.48
CA LEU B 234 13.32 4.07 49.13
C LEU B 234 13.22 5.49 48.58
N GLU B 235 13.23 6.50 49.44
CA GLU B 235 13.22 7.89 49.03
C GLU B 235 14.63 8.46 49.00
N ALA B 236 15.63 7.59 48.90
CA ALA B 236 17.03 7.98 48.85
C ALA B 236 17.39 8.41 47.44
N THR B 237 18.15 9.50 47.34
CA THR B 237 18.52 10.10 46.06
C THR B 237 20.02 10.03 45.85
N ASP B 238 20.42 10.05 44.58
CA ASP B 238 21.83 9.98 44.20
C ASP B 238 22.39 11.39 44.10
N SER B 239 23.61 11.52 43.57
CA SER B 239 24.26 12.82 43.44
C SER B 239 23.62 13.71 42.40
N LEU B 240 22.83 13.14 41.49
CA LEU B 240 22.15 13.91 40.45
C LEU B 240 20.76 14.36 40.87
N GLY B 241 20.38 14.12 42.12
CA GLY B 241 19.05 14.44 42.56
C GLY B 241 17.98 13.49 42.07
N ASN B 242 18.40 12.30 41.64
CA ASN B 242 17.49 11.31 41.07
C ASN B 242 17.25 10.20 42.08
N THR B 243 15.98 9.85 42.27
CA THR B 243 15.60 8.74 43.12
C THR B 243 15.48 7.48 42.26
N VAL B 244 14.99 6.40 42.87
CA VAL B 244 14.85 5.14 42.14
C VAL B 244 13.87 5.28 40.99
N LEU B 245 12.78 6.03 41.20
CA LEU B 245 11.79 6.21 40.15
C LEU B 245 12.37 7.01 38.97
N HIS B 246 13.16 8.04 39.27
CA HIS B 246 13.85 8.78 38.23
C HIS B 246 14.83 7.89 37.48
N ALA B 247 15.56 7.03 38.20
CA ALA B 247 16.47 6.10 37.53
C ALA B 247 15.70 5.17 36.60
N LEU B 248 14.52 4.71 37.04
CA LEU B 248 13.69 3.86 36.20
C LEU B 248 13.24 4.58 34.94
N VAL B 249 12.84 5.86 35.07
CA VAL B 249 12.31 6.56 33.92
C VAL B 249 13.45 6.97 32.97
N MET B 250 14.67 7.09 33.50
CA MET B 250 15.83 7.31 32.62
C MET B 250 16.05 6.16 31.66
N ILE B 251 15.94 4.93 32.14
CA ILE B 251 16.38 3.76 31.36
C ILE B 251 15.29 3.29 30.42
N ALA B 252 14.20 4.05 30.33
CA ALA B 252 13.06 3.68 29.50
C ALA B 252 13.31 4.08 28.06
N ASP B 253 13.25 3.12 27.15
CA ASP B 253 13.26 3.38 25.72
C ASP B 253 11.88 3.09 25.13
N ASN B 254 11.65 3.62 23.94
CA ASN B 254 10.36 3.44 23.27
C ASN B 254 10.32 2.10 22.53
N SER B 255 10.60 1.03 23.26
CA SER B 255 10.61 -0.33 22.75
C SER B 255 9.57 -1.17 23.49
N PRO B 256 8.89 -2.08 22.78
CA PRO B 256 7.84 -2.89 23.42
C PRO B 256 8.36 -3.76 24.55
N GLU B 257 9.61 -4.19 24.45
CA GLU B 257 10.17 -5.10 25.45
C GLU B 257 10.74 -4.36 26.66
N ASN B 258 11.18 -3.12 26.47
CA ASN B 258 11.70 -2.33 27.59
C ASN B 258 10.59 -1.57 28.30
N SER B 259 9.58 -1.11 27.54
CA SER B 259 8.48 -0.36 28.14
C SER B 259 7.71 -1.23 29.13
N ALA B 260 7.47 -2.49 28.79
CA ALA B 260 6.76 -3.40 29.69
C ALA B 260 7.56 -3.62 30.97
N LEU B 261 8.87 -3.82 30.83
CA LEU B 261 9.74 -3.99 32.00
C LEU B 261 9.68 -2.77 32.91
N VAL B 262 9.84 -1.58 32.32
CA VAL B 262 9.87 -0.36 33.11
C VAL B 262 8.52 -0.14 33.79
N ILE B 263 7.42 -0.38 33.06
CA ILE B 263 6.09 -0.17 33.61
C ILE B 263 5.83 -1.13 34.76
N HIS B 264 6.17 -2.41 34.58
CA HIS B 264 5.93 -3.40 35.63
C HIS B 264 6.75 -3.09 36.87
N MET B 265 8.03 -2.74 36.68
CA MET B 265 8.86 -2.39 37.84
C MET B 265 8.35 -1.14 38.53
N TYR B 266 7.91 -0.15 37.75
CA TYR B 266 7.35 1.08 38.31
C TYR B 266 6.15 0.77 39.20
N ASP B 267 5.19 0.03 38.66
CA ASP B 267 3.97 -0.29 39.41
C ASP B 267 4.29 -1.13 40.65
N SER B 268 5.12 -2.17 40.48
CA SER B 268 5.43 -3.05 41.59
C SER B 268 6.16 -2.29 42.70
N LEU B 269 7.09 -1.40 42.33
CA LEU B 269 7.83 -0.66 43.35
C LEU B 269 6.95 0.38 44.02
N LEU B 270 5.99 0.95 43.29
CA LEU B 270 5.07 1.89 43.93
C LEU B 270 4.20 1.16 44.96
N GLN B 271 3.66 0.00 44.59
CA GLN B 271 2.89 -0.79 45.55
C GLN B 271 3.76 -1.23 46.71
N MET B 272 5.03 -1.55 46.45
CA MET B 272 5.96 -1.95 47.50
C MET B 272 6.18 -0.80 48.48
N GLY B 273 6.39 0.41 47.98
CA GLY B 273 6.62 1.55 48.85
C GLY B 273 5.36 2.00 49.57
N ALA B 274 4.19 1.60 49.06
CA ALA B 274 2.94 1.92 49.74
C ALA B 274 2.91 1.34 51.15
N ARG B 275 3.46 0.15 51.33
CA ARG B 275 3.34 -0.57 52.60
C ARG B 275 4.42 -0.21 53.61
N LEU B 276 5.53 0.38 53.18
CA LEU B 276 6.60 0.78 54.08
C LEU B 276 6.53 2.23 54.50
N CYS B 277 6.42 3.15 53.53
CA CYS B 277 6.37 4.59 53.79
C CYS B 277 5.05 5.15 53.27
N PRO B 278 4.00 5.15 54.09
CA PRO B 278 2.71 5.69 53.64
C PRO B 278 2.61 7.21 53.83
N THR B 279 3.36 7.75 54.79
CA THR B 279 3.28 9.17 55.08
C THR B 279 3.93 10.03 53.99
N VAL B 280 4.82 9.45 53.19
CA VAL B 280 5.48 10.18 52.11
C VAL B 280 5.11 9.54 50.78
N GLN B 281 4.86 10.38 49.79
CA GLN B 281 4.49 9.94 48.45
C GLN B 281 5.67 10.10 47.51
N LEU B 282 6.00 9.04 46.78
CA LEU B 282 7.19 9.02 45.94
C LEU B 282 7.01 9.78 44.63
N GLU B 283 5.76 9.98 44.19
CA GLU B 283 5.53 10.62 42.89
C GLU B 283 5.88 12.11 42.93
N ASP B 284 6.03 12.67 44.12
CA ASP B 284 6.32 14.09 44.24
C ASP B 284 7.69 14.34 44.85
N ILE B 285 8.69 13.57 44.44
CA ILE B 285 10.07 13.76 44.87
C ILE B 285 10.74 14.64 43.83
N CYS B 286 11.20 15.81 44.25
CA CYS B 286 11.74 16.79 43.32
C CYS B 286 13.17 16.46 42.93
N ASN B 287 13.47 16.59 41.64
CA ASN B 287 14.81 16.40 41.12
C ASN B 287 15.68 17.61 41.42
N HIS B 288 16.97 17.49 41.11
CA HIS B 288 17.87 18.64 41.20
C HIS B 288 17.47 19.71 40.18
N GLN B 289 16.95 19.30 39.04
CA GLN B 289 16.44 20.21 38.03
C GLN B 289 15.02 20.66 38.31
N GLY B 290 14.41 20.17 39.38
CA GLY B 290 13.05 20.57 39.72
C GLY B 290 11.96 19.73 39.10
N LEU B 291 12.27 18.51 38.66
CA LEU B 291 11.32 17.68 37.96
C LEU B 291 10.86 16.49 38.80
N THR B 292 9.71 15.96 38.44
CA THR B 292 9.13 14.76 39.04
C THR B 292 9.13 13.67 37.98
N PRO B 293 8.92 12.41 38.37
CA PRO B 293 8.95 11.32 37.37
C PRO B 293 8.03 11.54 36.18
N LEU B 294 6.84 12.08 36.41
CA LEU B 294 5.94 12.40 35.30
C LEU B 294 6.52 13.52 34.43
N LYS B 295 6.98 14.60 35.08
CA LYS B 295 7.58 15.70 34.34
C LYS B 295 8.88 15.26 33.66
N LEU B 296 9.66 14.42 34.34
CA LEU B 296 10.91 13.93 33.77
C LEU B 296 10.64 13.06 32.54
N ALA B 297 9.60 12.22 32.61
CA ALA B 297 9.20 11.46 31.43
C ALA B 297 8.73 12.38 30.31
N ALA B 298 8.00 13.44 30.65
CA ALA B 298 7.53 14.37 29.63
C ALA B 298 8.70 15.07 28.93
N LYS B 299 9.69 15.50 29.70
CA LYS B 299 10.84 16.23 29.12
C LYS B 299 11.76 15.32 28.31
N GLU B 300 12.02 14.10 28.79
CA GLU B 300 12.95 13.21 28.11
C GLU B 300 12.35 12.52 26.90
N GLY B 301 11.04 12.68 26.66
CA GLY B 301 10.41 12.13 25.48
C GLY B 301 9.98 10.69 25.57
N LYS B 302 10.19 10.02 26.70
CA LYS B 302 9.70 8.67 26.87
C LYS B 302 8.18 8.67 26.88
N ILE B 303 7.57 8.11 25.85
CA ILE B 303 6.14 8.26 25.62
C ILE B 303 5.36 7.12 26.25
N GLU B 304 5.94 5.92 26.26
CA GLU B 304 5.23 4.75 26.78
C GLU B 304 5.01 4.85 28.28
N ILE B 305 6.08 5.12 29.02
CA ILE B 305 5.96 5.26 30.48
C ILE B 305 5.13 6.49 30.83
N PHE B 306 5.27 7.56 30.04
CA PHE B 306 4.45 8.75 30.26
C PHE B 306 2.97 8.42 30.07
N ARG B 307 2.64 7.66 29.02
CA ARG B 307 1.26 7.26 28.79
C ARG B 307 0.74 6.41 29.94
N HIS B 308 1.57 5.47 30.42
CA HIS B 308 1.11 4.58 31.50
C HIS B 308 0.88 5.36 32.78
N ILE B 309 1.82 6.25 33.14
CA ILE B 309 1.67 7.06 34.34
C ILE B 309 0.49 8.02 34.25
N LEU B 310 0.23 8.58 33.07
CA LEU B 310 -0.85 9.54 32.92
C LEU B 310 -2.22 8.93 33.20
N GLN B 311 -2.44 7.69 32.75
CA GLN B 311 -3.66 6.95 33.06
C GLN B 311 -3.29 5.55 33.57
N ARG B 312 -3.39 5.36 34.87
CA ARG B 312 -3.16 4.07 35.51
C ARG B 312 -4.24 3.80 36.55
N GLU B 313 -4.73 2.57 36.59
CA GLU B 313 -5.78 2.17 37.52
C GLU B 313 -5.35 0.95 38.32
N PHE B 314 -5.76 0.90 39.57
CA PHE B 314 -5.52 -0.23 40.45
C PHE B 314 -6.84 -0.77 40.97
N SER B 315 -6.82 -1.98 41.53
CA SER B 315 -8.03 -2.70 41.87
C SER B 315 -8.48 -2.51 43.32
N GLY B 316 -7.62 -2.88 44.27
CA GLY B 316 -8.05 -2.99 45.64
C GLY B 316 -7.47 -1.99 46.62
N LEU B 317 -6.48 -2.42 47.41
CA LEU B 317 -5.98 -1.61 48.51
C LEU B 317 -5.22 -0.38 48.01
N TYR B 318 -4.84 -0.37 46.75
CA TYR B 318 -4.00 0.69 46.18
C TYR B 318 -4.81 1.68 45.35
N GLN B 319 -6.04 1.98 45.80
CA GLN B 319 -6.81 3.04 45.14
C GLN B 319 -6.13 4.39 45.21
N PRO B 320 -5.58 4.85 46.35
CA PRO B 320 -4.96 6.18 46.38
C PRO B 320 -3.82 6.36 45.40
N LEU B 321 -3.13 5.26 45.06
CA LEU B 321 -1.99 5.32 44.13
C LEU B 321 -2.51 5.15 42.70
N SER B 322 -3.41 6.04 42.32
CA SER B 322 -4.00 5.95 40.99
C SER B 322 -4.22 7.36 40.45
N ARG B 323 -4.24 7.47 39.12
CA ARG B 323 -4.45 8.73 38.43
C ARG B 323 -5.78 8.79 37.71
N LYS B 324 -6.23 7.69 37.11
CA LYS B 324 -7.50 7.61 36.40
C LYS B 324 -8.47 6.82 37.25
N PHE B 325 -9.63 7.41 37.56
CA PHE B 325 -10.67 6.75 38.34
C PHE B 325 -11.93 6.59 37.50
N THR B 326 -12.68 5.53 37.78
CA THR B 326 -13.93 5.24 37.08
C THR B 326 -15.09 5.39 38.04
N GLU B 327 -15.97 6.35 37.76
CA GLU B 327 -17.14 6.62 38.58
C GLU B 327 -18.28 5.73 38.07
N TRP B 328 -19.52 6.03 38.46
CA TRP B 328 -20.67 5.18 38.17
C TRP B 328 -20.70 4.75 36.70
N CYS B 329 -20.90 3.45 36.50
CA CYS B 329 -21.05 2.86 35.17
C CYS B 329 -22.52 2.62 34.83
N TYR B 330 -23.31 3.68 34.70
CA TYR B 330 -24.72 3.54 34.36
C TYR B 330 -24.85 2.92 32.98
N GLY B 331 -25.30 1.66 32.91
CA GLY B 331 -25.39 0.96 31.65
C GLY B 331 -24.05 0.87 30.97
N PRO B 332 -24.02 1.18 29.67
CA PRO B 332 -22.76 1.15 28.90
C PRO B 332 -22.00 2.46 28.81
N VAL B 333 -22.46 3.53 29.46
CA VAL B 333 -21.76 4.80 29.47
C VAL B 333 -20.96 4.89 30.75
N ARG B 334 -19.68 5.24 30.64
CA ARG B 334 -18.81 5.36 31.80
C ARG B 334 -18.09 6.70 31.79
N VAL B 335 -17.88 7.25 32.98
CA VAL B 335 -17.26 8.55 33.16
C VAL B 335 -15.91 8.33 33.83
N SER B 336 -14.86 8.86 33.23
CA SER B 336 -13.50 8.73 33.73
C SER B 336 -13.02 10.08 34.26
N LEU B 337 -12.44 10.05 35.47
CA LEU B 337 -11.86 11.23 36.10
C LEU B 337 -10.34 11.08 36.05
N TYR B 338 -9.69 11.94 35.29
CA TYR B 338 -8.24 11.93 35.21
C TYR B 338 -7.65 12.96 36.17
N ASP B 339 -6.60 12.54 36.88
CA ASP B 339 -5.93 13.46 37.80
C ASP B 339 -5.20 14.54 37.03
N LEU B 340 -5.38 15.80 37.43
CA LEU B 340 -4.75 16.95 36.79
C LEU B 340 -3.66 17.55 37.64
N SER B 341 -3.04 16.75 38.51
CA SER B 341 -1.93 17.21 39.34
C SER B 341 -0.67 17.29 38.50
N SER B 342 -0.06 18.46 38.48
CA SER B 342 1.16 18.73 37.71
C SER B 342 0.92 18.55 36.21
N VAL B 343 -0.35 18.49 35.80
CA VAL B 343 -0.71 18.39 34.40
C VAL B 343 -1.43 19.62 33.89
N ASP B 344 -2.40 20.15 34.63
CA ASP B 344 -3.06 21.38 34.25
C ASP B 344 -2.06 22.53 34.18
N SER B 345 -2.27 23.41 33.22
CA SER B 345 -1.36 24.53 32.99
C SER B 345 -1.49 25.62 34.04
N TRP B 346 -2.45 25.51 34.95
CA TRP B 346 -2.59 26.49 36.02
C TRP B 346 -1.36 26.55 36.92
N GLU B 347 -0.63 25.46 37.04
CA GLU B 347 0.61 25.44 37.82
C GLU B 347 1.74 26.10 37.03
N LYS B 348 2.80 26.44 37.74
CA LYS B 348 3.94 27.14 37.14
C LYS B 348 4.60 26.27 36.07
N ASN B 349 5.13 25.12 36.47
CA ASN B 349 5.82 24.19 35.57
C ASN B 349 4.95 22.96 35.39
N SER B 350 4.09 23.00 34.39
CA SER B 350 3.16 21.91 34.12
C SER B 350 3.71 21.01 33.02
N VAL B 351 3.08 19.84 32.87
CA VAL B 351 3.46 18.90 31.81
C VAL B 351 3.18 19.46 30.42
N LEU B 352 2.07 20.19 30.25
CA LEU B 352 1.76 20.78 28.96
C LEU B 352 2.83 21.76 28.49
N GLU B 353 3.32 22.61 29.39
CA GLU B 353 4.41 23.53 29.06
C GLU B 353 5.72 22.82 28.77
N ILE B 354 6.02 21.73 29.49
CA ILE B 354 7.26 20.99 29.31
C ILE B 354 7.33 20.43 27.90
N ILE B 355 6.27 19.78 27.45
CA ILE B 355 6.22 19.18 26.11
C ILE B 355 6.37 20.28 25.07
N ALA B 356 5.68 21.39 25.27
CA ALA B 356 5.65 22.45 24.26
C ALA B 356 6.99 23.14 24.11
N PHE B 357 7.65 23.47 25.23
CA PHE B 357 8.75 24.42 25.20
C PHE B 357 10.08 23.86 25.70
N HIS B 358 10.14 22.60 26.14
CA HIS B 358 11.36 22.09 26.72
C HIS B 358 11.76 20.75 26.11
N CYS B 359 10.79 19.97 25.66
CA CYS B 359 11.07 18.65 25.11
C CYS B 359 11.81 18.77 23.78
N LYS B 360 12.94 18.06 23.67
CA LYS B 360 13.79 18.11 22.49
C LYS B 360 13.62 16.88 21.61
N SER B 361 12.56 16.11 21.85
CA SER B 361 12.38 14.84 21.16
C SER B 361 12.05 15.06 19.68
N PRO B 362 12.46 14.12 18.81
CA PRO B 362 12.14 14.27 17.38
C PRO B 362 10.65 14.31 17.11
N HIS B 363 9.90 13.41 17.72
CA HIS B 363 8.44 13.37 17.58
C HIS B 363 7.82 13.56 18.96
N ARG B 364 7.65 14.82 19.34
CA ARG B 364 6.94 15.17 20.57
C ARG B 364 5.53 15.66 20.29
N HIS B 365 5.12 15.70 19.03
CA HIS B 365 3.75 16.02 18.66
C HIS B 365 2.80 14.85 18.88
N ARG B 366 3.32 13.65 19.14
CA ARG B 366 2.50 12.49 19.45
C ARG B 366 2.12 12.42 20.92
N MET B 367 2.73 13.24 21.76
CA MET B 367 2.45 13.25 23.19
C MET B 367 1.30 14.19 23.56
N VAL B 368 0.80 14.98 22.61
CA VAL B 368 -0.30 15.91 22.86
C VAL B 368 -1.62 15.40 22.31
N VAL B 369 -1.64 14.22 21.69
CA VAL B 369 -2.86 13.65 21.14
C VAL B 369 -3.37 12.47 21.94
N LEU B 370 -2.79 12.20 23.10
CA LEU B 370 -3.22 11.10 23.94
C LEU B 370 -4.21 11.50 25.05
N GLU B 371 -4.80 10.49 25.67
CA GLU B 371 -5.78 10.66 26.75
C GLU B 371 -5.38 11.68 27.80
N PRO B 372 -6.37 12.44 28.30
CA PRO B 372 -6.19 13.56 29.22
C PRO B 372 -4.96 14.40 28.90
N LEU B 373 -4.92 14.88 27.66
CA LEU B 373 -3.88 15.72 27.12
C LEU B 373 -4.48 16.11 25.79
N ASN B 374 -5.54 15.38 25.44
CA ASN B 374 -6.29 15.56 24.20
C ASN B 374 -7.54 16.44 24.40
N LYS B 375 -8.46 15.92 25.20
CA LYS B 375 -9.72 16.52 25.61
C LYS B 375 -9.49 17.85 26.33
N LEU B 376 -8.49 17.90 27.20
CA LEU B 376 -8.20 19.14 27.93
C LEU B 376 -7.79 20.25 26.97
N LEU B 377 -6.92 19.92 26.01
CA LEU B 377 -6.49 20.92 25.03
C LEU B 377 -7.65 21.37 24.16
N GLN B 378 -8.52 20.44 23.76
CA GLN B 378 -9.68 20.81 22.96
C GLN B 378 -10.61 21.74 23.73
N GLU B 379 -10.85 21.45 25.01
CA GLU B 379 -11.69 22.31 25.82
C GLU B 379 -11.08 23.70 25.97
N LYS B 380 -9.77 23.75 26.21
CA LYS B 380 -9.10 25.05 26.34
C LYS B 380 -9.17 25.84 25.04
N TRP B 381 -8.98 25.18 23.91
CA TRP B 381 -9.08 25.86 22.62
C TRP B 381 -10.49 26.37 22.38
N ASP B 382 -11.50 25.54 22.68
CA ASP B 382 -12.88 25.97 22.49
C ASP B 382 -13.20 27.17 23.38
N ARG B 383 -12.64 27.22 24.58
CA ARG B 383 -12.86 28.36 25.46
C ARG B 383 -12.08 29.59 25.04
N LEU B 384 -10.93 29.43 24.36
CA LEU B 384 -10.09 30.55 23.97
C LEU B 384 -10.27 30.99 22.52
N ILE B 385 -11.18 30.36 21.77
CA ILE B 385 -11.44 30.80 20.39
C ILE B 385 -11.71 32.30 20.27
N PRO B 386 -12.58 32.92 21.08
CA PRO B 386 -12.88 34.36 20.87
C PRO B 386 -11.66 35.25 20.92
N ARG B 387 -10.74 34.98 21.85
CA ARG B 387 -9.52 35.79 21.94
C ARG B 387 -8.65 35.61 20.71
N PHE B 388 -8.55 34.37 20.22
CA PHE B 388 -7.76 34.11 19.02
C PHE B 388 -8.30 34.88 17.83
N PHE B 389 -9.62 34.83 17.61
CA PHE B 389 -10.16 35.52 16.45
C PHE B 389 -10.21 37.04 16.66
N PHE B 390 -10.25 37.49 17.91
CA PHE B 390 -10.13 38.93 18.16
C PHE B 390 -8.73 39.43 17.80
N ASN B 391 -7.70 38.65 18.15
CA ASN B 391 -6.34 38.99 17.75
C ASN B 391 -6.21 38.97 16.22
N PHE B 392 -6.83 37.99 15.58
CA PHE B 392 -6.83 37.95 14.11
C PHE B 392 -7.47 39.20 13.52
N ALA B 393 -8.62 39.61 14.07
CA ALA B 393 -9.29 40.80 13.56
C ALA B 393 -8.44 42.05 13.77
N CYS B 394 -7.79 42.15 14.93
CA CYS B 394 -6.93 43.29 15.19
C CYS B 394 -5.77 43.36 14.20
N TYR B 395 -5.14 42.21 13.94
CA TYR B 395 -4.03 42.18 12.98
C TYR B 395 -4.51 42.52 11.57
N LEU B 396 -5.70 42.03 11.20
CA LEU B 396 -6.24 42.33 9.88
C LEU B 396 -6.52 43.82 9.73
N VAL B 397 -7.07 44.45 10.77
CA VAL B 397 -7.30 45.89 10.73
C VAL B 397 -5.98 46.64 10.63
N TYR B 398 -4.96 46.19 11.37
CA TYR B 398 -3.66 46.83 11.32
C TYR B 398 -3.07 46.76 9.90
N MET B 399 -3.19 45.61 9.25
CA MET B 399 -2.66 45.51 7.89
C MET B 399 -3.53 46.27 6.87
N ILE B 400 -4.84 46.39 7.11
CA ILE B 400 -5.63 47.24 6.24
C ILE B 400 -5.17 48.67 6.33
N ILE B 401 -4.90 49.15 7.55
CA ILE B 401 -4.35 50.50 7.72
C ILE B 401 -2.99 50.62 7.04
N PHE B 402 -2.16 49.58 7.17
CA PHE B 402 -0.83 49.60 6.56
C PHE B 402 -0.94 49.73 5.04
N THR B 403 -1.81 48.93 4.42
CA THR B 403 -2.00 48.98 2.98
C THR B 403 -2.53 50.34 2.55
N ILE B 404 -3.50 50.88 3.30
CA ILE B 404 -4.07 52.18 2.94
C ILE B 404 -3.01 53.27 3.01
N VAL B 405 -2.18 53.24 4.04
CA VAL B 405 -1.14 54.26 4.20
C VAL B 405 -0.09 54.13 3.11
N ALA B 406 0.32 52.89 2.79
CA ALA B 406 1.36 52.70 1.78
C ALA B 406 0.87 53.07 0.39
N TYR B 407 -0.39 52.77 0.08
CA TYR B 407 -0.92 53.01 -1.27
C TYR B 407 -1.21 54.48 -1.54
N HIS B 408 -1.48 55.28 -0.51
CA HIS B 408 -1.86 56.68 -0.69
C HIS B 408 -0.79 57.63 -0.18
N GLN B 409 0.49 57.32 -0.40
CA GLN B 409 1.51 58.23 0.08
C GLN B 409 2.18 58.94 -1.10
N PRO B 410 2.63 60.18 -0.90
CA PRO B 410 3.23 60.94 -2.01
C PRO B 410 4.66 60.48 -2.29
N SER B 411 5.24 61.07 -3.33
CA SER B 411 6.60 60.76 -3.75
C SER B 411 7.61 61.67 -3.05
N THR B 423 -4.32 69.35 4.80
CA THR B 423 -5.69 69.05 4.44
C THR B 423 -6.23 67.88 5.27
N PHE B 424 -7.49 67.54 5.04
CA PHE B 424 -8.09 66.40 5.75
C PHE B 424 -7.37 65.11 5.37
N GLY B 425 -7.09 64.94 4.07
CA GLY B 425 -6.37 63.74 3.63
C GLY B 425 -4.97 63.66 4.21
N ASP B 426 -4.27 64.79 4.26
CA ASP B 426 -2.93 64.82 4.83
C ASP B 426 -2.97 64.51 6.32
N SER B 427 -3.97 65.05 7.03
CA SER B 427 -4.10 64.75 8.46
C SER B 427 -4.38 63.27 8.68
N MET B 428 -5.25 62.68 7.85
CA MET B 428 -5.51 61.25 7.96
C MET B 428 -4.27 60.43 7.65
N LEU B 429 -3.47 60.88 6.68
CA LEU B 429 -2.23 60.17 6.35
C LEU B 429 -1.25 60.23 7.51
N LEU B 430 -1.12 61.38 8.15
CA LEU B 430 -0.23 61.50 9.31
C LEU B 430 -0.71 60.63 10.47
N LEU B 431 -2.03 60.62 10.70
CA LEU B 431 -2.59 59.76 11.74
C LEU B 431 -2.32 58.29 11.42
N GLY B 432 -2.46 57.91 10.16
CA GLY B 432 -2.13 56.55 9.77
C GLY B 432 -0.67 56.22 10.02
N HIS B 433 0.22 57.15 9.69
CA HIS B 433 1.64 56.91 9.90
C HIS B 433 1.97 56.73 11.38
N ILE B 434 1.40 57.57 12.24
CA ILE B 434 1.70 57.42 13.67
C ILE B 434 1.08 56.15 14.23
N LEU B 435 -0.12 55.78 13.78
CA LEU B 435 -0.70 54.51 14.20
C LEU B 435 0.15 53.32 13.74
N ILE B 436 0.71 53.38 12.53
CA ILE B 436 1.62 52.31 12.11
C ILE B 436 2.87 52.28 12.98
N LEU B 437 3.41 53.45 13.34
CA LEU B 437 4.59 53.45 14.20
C LEU B 437 4.30 52.78 15.54
N LEU B 438 3.18 53.14 16.18
CA LEU B 438 2.82 52.52 17.46
C LEU B 438 2.51 51.03 17.29
N GLY B 439 1.85 50.65 16.20
CA GLY B 439 1.56 49.24 15.99
C GLY B 439 2.83 48.42 15.81
N GLY B 440 3.78 48.96 15.05
CA GLY B 440 5.04 48.27 14.86
C GLY B 440 5.83 48.15 16.15
N ILE B 441 5.87 49.23 16.93
CA ILE B 441 6.60 49.14 18.20
C ILE B 441 5.90 48.18 19.16
N TYR B 442 4.56 48.11 19.12
CA TYR B 442 3.84 47.14 19.93
C TYR B 442 4.16 45.70 19.53
N LEU B 443 4.15 45.41 18.23
CA LEU B 443 4.51 44.06 17.78
C LEU B 443 5.95 43.72 18.15
N LEU B 444 6.86 44.68 17.99
CA LEU B 444 8.26 44.45 18.33
C LEU B 444 8.41 44.17 19.83
N LEU B 445 7.70 44.94 20.66
CA LEU B 445 7.78 44.73 22.11
C LEU B 445 7.21 43.36 22.49
N GLY B 446 6.10 42.97 21.86
CA GLY B 446 5.54 41.66 22.13
C GLY B 446 6.49 40.53 21.77
N GLN B 447 7.10 40.63 20.58
CA GLN B 447 8.04 39.59 20.16
C GLN B 447 9.27 39.57 21.05
N LEU B 448 9.75 40.75 21.47
CA LEU B 448 10.90 40.81 22.37
C LEU B 448 10.57 40.20 23.72
N TRP B 449 9.37 40.45 24.24
CA TRP B 449 8.95 39.83 25.50
C TRP B 449 8.87 38.32 25.35
N TYR B 450 8.33 37.85 24.22
CA TYR B 450 8.29 36.41 23.96
C TYR B 450 9.68 35.80 23.98
N PHE B 451 10.62 36.42 23.28
CA PHE B 451 11.97 35.86 23.20
C PHE B 451 12.71 36.00 24.52
N TRP B 452 12.35 37.00 25.32
CA TRP B 452 12.96 37.17 26.64
C TRP B 452 12.50 36.09 27.59
N ARG B 453 11.20 35.80 27.62
CA ARG B 453 10.65 34.80 28.52
C ARG B 453 10.66 33.39 27.93
N ARG B 454 11.18 33.24 26.71
CA ARG B 454 11.33 31.92 26.10
C ARG B 454 12.68 31.82 25.39
N ARG B 455 13.75 32.24 26.07
CA ARG B 455 15.05 32.38 25.41
C ARG B 455 15.59 31.04 24.91
N LEU B 456 15.32 29.95 25.64
CA LEU B 456 15.87 28.65 25.25
C LEU B 456 15.22 28.09 23.99
N PHE B 457 13.93 28.38 23.76
CA PHE B 457 13.13 27.64 22.80
C PHE B 457 13.74 27.66 21.39
N ILE B 458 14.48 28.73 21.07
CA ILE B 458 15.05 28.85 19.73
C ILE B 458 16.03 27.73 19.45
N TRP B 459 16.61 27.15 20.50
CA TRP B 459 17.54 26.04 20.31
C TRP B 459 16.86 24.68 20.41
N ILE B 460 15.83 24.54 21.25
CA ILE B 460 15.08 23.29 21.29
C ILE B 460 14.35 23.05 19.97
N SER B 461 13.69 24.07 19.44
CA SER B 461 12.88 23.88 18.23
C SER B 461 12.75 25.21 17.50
N PHE B 462 13.46 25.34 16.38
CA PHE B 462 13.26 26.44 15.45
C PHE B 462 12.15 26.15 14.45
N MET B 463 12.03 24.89 14.03
CA MET B 463 11.11 24.53 12.96
C MET B 463 9.66 24.61 13.42
N ASP B 464 9.42 24.51 14.73
CA ASP B 464 8.06 24.38 15.23
C ASP B 464 7.30 25.69 15.27
N SER B 465 7.98 26.83 15.35
CA SER B 465 7.24 28.08 15.42
C SER B 465 7.41 28.94 14.17
N TYR B 466 8.64 29.39 13.89
CA TYR B 466 9.08 29.95 12.61
C TYR B 466 8.19 31.10 12.13
N PHE B 467 7.24 31.51 12.97
CA PHE B 467 6.46 32.72 12.73
C PHE B 467 6.80 33.84 13.70
N GLU B 468 7.29 33.50 14.90
CA GLU B 468 7.74 34.56 15.81
C GLU B 468 8.92 35.31 15.23
N ILE B 469 9.85 34.60 14.57
CA ILE B 469 10.98 35.26 13.94
C ILE B 469 10.50 36.14 12.79
N LEU B 470 9.51 35.67 12.03
CA LEU B 470 8.99 36.46 10.92
C LEU B 470 8.28 37.72 11.42
N PHE B 471 7.49 37.59 12.50
CA PHE B 471 6.84 38.76 13.08
C PHE B 471 7.87 39.74 13.63
N LEU B 472 8.92 39.23 14.26
CA LEU B 472 9.97 40.12 14.76
C LEU B 472 10.66 40.86 13.62
N VAL B 473 10.95 40.16 12.52
CA VAL B 473 11.59 40.79 11.38
C VAL B 473 10.68 41.85 10.77
N GLN B 474 9.38 41.53 10.64
CA GLN B 474 8.44 42.48 10.06
C GLN B 474 8.32 43.73 10.93
N ALA B 475 8.22 43.56 12.26
CA ALA B 475 8.13 44.69 13.15
C ALA B 475 9.40 45.53 13.11
N LEU B 476 10.57 44.87 13.07
CA LEU B 476 11.84 45.58 12.98
C LEU B 476 11.90 46.40 11.70
N LEU B 477 11.51 45.80 10.58
CA LEU B 477 11.54 46.51 9.31
C LEU B 477 10.58 47.70 9.33
N THR B 478 9.39 47.51 9.89
CA THR B 478 8.40 48.59 9.94
C THR B 478 8.91 49.75 10.78
N VAL B 479 9.40 49.46 11.99
CA VAL B 479 9.83 50.54 12.88
C VAL B 479 11.08 51.22 12.31
N LEU B 480 11.98 50.44 11.71
CA LEU B 480 13.20 51.01 11.16
C LEU B 480 12.89 51.92 9.97
N SER B 481 11.96 51.49 9.11
CA SER B 481 11.54 52.33 8.01
C SER B 481 10.84 53.59 8.49
N GLN B 482 10.02 53.49 9.54
CA GLN B 482 9.34 54.67 10.05
C GLN B 482 10.32 55.66 10.68
N VAL B 483 11.38 55.15 11.31
CA VAL B 483 12.35 56.05 11.93
C VAL B 483 13.36 56.48 10.87
N LEU B 484 13.33 55.82 9.71
CA LEU B 484 14.23 56.16 8.61
C LEU B 484 13.63 57.20 7.67
N ARG B 485 12.34 57.50 7.80
CA ARG B 485 11.72 58.57 7.03
C ARG B 485 12.10 59.95 7.55
N PHE B 486 12.33 60.07 8.86
CA PHE B 486 12.76 61.33 9.45
C PHE B 486 14.16 61.73 8.97
N VAL B 487 14.92 60.78 8.41
CA VAL B 487 16.23 61.08 7.82
C VAL B 487 16.11 61.60 6.39
N GLU B 488 14.93 61.48 5.77
CA GLU B 488 14.72 61.81 4.36
C GLU B 488 15.73 61.10 3.47
N THR B 489 15.88 59.80 3.69
CA THR B 489 16.78 58.99 2.89
C THR B 489 16.08 58.51 1.62
N GLU B 490 16.80 57.71 0.83
CA GLU B 490 16.29 57.20 -0.43
C GLU B 490 15.90 55.73 -0.36
N TRP B 491 16.22 55.03 0.72
CA TRP B 491 15.94 53.60 0.85
C TRP B 491 14.78 53.34 1.80
N TYR B 492 13.83 54.27 1.88
CA TYR B 492 12.62 54.13 2.67
C TYR B 492 11.59 53.20 2.04
N LEU B 493 11.22 53.47 0.79
CA LEU B 493 10.19 52.69 0.12
C LEU B 493 10.53 51.20 0.00
N PRO B 494 11.77 50.78 -0.31
CA PRO B 494 12.07 49.34 -0.37
C PRO B 494 11.74 48.62 0.94
N LEU B 495 12.22 49.14 2.07
CA LEU B 495 11.96 48.49 3.34
C LEU B 495 10.47 48.57 3.70
N LEU B 496 9.82 49.68 3.37
CA LEU B 496 8.40 49.80 3.64
C LEU B 496 7.60 48.72 2.90
N VAL B 497 7.88 48.53 1.61
CA VAL B 497 7.14 47.53 0.85
C VAL B 497 7.56 46.12 1.25
N SER B 498 8.81 45.94 1.70
CA SER B 498 9.22 44.63 2.21
C SER B 498 8.43 44.25 3.45
N SER B 499 8.26 45.21 4.37
CA SER B 499 7.42 44.95 5.54
C SER B 499 5.96 44.73 5.14
N LEU B 500 5.49 45.46 4.12
CA LEU B 500 4.14 45.25 3.61
C LEU B 500 3.94 43.83 3.08
N VAL B 501 4.91 43.32 2.34
CA VAL B 501 4.85 41.93 1.89
C VAL B 501 4.89 40.97 3.07
N LEU B 502 5.80 41.21 4.01
CA LEU B 502 6.03 40.26 5.08
C LEU B 502 4.83 40.14 6.00
N GLY B 503 4.12 41.24 6.24
CA GLY B 503 2.93 41.18 7.07
C GLY B 503 1.81 40.37 6.45
N TRP B 504 1.56 40.59 5.15
CA TRP B 504 0.54 39.81 4.47
C TRP B 504 0.93 38.35 4.38
N LEU B 505 2.25 38.07 4.30
CA LEU B 505 2.69 36.68 4.34
C LEU B 505 2.61 36.12 5.76
N ASN B 506 2.62 36.99 6.77
CA ASN B 506 2.46 36.54 8.15
C ASN B 506 1.00 36.31 8.49
N LEU B 507 0.08 36.86 7.69
CA LEU B 507 -1.34 36.60 7.88
C LEU B 507 -1.63 35.11 7.80
N LEU B 508 -0.73 34.37 7.15
CA LEU B 508 -0.66 32.91 7.18
C LEU B 508 -0.71 32.32 8.58
N TYR B 509 -0.35 33.09 9.62
CA TYR B 509 -0.37 32.55 10.97
C TYR B 509 -1.78 32.15 11.39
N TYR B 510 -2.76 33.01 11.13
CA TYR B 510 -4.12 32.74 11.58
C TYR B 510 -4.85 31.77 10.67
N THR B 511 -4.23 31.36 9.56
CA THR B 511 -4.75 30.25 8.78
C THR B 511 -4.94 29.02 9.66
N ARG B 512 -4.07 28.87 10.65
CA ARG B 512 -4.23 27.87 11.70
C ARG B 512 -5.39 28.24 12.62
N GLY B 513 -6.15 27.23 13.04
CA GLY B 513 -7.38 27.46 13.78
C GLY B 513 -8.50 26.65 13.17
N PHE B 514 -8.30 26.27 11.91
CA PHE B 514 -9.19 25.38 11.19
C PHE B 514 -8.37 24.19 10.71
N GLN B 515 -8.93 22.98 10.86
CA GLN B 515 -8.19 21.78 10.53
C GLN B 515 -7.82 21.72 9.05
N HIS B 516 -8.78 22.05 8.19
CA HIS B 516 -8.56 21.92 6.75
C HIS B 516 -7.44 22.82 6.27
N THR B 517 -7.38 24.05 6.78
CA THR B 517 -6.35 24.99 6.37
C THR B 517 -5.08 24.86 7.19
N GLY B 518 -5.20 24.50 8.47
CA GLY B 518 -4.01 24.31 9.29
C GLY B 518 -3.17 23.14 8.82
N ILE B 519 -3.82 22.02 8.46
CA ILE B 519 -3.08 20.88 7.93
C ILE B 519 -2.44 21.24 6.59
N TYR B 520 -3.12 22.07 5.79
CA TYR B 520 -2.53 22.54 4.54
C TYR B 520 -1.28 23.36 4.80
N SER B 521 -1.32 24.24 5.79
CA SER B 521 -0.14 25.04 6.11
C SER B 521 1.01 24.15 6.59
N VAL B 522 0.70 23.15 7.42
CA VAL B 522 1.73 22.23 7.90
C VAL B 522 2.35 21.49 6.72
N MET B 523 1.53 21.02 5.79
CA MET B 523 2.04 20.33 4.61
C MET B 523 2.88 21.27 3.75
N ILE B 524 2.48 22.53 3.65
CA ILE B 524 3.27 23.52 2.91
C ILE B 524 4.65 23.64 3.52
N GLN B 525 4.72 23.73 4.85
CA GLN B 525 6.01 23.81 5.52
C GLN B 525 6.85 22.57 5.28
N LYS B 526 6.23 21.39 5.36
CA LYS B 526 6.98 20.15 5.15
C LYS B 526 7.51 20.07 3.73
N VAL B 527 6.71 20.48 2.75
CA VAL B 527 7.15 20.44 1.36
C VAL B 527 8.30 21.42 1.14
N ILE B 528 8.20 22.63 1.73
CA ILE B 528 9.27 23.61 1.59
C ILE B 528 10.56 23.07 2.18
N LEU B 529 10.48 22.48 3.38
CA LEU B 529 11.67 22.02 4.09
C LEU B 529 12.27 20.75 3.51
N ARG B 530 11.47 19.91 2.87
CA ARG B 530 11.91 18.57 2.49
C ARG B 530 12.45 18.47 1.07
N ASP B 531 11.73 18.97 0.07
CA ASP B 531 12.11 18.71 -1.31
C ASP B 531 12.00 19.99 -2.15
N LEU B 532 12.51 21.10 -1.63
CA LEU B 532 12.55 22.33 -2.40
C LEU B 532 13.95 22.95 -2.38
N LEU B 533 14.67 22.75 -1.26
CA LEU B 533 15.98 23.37 -1.11
C LEU B 533 17.04 22.70 -1.98
N ARG B 534 17.05 21.36 -2.00
CA ARG B 534 18.00 20.64 -2.83
C ARG B 534 17.72 20.85 -4.32
N PHE B 535 16.44 20.90 -4.69
CA PHE B 535 16.09 21.25 -6.06
C PHE B 535 16.61 22.64 -6.40
N LEU B 536 16.50 23.59 -5.46
CA LEU B 536 17.02 24.93 -5.69
C LEU B 536 18.53 24.91 -5.87
N LEU B 537 19.23 24.11 -5.06
CA LEU B 537 20.68 24.01 -5.18
C LEU B 537 21.10 23.51 -6.56
N VAL B 538 20.49 22.40 -7.00
CA VAL B 538 20.82 21.85 -8.30
C VAL B 538 20.45 22.83 -9.41
N TYR B 539 19.29 23.47 -9.29
CA TYR B 539 18.84 24.43 -10.30
C TYR B 539 19.80 25.60 -10.43
N LEU B 540 20.25 26.15 -9.30
CA LEU B 540 21.17 27.28 -9.34
C LEU B 540 22.52 26.87 -9.91
N VAL B 541 22.99 25.66 -9.57
CA VAL B 541 24.25 25.19 -10.15
C VAL B 541 24.13 25.13 -11.68
N PHE B 542 23.07 24.49 -12.17
CA PHE B 542 22.87 24.36 -13.61
C PHE B 542 22.74 25.72 -14.28
N LEU B 543 21.95 26.61 -13.69
CA LEU B 543 21.69 27.92 -14.26
C LEU B 543 22.97 28.74 -14.33
N PHE B 544 23.76 28.73 -13.26
CA PHE B 544 25.00 29.49 -13.25
C PHE B 544 25.96 28.96 -14.30
N GLY B 545 26.11 27.62 -14.38
CA GLY B 545 27.01 27.06 -15.38
C GLY B 545 26.62 27.44 -16.79
N PHE B 546 25.34 27.25 -17.13
CA PHE B 546 24.90 27.53 -18.50
C PHE B 546 24.93 29.02 -18.80
N ALA B 547 24.60 29.87 -17.82
CA ALA B 547 24.63 31.30 -18.04
C ALA B 547 26.05 31.79 -18.28
N VAL B 548 27.00 31.30 -17.49
CA VAL B 548 28.40 31.68 -17.71
C VAL B 548 28.88 31.19 -19.06
N ALA B 549 28.46 29.99 -19.46
CA ALA B 549 28.84 29.48 -20.77
C ALA B 549 28.30 30.37 -21.89
N LEU B 550 27.04 30.78 -21.79
CA LEU B 550 26.44 31.58 -22.85
C LEU B 550 27.02 33.00 -22.87
N VAL B 551 27.43 33.51 -21.70
CA VAL B 551 28.06 34.83 -21.66
C VAL B 551 29.46 34.76 -22.27
N SER B 552 30.18 33.68 -22.02
CA SER B 552 31.55 33.56 -22.53
C SER B 552 31.58 33.69 -24.05
N LEU B 553 30.72 32.97 -24.74
CA LEU B 553 30.54 33.15 -26.18
C LEU B 553 29.43 34.15 -26.46
N SER B 554 28.98 34.20 -27.72
CA SER B 554 27.90 35.08 -28.16
C SER B 554 28.32 36.55 -28.14
N ARG B 555 29.59 36.79 -27.83
CA ARG B 555 30.20 38.11 -28.02
C ARG B 555 31.05 38.14 -29.29
N GLU B 556 30.99 37.10 -30.11
CA GLU B 556 31.79 37.00 -31.33
C GLU B 556 30.87 37.33 -32.51
N ALA B 557 30.88 38.59 -32.91
CA ALA B 557 30.02 39.07 -33.99
C ALA B 557 30.39 38.44 -35.32
N ARG B 558 29.40 38.02 -36.09
CA ARG B 558 29.63 37.48 -37.42
C ARG B 558 29.92 38.59 -38.43
N PRO B 582 20.87 46.14 -29.25
CA PRO B 582 21.76 45.56 -28.25
C PRO B 582 22.13 44.11 -28.56
N VAL B 583 22.85 43.46 -27.64
CA VAL B 583 23.31 42.10 -27.84
C VAL B 583 22.73 41.21 -26.74
N PRO B 584 22.10 40.09 -27.10
CA PRO B 584 21.59 39.17 -26.07
C PRO B 584 22.72 38.51 -25.31
N TYR B 585 22.42 38.15 -24.06
CA TYR B 585 23.39 37.57 -23.14
C TYR B 585 24.61 38.48 -23.00
N GLY B 586 24.32 39.75 -22.76
CA GLY B 586 25.38 40.74 -22.58
C GLY B 586 26.19 40.53 -21.32
N GLY B 587 25.50 40.24 -20.22
CA GLY B 587 26.17 40.02 -18.95
C GLY B 587 25.66 38.80 -18.22
N ILE B 588 26.20 38.55 -17.01
CA ILE B 588 25.75 37.41 -16.22
C ILE B 588 24.28 37.53 -15.81
N LEU B 589 23.85 38.71 -15.35
CA LEU B 589 22.47 38.89 -14.92
C LEU B 589 21.49 38.71 -16.08
N ASP B 590 21.82 39.29 -17.23
CA ASP B 590 20.94 39.19 -18.39
C ASP B 590 20.76 37.73 -18.83
N ALA B 591 21.87 37.00 -18.94
CA ALA B 591 21.80 35.60 -19.36
C ALA B 591 21.09 34.76 -18.32
N SER B 592 21.33 35.04 -17.03
CA SER B 592 20.65 34.31 -15.97
C SER B 592 19.14 34.52 -16.04
N LEU B 593 18.71 35.76 -16.28
CA LEU B 593 17.28 36.04 -16.41
C LEU B 593 16.70 35.36 -17.64
N GLU B 594 17.42 35.39 -18.76
CA GLU B 594 16.94 34.75 -19.97
C GLU B 594 16.78 33.25 -19.77
N LEU B 595 17.72 32.63 -19.04
CA LEU B 595 17.62 31.19 -18.78
C LEU B 595 16.51 30.89 -17.79
N PHE B 596 16.30 31.77 -16.80
CA PHE B 596 15.22 31.56 -15.84
C PHE B 596 13.85 31.73 -16.48
N LYS B 597 13.78 32.50 -17.58
CA LYS B 597 12.51 32.66 -18.28
C LYS B 597 11.97 31.32 -18.79
N PHE B 598 12.87 30.36 -19.07
CA PHE B 598 12.42 29.05 -19.54
C PHE B 598 11.58 28.33 -18.51
N THR B 599 11.86 28.53 -17.22
CA THR B 599 11.13 27.83 -16.17
C THR B 599 9.67 28.25 -16.14
N ILE B 600 9.40 29.52 -16.40
CA ILE B 600 8.05 30.06 -16.29
C ILE B 600 7.35 29.98 -17.65
N GLY B 601 7.91 29.19 -18.57
CA GLY B 601 7.32 29.01 -19.87
C GLY B 601 7.33 30.26 -20.72
N MET B 602 8.44 31.01 -20.66
CA MET B 602 8.54 32.24 -21.46
C MET B 602 9.90 32.39 -22.13
N GLY B 603 10.68 31.33 -22.26
CA GLY B 603 12.04 31.45 -22.79
C GLY B 603 12.04 31.53 -24.31
N GLU B 604 12.91 32.39 -24.85
CA GLU B 604 13.07 32.51 -26.30
C GLU B 604 14.06 31.45 -26.78
N LEU B 605 13.70 30.73 -27.83
CA LEU B 605 14.54 29.66 -28.34
C LEU B 605 14.71 29.82 -29.85
N ALA B 606 15.00 31.04 -30.29
CA ALA B 606 15.16 31.33 -31.71
C ALA B 606 16.55 30.92 -32.18
N PHE B 607 16.69 30.80 -33.50
CA PHE B 607 17.98 30.49 -34.15
C PHE B 607 18.62 31.82 -34.57
N GLN B 608 19.20 32.52 -33.60
CA GLN B 608 19.79 33.82 -33.87
C GLN B 608 20.94 33.69 -34.87
N GLU B 609 20.92 34.53 -35.90
CA GLU B 609 21.87 34.44 -37.00
C GLU B 609 22.92 35.53 -36.99
N GLN B 610 22.84 36.49 -36.07
CA GLN B 610 23.87 37.53 -35.98
C GLN B 610 25.13 36.97 -35.34
N LEU B 611 25.01 35.86 -34.61
CA LEU B 611 26.16 35.29 -33.94
C LEU B 611 26.91 34.33 -34.87
N ARG B 612 28.22 34.22 -34.65
CA ARG B 612 29.05 33.37 -35.47
C ARG B 612 29.06 31.93 -34.97
N PHE B 613 28.48 31.68 -33.80
CA PHE B 613 28.37 30.33 -33.24
C PHE B 613 26.90 29.97 -32.94
N ARG B 614 26.02 30.22 -33.91
CA ARG B 614 24.59 30.02 -33.67
C ARG B 614 24.26 28.58 -33.32
N GLY B 615 24.89 27.63 -34.01
CA GLY B 615 24.64 26.23 -33.72
C GLY B 615 25.04 25.85 -32.30
N VAL B 616 26.18 26.36 -31.83
CA VAL B 616 26.63 26.08 -30.48
C VAL B 616 25.66 26.65 -29.47
N VAL B 617 25.17 27.88 -29.70
CA VAL B 617 24.17 28.45 -28.80
C VAL B 617 22.89 27.64 -28.77
N LEU B 618 22.39 27.22 -29.95
CA LEU B 618 21.16 26.44 -29.99
C LEU B 618 21.32 25.09 -29.29
N LEU B 619 22.47 24.43 -29.50
CA LEU B 619 22.69 23.14 -28.85
C LEU B 619 22.75 23.29 -27.34
N LEU B 620 23.43 24.32 -26.86
CA LEU B 620 23.50 24.57 -25.41
C LEU B 620 22.11 24.87 -24.84
N LEU B 621 21.32 25.68 -25.55
CA LEU B 621 19.98 25.99 -25.08
C LEU B 621 19.11 24.75 -25.03
N LEU B 622 19.19 23.90 -26.05
CA LEU B 622 18.42 22.66 -26.06
C LEU B 622 18.85 21.73 -24.93
N ALA B 623 20.16 21.62 -24.70
CA ALA B 623 20.65 20.78 -23.62
C ALA B 623 20.12 21.29 -22.28
N TYR B 624 20.17 22.61 -22.07
CA TYR B 624 19.64 23.19 -20.85
C TYR B 624 18.16 22.92 -20.70
N VAL B 625 17.40 23.06 -21.78
CA VAL B 625 15.95 22.85 -21.73
C VAL B 625 15.62 21.43 -21.33
N LEU B 626 16.22 20.46 -22.03
CA LEU B 626 15.93 19.06 -21.71
C LEU B 626 16.46 18.65 -20.35
N LEU B 627 17.53 19.30 -19.88
CA LEU B 627 18.14 18.87 -18.63
C LEU B 627 17.50 19.54 -17.42
N THR B 628 16.84 20.67 -17.61
CA THR B 628 16.27 21.42 -16.48
C THR B 628 14.76 21.50 -16.49
N TYR B 629 14.11 21.67 -17.64
CA TYR B 629 12.67 21.87 -17.70
C TYR B 629 11.89 20.59 -17.88
N VAL B 630 12.39 19.63 -18.64
CA VAL B 630 11.69 18.37 -18.87
C VAL B 630 11.94 17.44 -17.70
N LEU B 631 13.20 17.36 -17.27
CA LEU B 631 13.58 16.42 -16.22
C LEU B 631 13.35 16.97 -14.83
N LEU B 632 14.02 18.09 -14.50
CA LEU B 632 14.16 18.50 -13.10
C LEU B 632 12.83 18.99 -12.52
N LEU B 633 12.05 19.77 -13.26
CA LEU B 633 10.80 20.30 -12.71
C LEU B 633 9.74 19.20 -12.55
N ASN B 634 9.64 18.30 -13.52
CA ASN B 634 8.71 17.19 -13.39
C ASN B 634 9.13 16.24 -12.26
N MET B 635 10.43 16.04 -12.09
CA MET B 635 10.91 15.27 -10.95
C MET B 635 10.60 15.98 -9.64
N LEU B 636 10.65 17.31 -9.65
CA LEU B 636 10.22 18.08 -8.48
C LEU B 636 8.75 17.83 -8.16
N ILE B 637 7.91 17.79 -9.21
CA ILE B 637 6.49 17.48 -9.01
C ILE B 637 6.33 16.09 -8.40
N ALA B 638 7.08 15.11 -8.91
CA ALA B 638 7.00 13.75 -8.39
C ALA B 638 7.46 13.70 -6.93
N LEU B 639 8.54 14.41 -6.60
CA LEU B 639 9.02 14.46 -5.23
C LEU B 639 7.99 15.08 -4.30
N MET B 640 7.35 16.16 -4.75
CA MET B 640 6.28 16.76 -3.96
C MET B 640 5.14 15.78 -3.75
N SER B 641 4.80 15.00 -4.78
CA SER B 641 3.73 14.01 -4.64
C SER B 641 4.08 12.97 -3.59
N GLU B 642 5.30 12.43 -3.65
CA GLU B 642 5.67 11.39 -2.68
C GLU B 642 5.81 11.96 -1.28
N THR B 643 6.27 13.21 -1.15
CA THR B 643 6.35 13.86 0.15
C THR B 643 4.96 14.08 0.74
N VAL B 644 4.01 14.51 -0.08
CA VAL B 644 2.64 14.68 0.40
C VAL B 644 2.06 13.35 0.83
N ASN B 645 2.31 12.28 0.07
CA ASN B 645 1.85 10.97 0.46
C ASN B 645 2.52 10.46 1.74
N SER B 646 3.77 10.87 1.99
CA SER B 646 4.50 10.38 3.15
C SER B 646 4.08 11.03 4.47
N VAL B 647 3.77 12.32 4.47
CA VAL B 647 3.53 13.06 5.71
C VAL B 647 2.04 13.33 5.92
N ALA B 648 1.16 12.57 5.28
CA ALA B 648 -0.28 12.77 5.40
C ALA B 648 -0.84 12.40 6.77
N THR B 649 -0.10 11.74 7.66
CA THR B 649 -0.62 11.32 8.94
C THR B 649 -0.04 12.09 10.12
N ASP B 650 1.21 12.53 10.05
CA ASP B 650 1.81 13.29 11.12
C ASP B 650 1.40 14.76 11.11
N SER B 651 0.87 15.25 10.00
CA SER B 651 0.48 16.66 9.91
C SER B 651 -0.64 16.98 10.90
N TRP B 652 -1.55 16.04 11.12
CA TRP B 652 -2.61 16.25 12.10
C TRP B 652 -2.03 16.45 13.50
N SER B 653 -1.08 15.61 13.89
CA SER B 653 -0.47 15.75 15.21
C SER B 653 0.34 17.03 15.32
N ILE B 654 1.02 17.41 14.23
CA ILE B 654 1.76 18.68 14.24
C ILE B 654 0.81 19.85 14.41
N TRP B 655 -0.34 19.81 13.73
CA TRP B 655 -1.33 20.87 13.88
C TRP B 655 -1.88 20.91 15.31
N LYS B 656 -2.11 19.74 15.91
CA LYS B 656 -2.57 19.71 17.30
C LYS B 656 -1.53 20.30 18.24
N LEU B 657 -0.25 19.99 18.01
CA LEU B 657 0.82 20.58 18.83
C LEU B 657 0.87 22.09 18.65
N GLN B 658 0.69 22.57 17.41
CA GLN B 658 0.67 24.01 17.17
C GLN B 658 -0.49 24.67 17.90
N LYS B 659 -1.66 24.04 17.89
CA LYS B 659 -2.80 24.55 18.65
C LYS B 659 -2.49 24.57 20.14
N ALA B 660 -1.82 23.53 20.65
CA ALA B 660 -1.46 23.50 22.06
C ALA B 660 -0.53 24.67 22.41
N ILE B 661 0.44 24.94 21.55
CA ILE B 661 1.36 26.06 21.78
C ILE B 661 0.58 27.38 21.77
N SER B 662 -0.32 27.54 20.80
CA SER B 662 -1.11 28.76 20.72
C SER B 662 -1.98 28.94 21.96
N VAL B 663 -2.58 27.85 22.44
CA VAL B 663 -3.41 27.92 23.64
C VAL B 663 -2.58 28.29 24.85
N LEU B 664 -1.38 27.70 24.99
CA LEU B 664 -0.51 28.04 26.11
C LEU B 664 -0.10 29.49 26.06
N GLU B 665 0.12 30.03 24.86
CA GLU B 665 0.43 31.45 24.74
C GLU B 665 -0.77 32.32 25.12
N MET B 666 -1.97 31.93 24.68
CA MET B 666 -3.17 32.72 24.94
C MET B 666 -3.62 32.64 26.39
N GLU B 667 -3.22 31.61 27.13
CA GLU B 667 -3.54 31.56 28.56
C GLU B 667 -2.89 32.72 29.30
N ASN B 668 -1.65 33.05 28.97
CA ASN B 668 -1.06 34.29 29.44
C ASN B 668 -1.77 35.47 28.80
N GLY B 669 -1.53 36.66 29.36
CA GLY B 669 -2.16 37.84 28.82
C GLY B 669 -1.30 38.49 27.74
N TYR B 670 -0.82 39.69 28.01
CA TYR B 670 0.10 40.36 27.11
C TYR B 670 1.27 40.92 27.90
N TRP B 671 2.18 41.63 27.23
CA TRP B 671 3.30 42.27 27.91
C TRP B 671 2.86 43.48 28.73
N TRP B 672 1.61 43.90 28.59
CA TRP B 672 1.07 45.02 29.37
C TRP B 672 -0.05 44.63 30.31
N CYS B 673 -0.69 43.47 30.13
CA CYS B 673 -1.79 43.05 30.99
C CYS B 673 -1.79 41.54 31.07
N ARG B 674 -1.66 41.00 32.28
CA ARG B 674 -1.64 39.56 32.49
C ARG B 674 -3.06 39.06 32.72
N ARG B 675 -3.46 38.05 31.94
CA ARG B 675 -4.80 37.51 32.04
C ARG B 675 -5.00 36.77 33.36
N LYS B 676 -6.24 36.78 33.85
CA LYS B 676 -6.58 36.05 35.06
C LYS B 676 -6.57 34.55 34.76
N ARG B 677 -5.89 33.79 35.62
CA ARG B 677 -5.72 32.37 35.34
C ARG B 677 -6.96 31.59 35.75
N HIS B 678 -7.29 30.57 34.97
CA HIS B 678 -8.51 29.79 35.15
C HIS B 678 -8.15 28.32 35.30
N ARG B 679 -8.47 27.76 36.47
CA ARG B 679 -8.22 26.35 36.71
C ARG B 679 -9.11 25.49 35.82
N ALA B 680 -8.54 24.40 35.31
CA ALA B 680 -9.28 23.42 34.53
C ALA B 680 -9.52 22.20 35.39
N GLY B 681 -10.76 21.70 35.37
CA GLY B 681 -11.08 20.53 36.18
C GLY B 681 -11.89 20.91 37.40
N ARG B 682 -12.65 19.94 37.90
CA ARG B 682 -13.53 20.12 39.04
C ARG B 682 -12.98 19.38 40.25
N LEU B 683 -13.34 19.83 41.44
CA LEU B 683 -13.07 19.05 42.65
C LEU B 683 -14.14 18.00 42.83
N LEU B 684 -13.72 16.75 43.03
CA LEU B 684 -14.64 15.62 43.05
C LEU B 684 -14.50 14.87 44.36
N LYS B 685 -15.08 13.66 44.39
CA LYS B 685 -14.95 12.75 45.53
C LYS B 685 -14.21 11.49 45.08
N VAL B 686 -12.88 11.55 45.20
CA VAL B 686 -12.05 10.45 44.73
C VAL B 686 -12.10 9.27 45.70
N GLY B 687 -11.83 9.52 46.98
CA GLY B 687 -11.81 8.45 47.96
C GLY B 687 -11.14 8.91 49.23
N THR B 688 -10.76 7.92 50.04
CA THR B 688 -10.13 8.16 51.33
C THR B 688 -8.69 7.66 51.32
N LYS B 689 -7.77 8.53 51.72
CA LYS B 689 -6.37 8.16 51.81
C LYS B 689 -6.10 7.39 53.10
N GLY B 690 -5.02 6.62 53.09
CA GLY B 690 -4.84 5.56 54.06
C GLY B 690 -4.16 5.93 55.36
N ASP B 691 -4.12 7.22 55.69
CA ASP B 691 -3.53 7.63 56.95
C ASP B 691 -4.58 8.25 57.87
N GLY B 692 -5.17 9.35 57.43
CA GLY B 692 -6.10 10.13 58.23
C GLY B 692 -7.52 10.13 57.71
N ILE B 693 -7.89 11.17 56.98
CA ILE B 693 -9.25 11.38 56.50
C ILE B 693 -9.18 11.78 55.03
N PRO B 694 -10.30 11.82 54.30
CA PRO B 694 -10.22 11.96 52.83
C PRO B 694 -9.50 13.23 52.41
N ASP B 695 -8.63 13.10 51.41
CA ASP B 695 -7.90 14.21 50.81
C ASP B 695 -8.17 14.12 49.31
N GLU B 696 -8.69 15.20 48.74
CA GLU B 696 -9.24 15.16 47.41
C GLU B 696 -8.37 15.94 46.43
N ARG B 697 -8.54 15.63 45.14
CA ARG B 697 -7.71 16.16 44.08
C ARG B 697 -8.57 16.69 42.94
N TRP B 698 -8.02 17.63 42.19
CA TRP B 698 -8.72 18.19 41.04
C TRP B 698 -8.68 17.19 39.90
N CYS B 699 -9.85 16.92 39.30
CA CYS B 699 -9.97 15.90 38.28
C CYS B 699 -10.65 16.48 37.03
N PHE B 700 -10.41 15.80 35.91
CA PHE B 700 -11.00 16.16 34.63
C PHE B 700 -11.97 15.06 34.23
N ARG B 701 -13.20 15.43 33.92
CA ARG B 701 -14.26 14.47 33.64
C ARG B 701 -14.41 14.24 32.15
N VAL B 702 -14.49 12.97 31.76
CA VAL B 702 -14.76 12.63 30.37
C VAL B 702 -15.74 11.47 30.28
N GLU B 703 -16.78 11.63 29.46
CA GLU B 703 -17.75 10.57 29.27
C GLU B 703 -17.41 9.77 28.02
N GLU B 704 -17.75 8.48 28.03
CA GLU B 704 -17.58 7.69 26.82
C GLU B 704 -18.68 6.65 26.74
N VAL B 705 -19.22 6.43 25.54
CA VAL B 705 -20.17 5.35 25.29
C VAL B 705 -19.35 4.17 24.81
N ASN B 706 -18.96 3.30 25.74
CA ASN B 706 -18.10 2.16 25.43
C ASN B 706 -18.82 0.88 25.83
N TRP B 707 -19.03 -0.01 24.86
CA TRP B 707 -19.64 -1.30 25.11
C TRP B 707 -18.62 -2.37 25.47
N ALA B 708 -17.39 -2.26 24.95
CA ALA B 708 -16.33 -3.25 25.13
C ALA B 708 -16.02 -3.52 26.59
N ALA B 709 -15.76 -2.47 27.37
CA ALA B 709 -15.58 -2.65 28.80
C ALA B 709 -16.88 -3.10 29.46
N TRP B 710 -18.02 -2.85 28.79
CA TRP B 710 -19.30 -3.12 29.41
C TRP B 710 -19.65 -4.60 29.41
N GLU B 711 -19.31 -5.36 28.35
CA GLU B 711 -19.67 -6.77 28.42
C GLU B 711 -18.73 -7.53 29.35
N LYS B 712 -17.58 -6.94 29.69
CA LYS B 712 -16.55 -7.62 30.48
C LYS B 712 -16.72 -7.29 31.97
N THR B 713 -17.96 -7.01 32.35
CA THR B 713 -18.26 -6.83 33.78
C THR B 713 -19.52 -7.56 34.21
N LEU B 714 -20.02 -8.51 33.42
CA LEU B 714 -21.23 -9.24 33.76
C LEU B 714 -20.90 -10.45 34.65
N PRO C 67 -36.92 5.44 70.22
CA PRO C 67 -36.87 4.37 69.22
C PRO C 67 -38.13 4.31 68.36
N ASN C 68 -39.24 4.83 68.88
CA ASN C 68 -40.49 4.82 68.12
C ASN C 68 -40.38 5.71 66.88
N ARG C 69 -39.90 6.93 67.03
CA ARG C 69 -39.80 7.87 65.92
C ARG C 69 -38.47 7.64 65.19
N PHE C 70 -38.54 7.60 63.86
CA PHE C 70 -37.36 7.43 63.01
C PHE C 70 -37.36 8.55 61.97
N ASP C 71 -36.25 9.28 61.90
CA ASP C 71 -36.13 10.34 60.91
C ASP C 71 -35.76 9.76 59.54
N ARG C 72 -35.75 10.63 58.53
CA ARG C 72 -35.40 10.19 57.19
C ARG C 72 -33.98 9.63 57.15
N ASP C 73 -33.01 10.39 57.67
CA ASP C 73 -31.62 9.95 57.66
C ASP C 73 -31.42 8.68 58.46
N ARG C 74 -32.13 8.56 59.60
CA ARG C 74 -32.00 7.36 60.42
C ARG C 74 -32.44 6.11 59.66
N LEU C 75 -33.59 6.18 58.99
CA LEU C 75 -34.08 5.01 58.27
C LEU C 75 -33.24 4.73 57.03
N PHE C 76 -32.74 5.79 56.37
CA PHE C 76 -31.82 5.58 55.26
C PHE C 76 -30.56 4.85 55.73
N SER C 77 -30.01 5.25 56.88
CA SER C 77 -28.83 4.58 57.42
C SER C 77 -29.15 3.13 57.79
N VAL C 78 -30.33 2.89 58.35
CA VAL C 78 -30.71 1.54 58.74
C VAL C 78 -30.82 0.64 57.51
N VAL C 79 -31.47 1.13 56.44
CA VAL C 79 -31.63 0.30 55.26
C VAL C 79 -30.34 0.20 54.46
N SER C 80 -29.41 1.14 54.65
CA SER C 80 -28.11 1.04 53.98
C SER C 80 -27.29 -0.14 54.50
N ARG C 81 -27.38 -0.44 55.79
CA ARG C 81 -26.68 -1.59 56.35
C ARG C 81 -27.41 -2.90 56.11
N GLY C 82 -28.66 -2.85 55.68
CA GLY C 82 -29.43 -4.05 55.42
C GLY C 82 -29.71 -4.90 56.63
N VAL C 83 -30.11 -4.28 57.74
CA VAL C 83 -30.41 -5.01 58.97
C VAL C 83 -31.91 -4.99 59.23
N PRO C 84 -32.60 -6.12 59.03
CA PRO C 84 -34.04 -6.16 59.34
C PRO C 84 -34.33 -6.02 60.82
N GLU C 85 -33.43 -6.49 61.69
CA GLU C 85 -33.69 -6.47 63.13
C GLU C 85 -33.86 -5.06 63.67
N GLU C 86 -33.29 -4.06 63.02
CA GLU C 86 -33.42 -2.66 63.43
C GLU C 86 -34.62 -1.99 62.76
N LEU C 87 -35.56 -2.78 62.25
CA LEU C 87 -36.74 -2.25 61.58
C LEU C 87 -38.01 -2.42 62.37
N THR C 88 -37.94 -2.92 63.61
CA THR C 88 -39.13 -3.12 64.43
C THR C 88 -39.38 -1.85 65.25
N GLY C 89 -39.40 -0.73 64.53
CA GLY C 89 -39.73 0.55 65.12
C GLY C 89 -40.51 1.44 64.18
N LEU C 90 -40.84 0.92 63.00
CA LEU C 90 -41.44 1.75 61.98
C LEU C 90 -42.96 1.66 62.00
N LEU C 91 -43.50 0.45 62.12
CA LEU C 91 -44.95 0.25 62.01
C LEU C 91 -45.70 0.96 63.13
N GLU C 92 -45.13 0.92 64.35
CA GLU C 92 -45.73 1.66 65.46
C GLU C 92 -45.72 3.16 65.18
N TYR C 93 -44.62 3.66 64.61
CA TYR C 93 -44.55 5.07 64.26
C TYR C 93 -45.61 5.43 63.22
N LEU C 94 -45.83 4.54 62.25
CA LEU C 94 -46.87 4.77 61.26
C LEU C 94 -48.26 4.81 61.89
N ARG C 95 -48.54 3.88 62.81
CA ARG C 95 -49.87 3.88 63.40
C ARG C 95 -50.07 4.97 64.45
N ARG C 96 -48.98 5.55 64.98
CA ARG C 96 -49.09 6.54 66.04
C ARG C 96 -49.56 7.90 65.55
N THR C 97 -48.88 8.49 64.58
CA THR C 97 -49.19 9.83 64.10
C THR C 97 -50.16 9.82 62.91
N SER C 98 -50.65 8.64 62.53
CA SER C 98 -51.62 8.50 61.44
C SER C 98 -51.09 9.10 60.13
N LYS C 99 -49.80 8.93 59.90
CA LYS C 99 -49.18 9.32 58.66
C LYS C 99 -48.97 8.08 57.79
N TYR C 100 -48.47 8.29 56.56
CA TYR C 100 -48.22 7.20 55.65
C TYR C 100 -46.74 7.17 55.32
N LEU C 101 -46.22 5.95 55.13
CA LEU C 101 -44.80 5.80 54.80
C LEU C 101 -44.49 6.27 53.39
N THR C 102 -45.52 6.50 52.58
CA THR C 102 -45.38 7.02 51.22
C THR C 102 -45.50 8.54 51.17
N ASP C 103 -45.66 9.19 52.32
CA ASP C 103 -45.89 10.62 52.38
C ASP C 103 -44.56 11.36 52.20
N SER C 104 -44.56 12.67 52.46
CA SER C 104 -43.37 13.52 52.30
C SER C 104 -42.57 13.62 53.59
N ALA C 105 -42.64 12.60 54.44
CA ALA C 105 -41.84 12.59 55.66
C ALA C 105 -40.88 11.40 55.70
N TYR C 106 -40.62 10.74 54.57
CA TYR C 106 -39.76 9.58 54.53
C TYR C 106 -38.75 9.58 53.40
N THR C 107 -38.86 10.49 52.43
CA THR C 107 -37.99 10.51 51.26
C THR C 107 -37.38 11.90 51.10
N GLU C 108 -36.25 11.94 50.40
CA GLU C 108 -35.57 13.21 50.14
C GLU C 108 -36.41 14.09 49.24
N GLY C 109 -36.48 15.38 49.58
CA GLY C 109 -37.27 16.31 48.78
C GLY C 109 -36.69 16.60 47.42
N SER C 110 -35.36 16.78 47.35
CA SER C 110 -34.71 17.16 46.09
C SER C 110 -34.85 16.08 45.03
N THR C 111 -34.27 14.90 45.28
CA THR C 111 -34.30 13.83 44.30
C THR C 111 -35.60 13.04 44.38
N GLY C 112 -35.87 12.45 45.53
CA GLY C 112 -37.06 11.64 45.69
C GLY C 112 -36.76 10.19 46.03
N LYS C 113 -35.48 9.89 46.24
CA LYS C 113 -35.05 8.54 46.58
C LYS C 113 -35.72 8.05 47.86
N THR C 114 -36.55 7.02 47.74
CA THR C 114 -37.29 6.51 48.88
C THR C 114 -36.45 5.49 49.65
N CYS C 115 -37.01 4.99 50.75
CA CYS C 115 -36.31 4.02 51.57
C CYS C 115 -36.10 2.71 50.81
N LEU C 116 -37.11 2.25 50.07
CA LEU C 116 -36.93 1.05 49.25
C LEU C 116 -35.83 1.24 48.23
N MET C 117 -35.84 2.38 47.52
CA MET C 117 -34.80 2.65 46.54
C MET C 117 -33.43 2.69 47.21
N LYS C 118 -33.32 3.40 48.33
CA LYS C 118 -32.06 3.48 49.05
C LYS C 118 -31.55 2.10 49.43
N ALA C 119 -32.48 1.20 49.78
CA ALA C 119 -32.09 -0.18 50.05
C ALA C 119 -31.59 -0.89 48.80
N VAL C 120 -32.23 -0.64 47.66
CA VAL C 120 -31.93 -1.41 46.45
C VAL C 120 -30.57 -1.02 45.88
N LEU C 121 -30.15 0.24 46.06
CA LEU C 121 -28.88 0.69 45.51
C LEU C 121 -27.67 -0.05 46.06
N ASN C 122 -27.81 -0.71 47.22
CA ASN C 122 -26.68 -1.41 47.80
C ASN C 122 -27.08 -2.81 48.25
N LEU C 123 -26.44 -3.83 47.66
CA LEU C 123 -26.58 -5.21 48.07
C LEU C 123 -25.18 -5.81 48.19
N GLN C 124 -24.89 -6.38 49.36
CA GLN C 124 -23.52 -6.83 49.64
C GLN C 124 -23.11 -7.98 48.74
N ASP C 125 -24.00 -8.93 48.50
CA ASP C 125 -23.71 -10.08 47.64
C ASP C 125 -24.95 -10.37 46.79
N GLY C 126 -25.56 -9.32 46.26
CA GLY C 126 -26.81 -9.49 45.54
C GLY C 126 -27.92 -10.01 46.43
N VAL C 127 -27.84 -9.74 47.73
CA VAL C 127 -28.83 -10.21 48.69
C VAL C 127 -29.00 -9.14 49.76
N ASN C 128 -30.26 -8.80 50.04
CA ASN C 128 -30.60 -7.88 51.11
C ASN C 128 -31.78 -8.46 51.89
N ALA C 129 -31.54 -8.77 53.17
CA ALA C 129 -32.60 -9.26 54.04
C ALA C 129 -33.51 -8.16 54.55
N CYS C 130 -33.20 -6.90 54.28
CA CYS C 130 -34.00 -5.78 54.75
C CYS C 130 -35.06 -5.33 53.75
N ILE C 131 -34.98 -5.78 52.50
CA ILE C 131 -35.96 -5.38 51.50
C ILE C 131 -37.35 -5.90 51.87
N LEU C 132 -37.43 -7.17 52.28
CA LEU C 132 -38.73 -7.76 52.62
C LEU C 132 -39.42 -7.06 53.78
N PRO C 133 -38.82 -6.90 54.97
CA PRO C 133 -39.57 -6.34 56.10
C PRO C 133 -40.20 -5.00 55.79
N LEU C 134 -39.47 -4.15 55.06
CA LEU C 134 -40.05 -2.90 54.58
C LEU C 134 -41.26 -3.17 53.70
N LEU C 135 -41.21 -4.23 52.90
CA LEU C 135 -42.32 -4.53 52.01
C LEU C 135 -43.57 -4.94 52.79
N GLN C 136 -43.44 -5.84 53.78
CA GLN C 136 -44.68 -6.21 54.47
C GLN C 136 -45.11 -5.15 55.48
N ILE C 137 -44.21 -4.26 55.92
CA ILE C 137 -44.69 -3.18 56.78
C ILE C 137 -45.24 -2.02 55.96
N ASP C 138 -45.00 -2.00 54.65
CA ASP C 138 -45.60 -0.98 53.80
C ASP C 138 -46.89 -1.43 53.13
N ARG C 139 -47.12 -2.74 53.01
CA ARG C 139 -48.33 -3.26 52.37
C ARG C 139 -49.50 -3.42 53.34
N ASP C 140 -49.29 -3.25 54.64
CA ASP C 140 -50.37 -3.31 55.60
C ASP C 140 -50.96 -1.95 55.94
N SER C 141 -50.25 -0.87 55.61
CA SER C 141 -50.72 0.49 55.88
C SER C 141 -50.56 1.42 54.70
N GLY C 142 -50.19 0.92 53.52
CA GLY C 142 -49.94 1.80 52.40
C GLY C 142 -51.21 2.46 51.88
N ASN C 143 -51.04 3.64 51.30
CA ASN C 143 -52.12 4.42 50.74
C ASN C 143 -51.97 3.83 49.32
N PRO C 144 -52.85 4.07 48.31
CA PRO C 144 -52.86 3.13 47.17
C PRO C 144 -51.51 2.97 46.49
N GLN C 145 -50.61 3.94 46.65
CA GLN C 145 -49.24 3.81 46.15
C GLN C 145 -48.39 3.08 47.18
N PRO C 146 -47.81 1.92 46.84
CA PRO C 146 -46.99 1.17 47.78
C PRO C 146 -45.51 1.53 47.79
N LEU C 147 -45.13 2.70 47.26
CA LEU C 147 -43.75 3.14 47.18
C LEU C 147 -42.89 2.18 46.36
N VAL C 148 -43.57 1.40 45.51
CA VAL C 148 -42.89 0.56 44.53
C VAL C 148 -43.21 1.13 43.15
N ASN C 149 -44.41 1.68 43.00
CA ASN C 149 -44.80 2.39 41.80
C ASN C 149 -44.54 3.89 41.88
N ALA C 150 -44.02 4.37 43.01
CA ALA C 150 -43.70 5.77 43.21
C ALA C 150 -42.26 6.04 42.76
N GLN C 151 -42.06 7.15 42.08
CA GLN C 151 -40.76 7.45 41.48
C GLN C 151 -40.28 8.83 41.88
N CYS C 152 -39.15 9.26 41.32
CA CYS C 152 -38.57 10.56 41.62
C CYS C 152 -39.33 11.67 40.89
N THR C 153 -39.35 12.84 41.50
CA THR C 153 -39.97 14.02 40.91
C THR C 153 -38.96 15.02 40.36
N ASP C 154 -37.66 14.76 40.52
CA ASP C 154 -36.64 15.66 40.01
C ASP C 154 -36.67 15.67 38.48
N GLU C 155 -36.37 16.84 37.90
CA GLU C 155 -36.40 16.98 36.45
C GLU C 155 -35.42 16.02 35.78
N PHE C 156 -34.27 15.77 36.42
CA PHE C 156 -33.28 14.87 35.86
C PHE C 156 -33.79 13.44 35.81
N TYR C 157 -34.49 13.01 36.86
CA TYR C 157 -34.97 11.63 37.00
C TYR C 157 -36.49 11.58 37.14
N ARG C 158 -37.20 12.31 36.29
CA ARG C 158 -38.66 12.36 36.40
C ARG C 158 -39.30 11.10 35.85
N GLY C 159 -39.49 10.10 36.69
CA GLY C 159 -40.11 8.86 36.26
C GLY C 159 -39.36 7.62 36.70
N HIS C 160 -38.11 7.82 37.12
CA HIS C 160 -37.23 6.71 37.48
C HIS C 160 -37.69 6.07 38.78
N SER C 161 -38.29 4.87 38.69
CA SER C 161 -38.82 4.18 39.85
C SER C 161 -37.84 3.10 40.33
N ALA C 162 -38.20 2.46 41.44
CA ALA C 162 -37.32 1.48 42.07
C ALA C 162 -37.08 0.27 41.17
N LEU C 163 -38.07 -0.08 40.35
CA LEU C 163 -37.93 -1.23 39.47
C LEU C 163 -36.78 -1.03 38.47
N HIS C 164 -36.59 0.21 38.02
CA HIS C 164 -35.49 0.50 37.10
C HIS C 164 -34.15 0.19 37.75
N ILE C 165 -33.98 0.58 39.01
CA ILE C 165 -32.76 0.20 39.74
C ILE C 165 -32.69 -1.31 39.87
N ALA C 166 -33.82 -1.95 40.14
CA ALA C 166 -33.84 -3.40 40.36
C ALA C 166 -33.27 -4.14 39.15
N ILE C 167 -33.77 -3.84 37.96
CA ILE C 167 -33.18 -4.44 36.76
C ILE C 167 -31.74 -3.95 36.56
N GLU C 168 -31.48 -2.66 36.73
CA GLU C 168 -30.16 -2.12 36.40
C GLU C 168 -29.05 -2.67 37.29
N LYS C 169 -29.34 -3.05 38.52
CA LYS C 169 -28.33 -3.63 39.40
C LYS C 169 -28.04 -5.09 39.06
N ARG C 170 -28.71 -5.64 38.04
CA ARG C 170 -28.50 -7.01 37.59
C ARG C 170 -28.77 -8.00 38.72
N SER C 171 -29.89 -7.79 39.40
CA SER C 171 -30.35 -8.66 40.48
C SER C 171 -31.76 -9.10 40.14
N LEU C 172 -31.89 -10.34 39.64
CA LEU C 172 -33.21 -10.84 39.26
C LEU C 172 -34.09 -11.05 40.47
N TRP C 173 -33.48 -11.34 41.62
CA TRP C 173 -34.26 -11.61 42.83
C TRP C 173 -35.10 -10.40 43.22
N CYS C 174 -34.49 -9.21 43.22
CA CYS C 174 -35.23 -8.02 43.64
C CYS C 174 -36.27 -7.63 42.59
N VAL C 175 -35.99 -7.93 41.32
CA VAL C 175 -37.00 -7.71 40.27
C VAL C 175 -38.22 -8.57 40.54
N LYS C 176 -38.00 -9.85 40.86
CA LYS C 176 -39.10 -10.68 41.32
C LYS C 176 -39.81 -10.04 42.50
N LEU C 177 -39.09 -9.86 43.61
CA LEU C 177 -39.66 -9.34 44.84
C LEU C 177 -40.53 -8.11 44.58
N LEU C 178 -40.11 -7.28 43.64
CA LEU C 178 -40.91 -6.13 43.25
C LEU C 178 -42.15 -6.55 42.46
N VAL C 179 -42.03 -7.59 41.62
CA VAL C 179 -43.15 -7.87 40.71
C VAL C 179 -44.25 -8.71 41.36
N GLU C 180 -43.95 -9.63 42.28
CA GLU C 180 -45.07 -10.29 42.94
C GLU C 180 -45.86 -9.36 43.85
N ASN C 181 -45.20 -8.43 44.55
CA ASN C 181 -45.90 -7.53 45.46
C ASN C 181 -46.55 -6.35 44.74
N GLY C 182 -46.54 -6.33 43.41
CA GLY C 182 -47.15 -5.25 42.66
C GLY C 182 -46.15 -4.23 42.18
N ALA C 183 -46.03 -4.06 40.86
CA ALA C 183 -45.10 -3.10 40.29
C ALA C 183 -45.57 -2.79 38.87
N ASN C 184 -45.98 -1.54 38.64
CA ASN C 184 -46.45 -1.13 37.32
C ASN C 184 -45.29 -1.17 36.33
N VAL C 185 -45.29 -2.16 35.44
CA VAL C 185 -44.20 -2.36 34.50
C VAL C 185 -44.21 -1.24 33.45
N HIS C 186 -45.31 -0.52 33.36
CA HIS C 186 -45.48 0.53 32.35
C HIS C 186 -45.19 1.91 32.92
N ILE C 187 -44.22 1.98 33.84
CA ILE C 187 -43.78 3.25 34.43
C ILE C 187 -42.70 3.80 33.52
N ARG C 188 -42.94 5.00 32.97
CA ARG C 188 -41.99 5.62 32.06
C ARG C 188 -41.07 6.56 32.84
N ALA C 189 -39.78 6.45 32.60
CA ALA C 189 -38.78 7.32 33.22
C ALA C 189 -38.45 8.50 32.30
N CYS C 190 -39.41 9.41 32.18
CA CYS C 190 -39.29 10.56 31.29
C CYS C 190 -38.49 11.66 31.99
N GLY C 191 -37.20 11.40 32.18
CA GLY C 191 -36.29 12.34 32.80
C GLY C 191 -35.27 12.85 31.79
N ARG C 192 -34.61 13.94 32.16
CA ARG C 192 -33.64 14.59 31.28
C ARG C 192 -32.47 13.68 30.93
N PHE C 193 -32.05 12.81 31.84
CA PHE C 193 -30.97 11.86 31.61
C PHE C 193 -31.37 10.73 30.67
N PHE C 194 -32.66 10.40 30.60
CA PHE C 194 -33.13 9.24 29.85
C PHE C 194 -33.67 9.58 28.47
N GLN C 195 -33.70 10.87 28.11
CA GLN C 195 -34.11 11.25 26.77
C GLN C 195 -32.90 11.33 25.85
N LYS C 196 -33.17 11.50 24.55
CA LYS C 196 -32.12 11.55 23.54
C LYS C 196 -31.73 13.01 23.32
N HIS C 197 -30.53 13.37 23.76
CA HIS C 197 -30.02 14.73 23.60
C HIS C 197 -28.50 14.66 23.52
N GLN C 198 -27.87 15.83 23.61
CA GLN C 198 -26.42 15.91 23.60
C GLN C 198 -25.91 16.23 25.00
N GLY C 199 -24.90 15.48 25.45
CA GLY C 199 -24.34 15.62 26.78
C GLY C 199 -24.40 14.31 27.55
N THR C 200 -24.85 14.40 28.80
CA THR C 200 -25.01 13.23 29.65
C THR C 200 -26.41 12.65 29.44
N CYS C 201 -26.47 11.51 28.75
CA CYS C 201 -27.75 10.89 28.45
C CYS C 201 -27.53 9.43 28.08
N PHE C 202 -28.60 8.65 28.23
CA PHE C 202 -28.62 7.27 27.73
C PHE C 202 -30.07 6.89 27.49
N TYR C 203 -30.48 6.87 26.23
CA TYR C 203 -31.84 6.52 25.86
C TYR C 203 -31.96 5.01 25.68
N PHE C 204 -32.86 4.39 26.44
CA PHE C 204 -33.11 2.97 26.34
C PHE C 204 -34.58 2.63 26.15
N GLY C 205 -35.43 3.61 25.89
CA GLY C 205 -36.85 3.39 25.73
C GLY C 205 -37.68 3.73 26.95
N GLU C 206 -37.06 4.20 28.03
CA GLU C 206 -37.72 4.56 29.30
C GLU C 206 -38.83 3.58 29.67
N LEU C 207 -38.49 2.29 29.60
CA LEU C 207 -39.40 1.21 29.95
C LEU C 207 -38.58 0.08 30.56
N PRO C 208 -39.05 -0.53 31.64
CA PRO C 208 -38.28 -1.62 32.26
C PRO C 208 -37.97 -2.77 31.32
N LEU C 209 -38.93 -3.14 30.46
CA LEU C 209 -38.68 -4.21 29.50
C LEU C 209 -37.62 -3.80 28.48
N SER C 210 -37.73 -2.57 27.96
CA SER C 210 -36.74 -2.07 27.02
C SER C 210 -35.39 -1.87 27.71
N LEU C 211 -35.42 -1.43 28.97
CA LEU C 211 -34.18 -1.26 29.73
C LEU C 211 -33.46 -2.60 29.88
N ALA C 212 -34.21 -3.65 30.22
CA ALA C 212 -33.63 -4.98 30.37
C ALA C 212 -33.12 -5.50 29.03
N ALA C 213 -33.87 -5.26 27.94
CA ALA C 213 -33.45 -5.73 26.63
C ALA C 213 -32.17 -5.05 26.17
N CYS C 214 -32.06 -3.74 26.41
CA CYS C 214 -30.91 -2.98 25.94
C CYS C 214 -29.62 -3.31 26.69
N THR C 215 -29.69 -4.02 27.82
CA THR C 215 -28.53 -4.31 28.64
C THR C 215 -28.11 -5.77 28.55
N LYS C 216 -28.50 -6.46 27.47
CA LYS C 216 -28.11 -7.85 27.23
C LYS C 216 -28.48 -8.75 28.42
N GLN C 217 -29.60 -8.43 29.06
CA GLN C 217 -30.08 -9.17 30.22
C GLN C 217 -31.16 -10.14 29.73
N TRP C 218 -30.74 -11.21 29.05
CA TRP C 218 -31.69 -12.20 28.57
C TRP C 218 -31.99 -13.25 29.62
N ASP C 219 -32.30 -12.79 30.84
CA ASP C 219 -32.79 -13.65 31.92
C ASP C 219 -34.01 -12.99 32.55
N VAL C 220 -33.98 -11.67 32.64
CA VAL C 220 -35.08 -10.91 33.23
C VAL C 220 -36.10 -10.47 32.17
N VAL C 221 -35.65 -10.25 30.92
CA VAL C 221 -36.58 -9.96 29.84
C VAL C 221 -37.60 -11.08 29.71
N THR C 222 -37.14 -12.32 29.80
CA THR C 222 -38.07 -13.44 29.81
C THR C 222 -39.01 -13.35 31.01
N TYR C 223 -38.46 -13.17 32.21
CA TYR C 223 -39.28 -13.20 33.42
C TYR C 223 -40.38 -12.15 33.39
N LEU C 224 -40.15 -11.04 32.69
CA LEU C 224 -41.21 -10.05 32.55
C LEU C 224 -42.35 -10.56 31.67
N LEU C 225 -42.15 -11.67 30.97
CA LEU C 225 -43.14 -12.14 29.99
C LEU C 225 -43.94 -13.37 30.45
N GLU C 226 -43.45 -14.18 31.40
CA GLU C 226 -44.30 -15.22 31.98
C GLU C 226 -44.58 -15.06 33.46
N ASN C 227 -44.43 -13.87 34.03
CA ASN C 227 -44.83 -13.65 35.40
C ASN C 227 -46.35 -13.76 35.55
N PRO C 228 -46.85 -14.61 36.46
CA PRO C 228 -48.29 -14.89 36.47
C PRO C 228 -49.14 -13.73 36.91
N HIS C 229 -48.64 -12.86 37.78
CA HIS C 229 -49.44 -11.80 38.38
C HIS C 229 -49.83 -10.73 37.37
N GLN C 230 -48.85 -10.11 36.73
CA GLN C 230 -49.08 -8.99 35.81
C GLN C 230 -48.11 -9.10 34.63
N PRO C 231 -48.58 -9.57 33.48
CA PRO C 231 -47.71 -9.66 32.31
C PRO C 231 -47.31 -8.28 31.80
N ALA C 232 -46.12 -8.22 31.21
CA ALA C 232 -45.62 -6.99 30.61
C ALA C 232 -45.86 -7.00 29.11
N SER C 233 -46.62 -6.02 28.63
CA SER C 233 -46.94 -5.97 27.21
C SER C 233 -45.69 -5.69 26.38
N LEU C 234 -45.58 -6.39 25.26
CA LEU C 234 -44.43 -6.25 24.37
C LEU C 234 -44.66 -5.20 23.28
N GLU C 235 -45.91 -4.85 22.99
CA GLU C 235 -46.24 -3.80 22.03
C GLU C 235 -46.48 -2.47 22.74
N ALA C 236 -45.95 -2.33 23.95
CA ALA C 236 -46.10 -1.12 24.74
C ALA C 236 -45.08 -0.08 24.27
N THR C 237 -45.53 1.17 24.18
CA THR C 237 -44.72 2.26 23.66
C THR C 237 -44.49 3.31 24.74
N ASP C 238 -43.40 4.05 24.58
CA ASP C 238 -43.02 5.08 25.53
C ASP C 238 -43.63 6.41 25.10
N SER C 239 -43.22 7.51 25.76
CA SER C 239 -43.76 8.83 25.43
C SER C 239 -43.30 9.35 24.08
N LEU C 240 -42.23 8.79 23.52
CA LEU C 240 -41.71 9.21 22.23
C LEU C 240 -42.33 8.41 21.08
N GLY C 241 -43.29 7.54 21.36
CA GLY C 241 -43.85 6.69 20.33
C GLY C 241 -42.96 5.54 19.93
N ASN C 242 -41.99 5.21 20.77
CA ASN C 242 -41.02 4.16 20.49
C ASN C 242 -41.34 2.91 21.29
N THR C 243 -41.35 1.76 20.62
CA THR C 243 -41.53 0.48 21.28
C THR C 243 -40.16 -0.10 21.62
N VAL C 244 -40.16 -1.35 22.09
CA VAL C 244 -38.90 -1.98 22.48
C VAL C 244 -37.99 -2.14 21.27
N LEU C 245 -38.55 -2.47 20.11
CA LEU C 245 -37.74 -2.63 18.91
C LEU C 245 -37.12 -1.31 18.48
N HIS C 246 -37.89 -0.22 18.56
CA HIS C 246 -37.35 1.10 18.29
C HIS C 246 -36.24 1.46 19.27
N ALA C 247 -36.42 1.14 20.55
CA ALA C 247 -35.36 1.39 21.53
C ALA C 247 -34.11 0.61 21.17
N LEU C 248 -34.28 -0.63 20.72
CA LEU C 248 -33.13 -1.45 20.31
C LEU C 248 -32.41 -0.83 19.13
N VAL C 249 -33.16 -0.33 18.14
CA VAL C 249 -32.51 0.21 16.94
C VAL C 249 -31.88 1.57 17.24
N MET C 250 -32.38 2.29 18.25
CA MET C 250 -31.73 3.53 18.67
C MET C 250 -30.31 3.29 19.18
N ILE C 251 -30.11 2.24 19.98
CA ILE C 251 -28.86 2.07 20.71
C ILE C 251 -27.82 1.36 19.85
N ALA C 252 -28.13 1.16 18.57
CA ALA C 252 -27.24 0.44 17.67
C ALA C 252 -26.19 1.41 17.12
N ASP C 253 -24.93 1.08 17.36
CA ASP C 253 -23.82 1.78 16.72
C ASP C 253 -23.19 0.89 15.66
N ASN C 254 -22.42 1.50 14.77
CA ASN C 254 -21.76 0.76 13.69
C ASN C 254 -20.45 0.14 14.17
N SER C 255 -20.54 -0.62 15.25
CA SER C 255 -19.41 -1.30 15.87
C SER C 255 -19.63 -2.81 15.84
N PRO C 256 -18.56 -3.59 15.65
CA PRO C 256 -18.72 -5.05 15.56
C PRO C 256 -19.26 -5.69 16.83
N GLU C 257 -18.99 -5.06 17.97
CA GLU C 257 -19.40 -5.65 19.25
C GLU C 257 -20.81 -5.22 19.65
N ASN C 258 -21.27 -4.06 19.19
CA ASN C 258 -22.63 -3.62 19.49
C ASN C 258 -23.63 -4.13 18.46
N SER C 259 -23.21 -4.25 17.21
CA SER C 259 -24.10 -4.73 16.16
C SER C 259 -24.54 -6.17 16.43
N ALA C 260 -23.60 -7.01 16.86
CA ALA C 260 -23.94 -8.40 17.17
C ALA C 260 -24.93 -8.48 18.33
N LEU C 261 -24.71 -7.67 19.37
CA LEU C 261 -25.62 -7.63 20.50
C LEU C 261 -27.02 -7.22 20.06
N VAL C 262 -27.11 -6.13 19.30
CA VAL C 262 -28.40 -5.61 18.87
C VAL C 262 -29.11 -6.63 17.99
N ILE C 263 -28.37 -7.25 17.06
CA ILE C 263 -28.95 -8.22 16.14
C ILE C 263 -29.49 -9.43 16.90
N HIS C 264 -28.69 -9.96 17.83
CA HIS C 264 -29.11 -11.14 18.57
C HIS C 264 -30.33 -10.84 19.43
N MET C 265 -30.33 -9.69 20.11
CA MET C 265 -31.49 -9.33 20.92
C MET C 265 -32.72 -9.11 20.06
N TYR C 266 -32.55 -8.48 18.90
CA TYR C 266 -33.64 -8.26 17.96
C TYR C 266 -34.27 -9.59 17.56
N ASP C 267 -33.45 -10.53 17.10
CA ASP C 267 -33.95 -11.82 16.64
C ASP C 267 -34.61 -12.60 17.78
N SER C 268 -33.94 -12.65 18.94
CA SER C 268 -34.47 -13.41 20.06
C SER C 268 -35.80 -12.83 20.54
N LEU C 269 -35.91 -11.51 20.59
CA LEU C 269 -37.14 -10.89 21.06
C LEU C 269 -38.26 -11.05 20.03
N LEU C 270 -37.91 -11.06 18.74
CA LEU C 270 -38.93 -11.31 17.72
C LEU C 270 -39.49 -12.73 17.85
N GLN C 271 -38.60 -13.71 18.03
CA GLN C 271 -39.06 -15.08 18.26
C GLN C 271 -39.86 -15.19 19.55
N MET C 272 -39.45 -14.45 20.58
CA MET C 272 -40.19 -14.45 21.85
C MET C 272 -41.59 -13.89 21.66
N GLY C 273 -41.73 -12.82 20.89
CA GLY C 273 -43.04 -12.24 20.66
C GLY C 273 -43.89 -13.07 19.72
N ALA C 274 -43.25 -13.93 18.93
CA ALA C 274 -44.00 -14.84 18.08
C ALA C 274 -44.89 -15.77 18.89
N ARG C 275 -44.37 -16.29 20.00
CA ARG C 275 -45.09 -17.23 20.83
C ARG C 275 -46.10 -16.55 21.77
N LEU C 276 -45.92 -15.26 22.07
CA LEU C 276 -46.79 -14.54 22.98
C LEU C 276 -47.95 -13.86 22.25
N CYS C 277 -47.65 -13.01 21.27
CA CYS C 277 -48.66 -12.26 20.52
C CYS C 277 -48.56 -12.64 19.05
N PRO C 278 -49.32 -13.65 18.60
CA PRO C 278 -49.26 -14.03 17.19
C PRO C 278 -50.16 -13.21 16.30
N THR C 279 -51.24 -12.66 16.87
CA THR C 279 -52.21 -11.90 16.07
C THR C 279 -51.69 -10.53 15.68
N VAL C 280 -50.72 -9.98 16.41
CA VAL C 280 -50.17 -8.67 16.10
C VAL C 280 -48.67 -8.81 15.80
N GLN C 281 -48.25 -8.16 14.73
CA GLN C 281 -46.86 -8.21 14.28
C GLN C 281 -46.14 -6.93 14.69
N LEU C 282 -44.96 -7.10 15.30
CA LEU C 282 -44.23 -5.98 15.88
C LEU C 282 -43.49 -5.15 14.83
N GLU C 283 -43.20 -5.72 13.67
CA GLU C 283 -42.37 -5.01 12.69
C GLU C 283 -43.08 -3.80 12.11
N ASP C 284 -44.41 -3.74 12.25
CA ASP C 284 -45.18 -2.64 11.69
C ASP C 284 -45.85 -1.80 12.77
N ILE C 285 -45.11 -1.51 13.85
CA ILE C 285 -45.59 -0.64 14.91
C ILE C 285 -45.14 0.77 14.55
N CYS C 286 -46.10 1.67 14.36
CA CYS C 286 -45.80 3.00 13.86
C CYS C 286 -45.27 3.90 14.98
N ASN C 287 -44.22 4.65 14.66
CA ASN C 287 -43.65 5.61 15.58
C ASN C 287 -44.51 6.88 15.63
N HIS C 288 -44.15 7.78 16.54
CA HIS C 288 -44.79 9.10 16.56
C HIS C 288 -44.46 9.89 15.30
N GLN C 289 -43.26 9.68 14.76
CA GLN C 289 -42.85 10.29 13.50
C GLN C 289 -43.33 9.51 12.29
N GLY C 290 -44.02 8.40 12.49
CA GLY C 290 -44.52 7.62 11.38
C GLY C 290 -43.58 6.57 10.85
N LEU C 291 -42.60 6.14 11.64
CA LEU C 291 -41.57 5.23 11.17
C LEU C 291 -41.71 3.85 11.82
N THR C 292 -41.15 2.86 11.15
CA THR C 292 -41.07 1.48 11.61
C THR C 292 -39.61 1.16 11.88
N PRO C 293 -39.32 0.06 12.59
CA PRO C 293 -37.92 -0.25 12.90
C PRO C 293 -37.01 -0.29 11.68
N LEU C 294 -37.48 -0.83 10.56
CA LEU C 294 -36.68 -0.82 9.34
C LEU C 294 -36.50 0.60 8.83
N LYS C 295 -37.58 1.37 8.75
CA LYS C 295 -37.49 2.76 8.31
C LYS C 295 -36.67 3.59 9.30
N LEU C 296 -36.83 3.33 10.59
CA LEU C 296 -36.08 4.06 11.60
C LEU C 296 -34.58 3.76 11.49
N ALA C 297 -34.23 2.50 11.21
CA ALA C 297 -32.84 2.17 10.96
C ALA C 297 -32.32 2.85 9.70
N ALA C 298 -33.16 2.92 8.66
CA ALA C 298 -32.75 3.58 7.43
C ALA C 298 -32.48 5.06 7.65
N LYS C 299 -33.36 5.74 8.40
CA LYS C 299 -33.20 7.17 8.63
C LYS C 299 -32.05 7.51 9.56
N GLU C 300 -31.84 6.72 10.62
CA GLU C 300 -30.80 7.03 11.59
C GLU C 300 -29.41 6.60 11.12
N GLY C 301 -29.31 5.91 9.99
CA GLY C 301 -28.04 5.56 9.42
C GLY C 301 -27.39 4.31 9.97
N LYS C 302 -28.03 3.61 10.91
CA LYS C 302 -27.49 2.35 11.40
C LYS C 302 -27.51 1.33 10.27
N ILE C 303 -26.34 0.94 9.78
CA ILE C 303 -26.23 0.15 8.57
C ILE C 303 -26.22 -1.34 8.87
N GLU C 304 -25.62 -1.73 9.99
CA GLU C 304 -25.49 -3.15 10.31
C GLU C 304 -26.85 -3.77 10.61
N ILE C 305 -27.62 -3.13 11.49
CA ILE C 305 -28.95 -3.65 11.83
C ILE C 305 -29.88 -3.54 10.62
N PHE C 306 -29.73 -2.47 9.83
CA PHE C 306 -30.51 -2.33 8.61
C PHE C 306 -30.20 -3.47 7.64
N ARG C 307 -28.92 -3.79 7.48
CA ARG C 307 -28.53 -4.91 6.61
C ARG C 307 -29.11 -6.22 7.11
N HIS C 308 -29.05 -6.45 8.44
CA HIS C 308 -29.55 -7.71 8.97
C HIS C 308 -31.06 -7.84 8.80
N ILE C 309 -31.80 -6.76 9.10
CA ILE C 309 -33.24 -6.77 8.93
C ILE C 309 -33.66 -6.91 7.48
N LEU C 310 -32.93 -6.28 6.56
CA LEU C 310 -33.28 -6.33 5.14
C LEU C 310 -33.24 -7.75 4.59
N GLN C 311 -32.24 -8.53 4.98
CA GLN C 311 -32.15 -9.95 4.60
C GLN C 311 -31.91 -10.78 5.86
N ARG C 312 -32.98 -11.40 6.36
CA ARG C 312 -32.91 -12.30 7.50
C ARG C 312 -33.71 -13.56 7.18
N GLU C 313 -33.15 -14.72 7.53
CA GLU C 313 -33.77 -16.01 7.25
C GLU C 313 -33.75 -16.87 8.51
N PHE C 314 -34.80 -17.67 8.69
CA PHE C 314 -34.94 -18.56 9.83
C PHE C 314 -35.12 -20.00 9.33
N SER C 315 -35.00 -20.95 10.27
CA SER C 315 -34.96 -22.37 9.90
C SER C 315 -36.31 -23.06 9.99
N GLY C 316 -36.94 -23.04 11.17
CA GLY C 316 -38.08 -23.90 11.40
C GLY C 316 -39.42 -23.23 11.60
N LEU C 317 -39.86 -23.14 12.86
CA LEU C 317 -41.22 -22.69 13.15
C LEU C 317 -41.41 -21.21 12.84
N TYR C 318 -40.33 -20.46 12.69
CA TYR C 318 -40.39 -19.02 12.51
C TYR C 318 -40.16 -18.61 11.06
N GLN C 319 -40.69 -19.41 10.11
CA GLN C 319 -40.65 -19.01 8.71
C GLN C 319 -41.39 -17.70 8.45
N PRO C 320 -42.60 -17.46 8.98
CA PRO C 320 -43.28 -16.19 8.69
C PRO C 320 -42.49 -14.96 9.10
N LEU C 321 -41.65 -15.06 10.12
CA LEU C 321 -40.86 -13.93 10.60
C LEU C 321 -39.55 -13.87 9.82
N SER C 322 -39.68 -13.78 8.50
CA SER C 322 -38.50 -13.75 7.64
C SER C 322 -38.73 -12.79 6.50
N ARG C 323 -37.64 -12.25 5.97
CA ARG C 323 -37.66 -11.33 4.84
C ARG C 323 -37.09 -11.92 3.57
N LYS C 324 -36.01 -12.69 3.68
CA LYS C 324 -35.37 -13.35 2.54
C LYS C 324 -35.71 -14.83 2.58
N PHE C 325 -36.24 -15.35 1.49
CA PHE C 325 -36.57 -16.76 1.37
C PHE C 325 -35.75 -17.40 0.25
N THR C 326 -35.48 -18.69 0.41
CA THR C 326 -34.71 -19.45 -0.56
C THR C 326 -35.63 -20.40 -1.31
N GLU C 327 -35.63 -20.28 -2.63
CA GLU C 327 -36.48 -21.08 -3.50
C GLU C 327 -35.72 -22.36 -3.87
N TRP C 328 -36.18 -23.09 -4.88
CA TRP C 328 -35.61 -24.38 -5.23
C TRP C 328 -34.10 -24.28 -5.46
N CYS C 329 -33.36 -25.20 -4.87
CA CYS C 329 -31.92 -25.31 -5.05
C CYS C 329 -31.56 -26.36 -6.09
N TYR C 330 -31.96 -26.14 -7.34
CA TYR C 330 -31.62 -27.07 -8.41
C TYR C 330 -30.13 -26.97 -8.71
N GLY C 331 -29.35 -27.95 -8.28
CA GLY C 331 -27.92 -27.90 -8.40
C GLY C 331 -27.33 -26.75 -7.60
N PRO C 332 -26.33 -26.07 -8.16
CA PRO C 332 -25.65 -24.98 -7.45
C PRO C 332 -26.26 -23.60 -7.63
N VAL C 333 -27.37 -23.46 -8.33
CA VAL C 333 -28.03 -22.17 -8.54
C VAL C 333 -29.23 -22.08 -7.59
N ARG C 334 -29.35 -20.93 -6.93
CA ARG C 334 -30.45 -20.68 -6.01
C ARG C 334 -31.18 -19.39 -6.36
N VAL C 335 -32.48 -19.38 -6.09
CA VAL C 335 -33.32 -18.21 -6.26
C VAL C 335 -33.61 -17.63 -4.89
N SER C 336 -33.21 -16.39 -4.67
CA SER C 336 -33.49 -15.67 -3.45
C SER C 336 -34.64 -14.70 -3.70
N LEU C 337 -35.65 -14.77 -2.83
CA LEU C 337 -36.83 -13.90 -2.88
C LEU C 337 -36.74 -12.95 -1.71
N TYR C 338 -36.56 -11.66 -2.01
CA TYR C 338 -36.49 -10.65 -0.97
C TYR C 338 -37.85 -9.96 -0.80
N ASP C 339 -38.24 -9.75 0.45
CA ASP C 339 -39.49 -9.07 0.73
C ASP C 339 -39.37 -7.59 0.35
N LEU C 340 -40.37 -7.10 -0.38
CA LEU C 340 -40.41 -5.70 -0.82
C LEU C 340 -41.46 -4.89 -0.06
N SER C 341 -41.67 -5.21 1.21
CA SER C 341 -42.62 -4.49 2.04
C SER C 341 -41.94 -3.27 2.66
N SER C 342 -42.55 -2.10 2.45
CA SER C 342 -42.08 -0.83 3.02
C SER C 342 -40.69 -0.44 2.51
N VAL C 343 -40.21 -1.13 1.48
CA VAL C 343 -38.95 -0.75 0.84
C VAL C 343 -39.12 -0.44 -0.64
N ASP C 344 -40.12 -1.02 -1.31
CA ASP C 344 -40.41 -0.64 -2.69
C ASP C 344 -40.92 0.80 -2.74
N SER C 345 -40.49 1.52 -3.76
CA SER C 345 -40.81 2.94 -3.90
C SER C 345 -42.27 3.19 -4.24
N TRP C 346 -43.03 2.14 -4.56
CA TRP C 346 -44.45 2.32 -4.85
C TRP C 346 -45.23 2.84 -3.65
N GLU C 347 -44.78 2.57 -2.44
CA GLU C 347 -45.41 3.09 -1.23
C GLU C 347 -45.05 4.56 -1.07
N LYS C 348 -45.83 5.24 -0.21
CA LYS C 348 -45.65 6.67 0.01
C LYS C 348 -44.29 6.97 0.63
N ASN C 349 -44.05 6.42 1.82
CA ASN C 349 -42.80 6.62 2.55
C ASN C 349 -42.03 5.31 2.54
N SER C 350 -41.20 5.12 1.52
CA SER C 350 -40.44 3.89 1.37
C SER C 350 -39.02 4.07 1.92
N VAL C 351 -38.32 2.94 2.08
CA VAL C 351 -36.94 2.98 2.55
C VAL C 351 -36.01 3.64 1.54
N LEU C 352 -36.24 3.44 0.25
CA LEU C 352 -35.42 4.08 -0.77
C LEU C 352 -35.51 5.60 -0.71
N GLU C 353 -36.71 6.15 -0.52
CA GLU C 353 -36.89 7.58 -0.36
C GLU C 353 -36.28 8.12 0.93
N ILE C 354 -36.35 7.35 2.02
CA ILE C 354 -35.80 7.77 3.30
C ILE C 354 -34.30 7.98 3.18
N ILE C 355 -33.60 7.00 2.62
CA ILE C 355 -32.15 7.09 2.45
C ILE C 355 -31.82 8.28 1.54
N ALA C 356 -32.60 8.44 0.48
CA ALA C 356 -32.29 9.45 -0.52
C ALA C 356 -32.46 10.87 0.01
N PHE C 357 -33.55 11.13 0.73
CA PHE C 357 -33.96 12.50 1.00
C PHE C 357 -34.08 12.84 2.48
N HIS C 358 -33.82 11.90 3.39
CA HIS C 358 -34.03 12.18 4.81
C HIS C 358 -32.82 11.79 5.66
N CYS C 359 -32.06 10.79 5.22
CA CYS C 359 -30.93 10.31 6.00
C CYS C 359 -29.83 11.36 6.03
N LYS C 360 -29.39 11.73 7.24
CA LYS C 360 -28.39 12.76 7.45
C LYS C 360 -27.01 12.17 7.75
N SER C 361 -26.86 10.87 7.51
CA SER C 361 -25.62 10.20 7.87
C SER C 361 -24.46 10.67 7.01
N PRO C 362 -23.24 10.68 7.56
CA PRO C 362 -22.07 11.11 6.77
C PRO C 362 -21.85 10.24 5.54
N HIS C 363 -21.99 8.94 5.69
CA HIS C 363 -21.86 8.00 4.58
C HIS C 363 -23.17 7.22 4.45
N ARG C 364 -24.12 7.81 3.73
CA ARG C 364 -25.36 7.13 3.38
C ARG C 364 -25.32 6.53 1.98
N HIS C 365 -24.21 6.69 1.26
CA HIS C 365 -24.02 6.05 -0.02
C HIS C 365 -23.57 4.60 0.10
N ARG C 366 -23.22 4.15 1.30
CA ARG C 366 -22.92 2.74 1.54
C ARG C 366 -24.16 1.91 1.81
N MET C 367 -25.29 2.55 2.12
CA MET C 367 -26.54 1.84 2.37
C MET C 367 -27.36 1.61 1.11
N VAL C 368 -26.87 2.07 -0.05
CA VAL C 368 -27.61 1.99 -1.30
C VAL C 368 -27.08 0.89 -2.21
N VAL C 369 -25.90 0.36 -1.94
CA VAL C 369 -25.27 -0.64 -2.80
C VAL C 369 -25.35 -2.05 -2.24
N LEU C 370 -26.14 -2.24 -1.17
CA LEU C 370 -26.33 -3.55 -0.57
C LEU C 370 -27.25 -4.38 -1.46
N GLU C 371 -26.94 -5.67 -1.60
CA GLU C 371 -27.66 -6.67 -2.42
C GLU C 371 -29.05 -6.34 -3.00
N PRO C 372 -30.10 -6.49 -2.19
CA PRO C 372 -31.47 -6.34 -2.65
C PRO C 372 -31.70 -4.97 -3.29
N LEU C 373 -31.35 -3.91 -2.57
CA LEU C 373 -31.50 -2.55 -3.06
C LEU C 373 -30.72 -2.34 -4.36
N ASN C 374 -29.50 -2.85 -4.39
CA ASN C 374 -28.63 -2.75 -5.57
C ASN C 374 -29.24 -3.40 -6.81
N LYS C 375 -29.90 -4.55 -6.64
CA LYS C 375 -30.51 -5.24 -7.78
C LYS C 375 -31.77 -4.53 -8.29
N LEU C 376 -32.58 -4.09 -7.34
CA LEU C 376 -33.83 -3.39 -7.58
C LEU C 376 -33.60 -2.05 -8.26
N LEU C 377 -32.60 -1.30 -7.78
CA LEU C 377 -32.30 0.00 -8.37
C LEU C 377 -31.73 -0.15 -9.77
N GLN C 378 -30.93 -1.19 -10.01
CA GLN C 378 -30.41 -1.45 -11.35
C GLN C 378 -31.55 -1.76 -12.31
N GLU C 379 -32.51 -2.57 -11.88
CA GLU C 379 -33.67 -2.87 -12.73
C GLU C 379 -34.48 -1.62 -13.02
N LYS C 380 -34.70 -0.78 -12.00
CA LYS C 380 -35.44 0.46 -12.20
C LYS C 380 -34.73 1.39 -13.16
N TRP C 381 -33.40 1.51 -13.03
CA TRP C 381 -32.63 2.34 -13.94
C TRP C 381 -32.68 1.81 -15.37
N ASP C 382 -32.57 0.49 -15.53
CA ASP C 382 -32.64 -0.09 -16.86
C ASP C 382 -34.01 0.14 -17.48
N ARG C 383 -35.05 0.15 -16.66
CA ARG C 383 -36.39 0.46 -17.17
C ARG C 383 -36.58 1.93 -17.48
N LEU C 384 -35.91 2.83 -16.76
CA LEU C 384 -36.10 4.27 -16.92
C LEU C 384 -35.07 4.94 -17.81
N ILE C 385 -34.13 4.19 -18.38
CA ILE C 385 -33.15 4.77 -19.31
C ILE C 385 -33.80 5.61 -20.42
N PRO C 386 -34.84 5.12 -21.14
CA PRO C 386 -35.39 5.92 -22.25
C PRO C 386 -35.86 7.30 -21.84
N ARG C 387 -36.51 7.41 -20.69
CA ARG C 387 -36.98 8.72 -20.24
C ARG C 387 -35.80 9.64 -19.91
N PHE C 388 -34.77 9.09 -19.27
CA PHE C 388 -33.59 9.87 -18.95
C PHE C 388 -32.95 10.44 -20.21
N PHE C 389 -32.75 9.60 -21.22
CA PHE C 389 -32.09 10.10 -22.43
C PHE C 389 -33.03 10.97 -23.27
N PHE C 390 -34.34 10.79 -23.14
CA PHE C 390 -35.27 11.70 -23.79
C PHE C 390 -35.19 13.09 -23.16
N ASN C 391 -35.12 13.16 -21.83
CA ASN C 391 -34.92 14.45 -21.17
C ASN C 391 -33.59 15.07 -21.58
N PHE C 392 -32.54 14.25 -21.68
CA PHE C 392 -31.25 14.77 -22.15
C PHE C 392 -31.36 15.35 -23.56
N ALA C 393 -32.04 14.65 -24.46
CA ALA C 393 -32.21 15.15 -25.82
C ALA C 393 -33.00 16.45 -25.84
N CYS C 394 -34.06 16.53 -25.02
CA CYS C 394 -34.86 17.75 -24.96
C CYS C 394 -34.01 18.93 -24.48
N TYR C 395 -33.20 18.70 -23.44
CA TYR C 395 -32.36 19.78 -22.93
C TYR C 395 -31.30 20.19 -23.95
N LEU C 396 -30.75 19.21 -24.68
CA LEU C 396 -29.76 19.52 -25.71
C LEU C 396 -30.38 20.35 -26.83
N VAL C 397 -31.60 20.01 -27.24
CA VAL C 397 -32.28 20.80 -28.27
C VAL C 397 -32.56 22.20 -27.75
N TYR C 398 -32.97 22.32 -26.49
CA TYR C 398 -33.23 23.63 -25.91
C TYR C 398 -31.98 24.49 -25.92
N MET C 399 -30.83 23.91 -25.56
CA MET C 399 -29.60 24.70 -25.57
C MET C 399 -29.10 24.99 -26.98
N ILE C 400 -29.37 24.10 -27.94
CA ILE C 400 -29.04 24.43 -29.33
C ILE C 400 -29.84 25.63 -29.79
N ILE C 401 -31.14 25.67 -29.47
CA ILE C 401 -31.96 26.84 -29.79
C ILE C 401 -31.43 28.08 -29.09
N PHE C 402 -31.04 27.94 -27.83
CA PHE C 402 -30.50 29.07 -27.07
C PHE C 402 -29.24 29.63 -27.75
N THR C 403 -28.32 28.74 -28.13
CA THR C 403 -27.09 29.17 -28.77
C THR C 403 -27.37 29.85 -30.11
N ILE C 404 -28.30 29.29 -30.89
CA ILE C 404 -28.63 29.87 -32.19
C ILE C 404 -29.23 31.27 -32.00
N VAL C 405 -30.11 31.42 -31.02
CA VAL C 405 -30.74 32.72 -30.78
C VAL C 405 -29.71 33.74 -30.31
N ALA C 406 -28.81 33.33 -29.41
CA ALA C 406 -27.82 34.27 -28.88
C ALA C 406 -26.80 34.67 -29.93
N TYR C 407 -26.39 33.74 -30.79
CA TYR C 407 -25.36 34.01 -31.77
C TYR C 407 -25.85 34.83 -32.96
N HIS C 408 -27.13 34.75 -33.30
CA HIS C 408 -27.69 35.47 -34.44
C HIS C 408 -28.63 36.59 -34.02
N GLN C 409 -28.29 37.31 -32.95
CA GLN C 409 -29.14 38.42 -32.54
C GLN C 409 -28.47 39.75 -32.90
N PRO C 410 -29.25 40.78 -33.20
CA PRO C 410 -28.68 42.07 -33.58
C PRO C 410 -28.20 42.84 -32.35
N SER C 411 -27.56 43.97 -32.62
CA SER C 411 -27.04 44.84 -31.57
C SER C 411 -28.06 45.92 -31.21
N THR C 423 -38.77 39.84 -41.87
CA THR C 423 -38.42 38.81 -42.84
C THR C 423 -38.48 37.42 -42.22
N PHE C 424 -38.07 36.41 -42.99
CA PHE C 424 -38.05 35.05 -42.48
C PHE C 424 -37.07 34.92 -41.32
N GLY C 425 -35.90 35.57 -41.45
CA GLY C 425 -34.93 35.56 -40.37
C GLY C 425 -35.46 36.21 -39.10
N ASP C 426 -36.14 37.36 -39.26
CA ASP C 426 -36.73 38.02 -38.10
C ASP C 426 -37.84 37.16 -37.49
N SER C 427 -38.63 36.51 -38.34
CA SER C 427 -39.69 35.63 -37.84
C SER C 427 -39.11 34.49 -37.01
N MET C 428 -38.07 33.83 -37.52
CA MET C 428 -37.48 32.71 -36.80
C MET C 428 -36.77 33.20 -35.54
N LEU C 429 -36.20 34.40 -35.58
CA LEU C 429 -35.56 34.95 -34.38
C LEU C 429 -36.58 35.22 -33.28
N LEU C 430 -37.73 35.81 -33.64
CA LEU C 430 -38.78 36.04 -32.66
C LEU C 430 -39.34 34.72 -32.14
N LEU C 431 -39.51 33.74 -33.02
CA LEU C 431 -39.97 32.42 -32.59
C LEU C 431 -38.98 31.80 -31.60
N GLY C 432 -37.68 31.92 -31.90
CA GLY C 432 -36.67 31.42 -30.99
C GLY C 432 -36.73 32.11 -29.64
N HIS C 433 -36.92 33.43 -29.64
CA HIS C 433 -37.01 34.16 -28.38
C HIS C 433 -38.22 33.68 -27.57
N ILE C 434 -39.36 33.46 -28.23
CA ILE C 434 -40.55 33.00 -27.53
C ILE C 434 -40.31 31.62 -26.91
N LEU C 435 -39.78 30.67 -27.70
CA LEU C 435 -39.50 29.36 -27.14
C LEU C 435 -38.45 29.40 -26.03
N ILE C 436 -37.46 30.29 -26.12
CA ILE C 436 -36.53 30.45 -25.00
C ILE C 436 -37.25 30.93 -23.75
N LEU C 437 -38.16 31.89 -23.90
CA LEU C 437 -38.89 32.37 -22.72
C LEU C 437 -39.71 31.26 -22.08
N LEU C 438 -40.44 30.50 -22.90
CA LEU C 438 -41.25 29.41 -22.36
C LEU C 438 -40.40 28.29 -21.77
N GLY C 439 -39.26 27.98 -22.41
CA GLY C 439 -38.37 26.98 -21.85
C GLY C 439 -37.79 27.40 -20.51
N GLY C 440 -37.41 28.67 -20.40
CA GLY C 440 -36.90 29.17 -19.14
C GLY C 440 -37.95 29.14 -18.04
N ILE C 441 -39.18 29.55 -18.37
CA ILE C 441 -40.23 29.53 -17.35
C ILE C 441 -40.58 28.09 -16.98
N TYR C 442 -40.53 27.15 -17.93
CA TYR C 442 -40.75 25.75 -17.63
C TYR C 442 -39.69 25.19 -16.70
N LEU C 443 -38.42 25.47 -16.97
CA LEU C 443 -37.34 25.00 -16.08
C LEU C 443 -37.48 25.62 -14.69
N LEU C 444 -37.81 26.91 -14.64
CA LEU C 444 -38.00 27.57 -13.35
C LEU C 444 -39.14 26.96 -12.56
N LEU C 445 -40.26 26.67 -13.25
CA LEU C 445 -41.40 26.06 -12.58
C LEU C 445 -41.07 24.66 -12.08
N GLY C 446 -40.33 23.88 -12.88
CA GLY C 446 -39.92 22.56 -12.43
C GLY C 446 -39.03 22.61 -11.22
N GLN C 447 -38.05 23.51 -11.22
CA GLN C 447 -37.16 23.64 -10.07
C GLN C 447 -37.92 24.12 -8.83
N LEU C 448 -38.86 25.05 -9.03
CA LEU C 448 -39.66 25.53 -7.91
C LEU C 448 -40.53 24.42 -7.34
N TRP C 449 -41.12 23.59 -8.21
CA TRP C 449 -41.90 22.46 -7.72
C TRP C 449 -41.01 21.48 -6.95
N TYR C 450 -39.81 21.22 -7.46
CA TYR C 450 -38.86 20.36 -6.74
C TYR C 450 -38.56 20.90 -5.35
N PHE C 451 -38.27 22.20 -5.26
CA PHE C 451 -37.91 22.76 -3.96
C PHE C 451 -39.13 22.89 -3.05
N TRP C 452 -40.32 22.99 -3.63
CA TRP C 452 -41.54 23.03 -2.84
C TRP C 452 -41.84 21.67 -2.22
N ARG C 453 -41.75 20.60 -3.01
CA ARG C 453 -42.06 19.26 -2.54
C ARG C 453 -40.85 18.58 -1.90
N ARG C 454 -39.71 19.26 -1.85
CA ARG C 454 -38.53 18.74 -1.17
C ARG C 454 -37.86 19.86 -0.37
N ARG C 455 -38.66 20.60 0.39
CA ARG C 455 -38.16 21.82 1.04
C ARG C 455 -37.06 21.52 2.05
N LEU C 456 -37.21 20.44 2.82
CA LEU C 456 -36.34 20.22 3.97
C LEU C 456 -35.03 19.56 3.57
N PHE C 457 -34.96 19.04 2.33
CA PHE C 457 -33.77 18.30 1.88
C PHE C 457 -32.52 19.16 1.89
N ILE C 458 -32.66 20.46 1.60
CA ILE C 458 -31.50 21.31 1.36
C ILE C 458 -30.58 21.35 2.57
N TRP C 459 -31.12 21.09 3.75
CA TRP C 459 -30.31 21.12 4.97
C TRP C 459 -29.63 19.79 5.26
N ILE C 460 -30.17 18.66 4.77
CA ILE C 460 -29.45 17.41 4.93
C ILE C 460 -28.16 17.40 4.13
N SER C 461 -28.24 17.76 2.86
CA SER C 461 -27.08 17.60 1.98
C SER C 461 -27.19 18.58 0.81
N PHE C 462 -26.42 19.65 0.87
CA PHE C 462 -26.20 20.52 -0.29
C PHE C 462 -25.27 19.87 -1.29
N MET C 463 -24.27 19.13 -0.81
CA MET C 463 -23.22 18.60 -1.67
C MET C 463 -23.69 17.35 -2.44
N ASP C 464 -24.84 16.80 -2.10
CA ASP C 464 -25.34 15.65 -2.86
C ASP C 464 -26.09 16.02 -4.13
N SER C 465 -26.63 17.24 -4.24
CA SER C 465 -27.36 17.54 -5.47
C SER C 465 -26.68 18.61 -6.32
N TYR C 466 -26.58 19.84 -5.80
CA TYR C 466 -25.72 20.91 -6.32
C TYR C 466 -25.89 21.17 -7.82
N PHE C 467 -26.92 20.57 -8.43
CA PHE C 467 -27.32 20.90 -9.78
C PHE C 467 -28.74 21.47 -9.85
N GLU C 468 -29.59 21.13 -8.88
CA GLU C 468 -30.90 21.78 -8.83
C GLU C 468 -30.75 23.28 -8.59
N ILE C 469 -29.83 23.67 -7.73
CA ILE C 469 -29.58 25.10 -7.50
C ILE C 469 -29.03 25.76 -8.76
N LEU C 470 -28.14 25.06 -9.48
CA LEU C 470 -27.58 25.61 -10.70
C LEU C 470 -28.63 25.76 -11.78
N PHE C 471 -29.51 24.76 -11.93
CA PHE C 471 -30.60 24.85 -12.90
C PHE C 471 -31.56 25.98 -12.53
N LEU C 472 -31.85 26.14 -11.24
CA LEU C 472 -32.72 27.23 -10.79
C LEU C 472 -32.10 28.58 -11.12
N VAL C 473 -30.79 28.72 -10.87
CA VAL C 473 -30.11 29.98 -11.14
C VAL C 473 -30.11 30.27 -12.65
N GLN C 474 -29.85 29.24 -13.46
CA GLN C 474 -29.83 29.42 -14.90
C GLN C 474 -31.20 29.83 -15.43
N ALA C 475 -32.26 29.17 -14.94
CA ALA C 475 -33.61 29.51 -15.37
C ALA C 475 -33.98 30.93 -14.93
N LEU C 476 -33.61 31.30 -13.70
CA LEU C 476 -33.88 32.65 -13.22
C LEU C 476 -33.18 33.69 -14.07
N LEU C 477 -31.90 33.45 -14.38
CA LEU C 477 -31.15 34.39 -15.21
C LEU C 477 -31.77 34.49 -16.60
N THR C 478 -32.15 33.36 -17.19
CA THR C 478 -32.74 33.36 -18.52
C THR C 478 -34.04 34.15 -18.55
N VAL C 479 -34.94 33.88 -17.60
CA VAL C 479 -36.25 34.54 -17.61
C VAL C 479 -36.08 36.03 -17.28
N LEU C 480 -35.16 36.36 -16.39
CA LEU C 480 -34.96 37.75 -16.01
C LEU C 480 -34.37 38.54 -17.17
N SER C 481 -33.42 37.94 -17.90
CA SER C 481 -32.87 38.57 -19.09
C SER C 481 -33.91 38.73 -20.18
N GLN C 482 -34.80 37.73 -20.36
CA GLN C 482 -35.82 37.83 -21.39
C GLN C 482 -36.85 38.91 -21.04
N VAL C 483 -37.15 39.09 -19.76
CA VAL C 483 -38.13 40.08 -19.35
C VAL C 483 -37.43 41.45 -19.27
N LEU C 484 -36.10 41.44 -19.31
CA LEU C 484 -35.32 42.67 -19.28
C LEU C 484 -35.06 43.23 -20.67
N ARG C 485 -35.35 42.46 -21.73
CA ARG C 485 -35.24 42.97 -23.09
C ARG C 485 -36.39 43.89 -23.46
N PHE C 486 -37.57 43.67 -22.88
CA PHE C 486 -38.70 44.58 -23.10
C PHE C 486 -38.49 45.94 -22.47
N VAL C 487 -37.63 46.03 -21.45
CA VAL C 487 -37.32 47.31 -20.81
C VAL C 487 -36.26 48.08 -21.56
N GLU C 488 -35.61 47.46 -22.56
CA GLU C 488 -34.52 48.07 -23.31
C GLU C 488 -33.38 48.48 -22.38
N THR C 489 -33.03 47.58 -21.47
CA THR C 489 -31.92 47.80 -20.54
C THR C 489 -30.62 47.27 -21.13
N GLU C 490 -29.55 48.03 -20.94
CA GLU C 490 -28.25 47.71 -21.52
C GLU C 490 -27.45 46.67 -20.75
N TRP C 491 -27.98 46.17 -19.63
CA TRP C 491 -27.39 45.04 -18.92
C TRP C 491 -28.10 43.72 -19.24
N TYR C 492 -28.62 43.60 -20.47
CA TYR C 492 -29.29 42.40 -20.94
C TYR C 492 -28.35 41.34 -21.47
N LEU C 493 -27.40 41.72 -22.34
CA LEU C 493 -26.43 40.77 -22.88
C LEU C 493 -25.58 40.08 -21.81
N PRO C 494 -25.08 40.77 -20.77
CA PRO C 494 -24.28 40.06 -19.76
C PRO C 494 -25.05 38.92 -19.11
N LEU C 495 -26.30 39.17 -18.73
CA LEU C 495 -27.11 38.12 -18.11
C LEU C 495 -27.44 37.01 -19.10
N LEU C 496 -27.70 37.39 -20.36
CA LEU C 496 -27.97 36.39 -21.38
C LEU C 496 -26.79 35.45 -21.55
N VAL C 497 -25.58 36.01 -21.66
CA VAL C 497 -24.41 35.17 -21.90
C VAL C 497 -24.04 34.40 -20.62
N SER C 498 -24.33 34.96 -19.44
CA SER C 498 -24.11 34.19 -18.21
C SER C 498 -25.01 32.97 -18.16
N SER C 499 -26.29 33.14 -18.52
CA SER C 499 -27.18 31.98 -18.60
C SER C 499 -26.73 31.00 -19.68
N LEU C 500 -26.21 31.52 -20.80
CA LEU C 500 -25.70 30.64 -21.85
C LEU C 500 -24.52 29.80 -21.37
N VAL C 501 -23.60 30.40 -20.61
CA VAL C 501 -22.51 29.63 -20.02
C VAL C 501 -23.05 28.62 -19.02
N LEU C 502 -23.96 29.04 -18.15
CA LEU C 502 -24.40 28.18 -17.07
C LEU C 502 -25.14 26.96 -17.58
N GLY C 503 -25.93 27.13 -18.65
CA GLY C 503 -26.64 26.00 -19.21
C GLY C 503 -25.72 24.95 -19.82
N TRP C 504 -24.72 25.41 -20.58
CA TRP C 504 -23.76 24.47 -21.16
C TRP C 504 -22.93 23.79 -20.08
N LEU C 505 -22.66 24.50 -18.99
CA LEU C 505 -21.98 23.86 -17.86
C LEU C 505 -22.90 22.83 -17.19
N ASN C 506 -24.19 23.16 -17.07
CA ASN C 506 -25.15 22.25 -16.45
C ASN C 506 -25.43 21.04 -17.32
N LEU C 507 -25.07 21.11 -18.60
CA LEU C 507 -25.24 19.98 -19.52
C LEU C 507 -24.49 18.76 -19.01
N LEU C 508 -23.49 18.97 -18.15
CA LEU C 508 -22.76 17.87 -17.54
C LEU C 508 -23.56 17.15 -16.47
N TYR C 509 -24.81 17.55 -16.24
CA TYR C 509 -25.69 16.77 -15.36
C TYR C 509 -25.90 15.37 -15.92
N TYR C 510 -26.10 15.28 -17.24
CA TYR C 510 -26.36 14.00 -17.87
C TYR C 510 -25.09 13.20 -18.13
N THR C 511 -23.92 13.76 -17.78
CA THR C 511 -22.68 13.00 -17.80
C THR C 511 -22.82 11.73 -16.97
N ARG C 512 -23.48 11.84 -15.82
CA ARG C 512 -23.89 10.68 -15.03
C ARG C 512 -24.96 9.91 -15.81
N GLY C 513 -24.90 8.59 -15.75
CA GLY C 513 -25.71 7.74 -16.60
C GLY C 513 -24.82 6.72 -17.25
N PHE C 514 -23.53 7.02 -17.27
CA PHE C 514 -22.48 6.10 -17.65
C PHE C 514 -21.45 6.06 -16.52
N GLN C 515 -20.99 4.85 -16.19
CA GLN C 515 -20.10 4.70 -15.05
C GLN C 515 -18.79 5.45 -15.26
N HIS C 516 -18.20 5.33 -16.44
CA HIS C 516 -16.89 5.92 -16.70
C HIS C 516 -16.92 7.43 -16.56
N THR C 517 -17.97 8.08 -17.06
CA THR C 517 -18.06 9.52 -16.99
C THR C 517 -18.69 10.01 -15.69
N GLY C 518 -19.63 9.23 -15.13
CA GLY C 518 -20.22 9.62 -13.86
C GLY C 518 -19.21 9.59 -12.72
N ILE C 519 -18.37 8.56 -12.67
CA ILE C 519 -17.33 8.51 -11.65
C ILE C 519 -16.34 9.66 -11.84
N TYR C 520 -16.06 10.02 -13.09
CA TYR C 520 -15.20 11.17 -13.36
C TYR C 520 -15.82 12.46 -12.83
N SER C 521 -17.12 12.64 -13.02
CA SER C 521 -17.79 13.83 -12.49
C SER C 521 -17.74 13.85 -10.96
N VAL C 522 -17.96 12.70 -10.33
CA VAL C 522 -17.90 12.62 -8.87
C VAL C 522 -16.50 12.99 -8.38
N MET C 523 -15.47 12.47 -9.06
CA MET C 523 -14.10 12.79 -8.67
C MET C 523 -13.80 14.27 -8.89
N ILE C 524 -14.35 14.87 -9.95
CA ILE C 524 -14.20 16.31 -10.17
C ILE C 524 -14.78 17.08 -9.00
N GLN C 525 -15.97 16.68 -8.55
CA GLN C 525 -16.59 17.34 -7.40
C GLN C 525 -15.72 17.21 -6.16
N LYS C 526 -15.20 16.01 -5.91
CA LYS C 526 -14.40 15.78 -4.71
C LYS C 526 -13.12 16.62 -4.75
N VAL C 527 -12.49 16.70 -5.93
CA VAL C 527 -11.28 17.50 -6.07
C VAL C 527 -11.58 18.98 -5.85
N ILE C 528 -12.69 19.47 -6.42
CA ILE C 528 -13.05 20.87 -6.25
C ILE C 528 -13.29 21.18 -4.77
N LEU C 529 -14.02 20.32 -4.08
CA LEU C 529 -14.39 20.57 -2.69
C LEU C 529 -13.23 20.35 -1.71
N ARG C 530 -12.27 19.50 -2.06
CA ARG C 530 -11.25 19.09 -1.08
C ARG C 530 -9.98 19.91 -1.13
N ASP C 531 -9.37 20.11 -2.29
CA ASP C 531 -8.03 20.69 -2.34
C ASP C 531 -7.94 21.76 -3.43
N LEU C 532 -8.95 22.62 -3.52
CA LEU C 532 -8.89 23.74 -4.46
C LEU C 532 -9.22 25.06 -3.78
N LEU C 533 -10.08 25.01 -2.76
CA LEU C 533 -10.52 26.23 -2.09
C LEU C 533 -9.41 26.81 -1.20
N ARG C 534 -8.74 25.97 -0.43
CA ARG C 534 -7.65 26.45 0.43
C ARG C 534 -6.47 26.94 -0.40
N PHE C 535 -6.17 26.26 -1.51
CA PHE C 535 -5.18 26.78 -2.45
C PHE C 535 -5.59 28.15 -2.95
N LEU C 536 -6.88 28.33 -3.27
CA LEU C 536 -7.35 29.62 -3.74
C LEU C 536 -7.16 30.69 -2.67
N LEU C 537 -7.45 30.35 -1.42
CA LEU C 537 -7.28 31.31 -0.33
C LEU C 537 -5.81 31.75 -0.22
N VAL C 538 -4.90 30.79 -0.18
CA VAL C 538 -3.48 31.12 -0.08
C VAL C 538 -3.02 31.91 -1.29
N TYR C 539 -3.46 31.50 -2.48
CA TYR C 539 -3.07 32.19 -3.71
C TYR C 539 -3.54 33.64 -3.72
N LEU C 540 -4.78 33.87 -3.32
CA LEU C 540 -5.29 35.25 -3.31
C LEU C 540 -4.58 36.09 -2.27
N VAL C 541 -4.27 35.50 -1.11
CA VAL C 541 -3.50 36.27 -0.11
C VAL C 541 -2.16 36.69 -0.69
N PHE C 542 -1.43 35.74 -1.27
CA PHE C 542 -0.11 36.04 -1.84
C PHE C 542 -0.22 37.08 -2.95
N LEU C 543 -1.19 36.89 -3.86
CA LEU C 543 -1.34 37.79 -5.00
C LEU C 543 -1.68 39.20 -4.56
N PHE C 544 -2.59 39.33 -3.59
CA PHE C 544 -2.96 40.66 -3.10
C PHE C 544 -1.77 41.34 -2.44
N GLY C 545 -1.03 40.61 -1.61
CA GLY C 545 0.12 41.20 -0.95
C GLY C 545 1.16 41.70 -1.94
N PHE C 546 1.53 40.84 -2.90
CA PHE C 546 2.57 41.23 -3.85
C PHE C 546 2.08 42.32 -4.80
N ALA C 547 0.81 42.29 -5.20
CA ALA C 547 0.28 43.32 -6.09
C ALA C 547 0.27 44.67 -5.40
N VAL C 548 -0.16 44.71 -4.13
CA VAL C 548 -0.14 45.97 -3.38
C VAL C 548 1.28 46.46 -3.22
N ALA C 549 2.23 45.54 -2.96
CA ALA C 549 3.62 45.95 -2.85
C ALA C 549 4.15 46.56 -4.14
N LEU C 550 3.82 45.95 -5.29
CA LEU C 550 4.33 46.45 -6.55
C LEU C 550 3.65 47.77 -6.94
N VAL C 551 2.39 47.94 -6.55
CA VAL C 551 1.71 49.20 -6.82
C VAL C 551 2.29 50.32 -5.96
N SER C 552 2.62 50.01 -4.70
CA SER C 552 3.14 51.04 -3.79
C SER C 552 4.40 51.70 -4.37
N LEU C 553 5.34 50.89 -4.83
CA LEU C 553 6.51 51.41 -5.55
C LEU C 553 6.25 51.44 -7.04
N SER C 554 7.30 51.63 -7.83
CA SER C 554 7.25 51.66 -9.29
C SER C 554 6.49 52.88 -9.81
N ARG C 555 6.15 53.79 -8.90
CA ARG C 555 5.67 55.12 -9.30
C ARG C 555 6.74 56.17 -9.12
N GLU C 556 7.97 55.77 -8.78
CA GLU C 556 9.10 56.69 -8.61
C GLU C 556 9.87 56.74 -9.94
N ALA C 557 9.54 57.74 -10.75
CA ALA C 557 10.19 57.91 -12.04
C ALA C 557 11.67 58.22 -11.88
N ARG C 558 12.51 57.59 -12.71
CA ARG C 558 13.95 57.80 -12.63
C ARG C 558 14.34 59.13 -13.26
N PRO C 582 2.48 54.46 -21.31
CA PRO C 582 1.91 54.26 -19.98
C PRO C 582 2.91 53.71 -18.98
N VAL C 583 2.45 53.43 -17.76
CA VAL C 583 3.32 52.95 -16.69
C VAL C 583 2.83 51.58 -16.23
N PRO C 584 3.69 50.57 -16.18
CA PRO C 584 3.27 49.27 -15.67
C PRO C 584 2.96 49.31 -14.18
N TYR C 585 2.07 48.43 -13.75
CA TYR C 585 1.57 48.38 -12.38
C TYR C 585 0.99 49.72 -11.95
N GLY C 586 0.14 50.26 -12.82
CA GLY C 586 -0.49 51.53 -12.56
C GLY C 586 -1.47 51.49 -11.40
N GLY C 587 -2.29 50.44 -11.35
CA GLY C 587 -3.26 50.29 -10.29
C GLY C 587 -3.29 48.89 -9.71
N ILE C 588 -4.20 48.65 -8.76
CA ILE C 588 -4.32 47.34 -8.16
C ILE C 588 -4.75 46.28 -9.18
N LEU C 589 -5.75 46.58 -10.01
CA LEU C 589 -6.23 45.60 -10.99
C LEU C 589 -5.15 45.25 -12.01
N ASP C 590 -4.43 46.26 -12.50
CA ASP C 590 -3.39 46.02 -13.49
C ASP C 590 -2.28 45.13 -12.93
N ALA C 591 -1.81 45.45 -11.72
CA ALA C 591 -0.75 44.65 -11.10
C ALA C 591 -1.24 43.25 -10.79
N SER C 592 -2.50 43.12 -10.33
CA SER C 592 -3.05 41.80 -10.05
C SER C 592 -3.12 40.95 -11.31
N LEU C 593 -3.53 41.55 -12.43
CA LEU C 593 -3.57 40.82 -13.69
C LEU C 593 -2.18 40.43 -14.16
N GLU C 594 -1.21 41.35 -14.02
CA GLU C 594 0.15 41.04 -14.43
C GLU C 594 0.73 39.91 -13.60
N LEU C 595 0.42 39.88 -12.30
CA LEU C 595 0.89 38.79 -11.45
C LEU C 595 0.18 37.48 -11.77
N PHE C 596 -1.12 37.54 -12.09
CA PHE C 596 -1.85 36.33 -12.43
C PHE C 596 -1.40 35.76 -13.77
N LYS C 597 -0.82 36.60 -14.64
CA LYS C 597 -0.32 36.11 -15.91
C LYS C 597 0.80 35.07 -15.71
N PHE C 598 1.50 35.14 -14.58
CA PHE C 598 2.57 34.17 -14.32
C PHE C 598 2.04 32.76 -14.17
N THR C 599 0.81 32.61 -13.66
CA THR C 599 0.26 31.29 -13.43
C THR C 599 -0.01 30.56 -14.74
N ILE C 600 -0.43 31.31 -15.78
CA ILE C 600 -0.80 30.72 -17.05
C ILE C 600 0.40 30.70 -17.99
N GLY C 601 1.59 30.88 -17.42
CA GLY C 601 2.81 30.85 -18.21
C GLY C 601 2.94 31.97 -19.21
N MET C 602 2.52 33.18 -18.82
CA MET C 602 2.63 34.32 -19.71
C MET C 602 3.15 35.57 -19.01
N GLY C 603 3.78 35.45 -17.85
CA GLY C 603 4.20 36.62 -17.10
C GLY C 603 5.47 37.24 -17.66
N GLU C 604 5.50 38.57 -17.69
CA GLU C 604 6.69 39.29 -18.14
C GLU C 604 7.65 39.46 -16.96
N LEU C 605 8.92 39.13 -17.19
CA LEU C 605 9.92 39.20 -16.13
C LEU C 605 11.14 39.95 -16.63
N ALA C 606 10.91 41.10 -17.27
CA ALA C 606 12.00 41.90 -17.82
C ALA C 606 12.65 42.75 -16.73
N PHE C 607 13.84 43.24 -17.02
CA PHE C 607 14.59 44.13 -16.13
C PHE C 607 14.30 45.57 -16.55
N GLN C 608 13.11 46.06 -16.20
CA GLN C 608 12.70 47.40 -16.58
C GLN C 608 13.65 48.43 -15.98
N GLU C 609 14.08 49.39 -16.81
CA GLU C 609 15.09 50.36 -16.42
C GLU C 609 14.56 51.76 -16.25
N GLN C 610 13.29 52.01 -16.56
CA GLN C 610 12.73 53.34 -16.37
C GLN C 610 12.44 53.62 -14.90
N LEU C 611 12.37 52.57 -14.08
CA LEU C 611 12.06 52.73 -12.68
C LEU C 611 13.31 53.00 -11.85
N ARG C 612 13.11 53.67 -10.72
CA ARG C 612 14.22 53.97 -9.82
C ARG C 612 14.64 52.75 -9.01
N PHE C 613 13.70 51.85 -8.73
CA PHE C 613 13.96 50.73 -7.83
C PHE C 613 13.86 49.41 -8.59
N ARG C 614 14.49 49.37 -9.77
CA ARG C 614 14.35 48.21 -10.66
C ARG C 614 14.82 46.93 -10.00
N GLY C 615 15.91 47.00 -9.22
CA GLY C 615 16.40 45.81 -8.54
C GLY C 615 15.40 45.27 -7.53
N VAL C 616 14.75 46.16 -6.77
CA VAL C 616 13.74 45.75 -5.83
C VAL C 616 12.55 45.11 -6.54
N VAL C 617 12.15 45.67 -7.68
CA VAL C 617 11.08 45.07 -8.47
C VAL C 617 11.45 43.68 -8.96
N LEU C 618 12.65 43.50 -9.50
CA LEU C 618 13.07 42.19 -10.00
C LEU C 618 13.15 41.17 -8.86
N LEU C 619 13.72 41.57 -7.72
CA LEU C 619 13.82 40.62 -6.60
C LEU C 619 12.45 40.24 -6.08
N LEU C 620 11.54 41.20 -6.00
CA LEU C 620 10.18 40.91 -5.55
C LEU C 620 9.46 39.97 -6.51
N LEU C 621 9.62 40.22 -7.81
CA LEU C 621 9.00 39.35 -8.81
C LEU C 621 9.58 37.94 -8.74
N LEU C 622 10.89 37.82 -8.56
CA LEU C 622 11.51 36.49 -8.44
C LEU C 622 11.02 35.77 -7.19
N ALA C 623 10.91 36.49 -6.08
CA ALA C 623 10.40 35.89 -4.85
C ALA C 623 8.97 35.38 -5.07
N TYR C 624 8.13 36.20 -5.71
CA TYR C 624 6.77 35.78 -6.01
C TYR C 624 6.74 34.54 -6.90
N VAL C 625 7.60 34.50 -7.92
CA VAL C 625 7.62 33.40 -8.87
C VAL C 625 7.99 32.10 -8.16
N LEU C 626 9.09 32.12 -7.41
CA LEU C 626 9.53 30.91 -6.72
C LEU C 626 8.57 30.51 -5.61
N LEU C 627 7.86 31.48 -5.02
CA LEU C 627 7.01 31.16 -3.89
C LEU C 627 5.62 30.73 -4.30
N THR C 628 5.19 31.08 -5.52
CA THR C 628 3.85 30.78 -5.98
C THR C 628 3.76 29.80 -7.15
N TYR C 629 4.67 29.89 -8.12
CA TYR C 629 4.60 29.07 -9.32
C TYR C 629 5.38 27.77 -9.23
N VAL C 630 6.53 27.77 -8.58
CA VAL C 630 7.35 26.57 -8.46
C VAL C 630 6.82 25.71 -7.33
N LEU C 631 6.44 26.34 -6.21
CA LEU C 631 6.04 25.60 -5.03
C LEU C 631 4.54 25.29 -5.01
N LEU C 632 3.71 26.33 -5.06
CA LEU C 632 2.30 26.19 -4.74
C LEU C 632 1.55 25.39 -5.79
N LEU C 633 1.81 25.63 -7.08
CA LEU C 633 1.07 24.92 -8.11
C LEU C 633 1.47 23.46 -8.22
N ASN C 634 2.77 23.16 -8.09
CA ASN C 634 3.20 21.77 -8.07
C ASN C 634 2.66 21.05 -6.83
N MET C 635 2.60 21.75 -5.70
CA MET C 635 2.00 21.16 -4.50
C MET C 635 0.50 20.92 -4.71
N LEU C 636 -0.16 21.81 -5.46
CA LEU C 636 -1.54 21.56 -5.86
C LEU C 636 -1.67 20.29 -6.69
N ILE C 637 -0.75 20.08 -7.62
CA ILE C 637 -0.78 18.86 -8.43
C ILE C 637 -0.62 17.64 -7.52
N ALA C 638 0.31 17.72 -6.57
CA ALA C 638 0.51 16.62 -5.62
C ALA C 638 -0.74 16.37 -4.79
N LEU C 639 -1.40 17.45 -4.34
CA LEU C 639 -2.59 17.32 -3.53
C LEU C 639 -3.72 16.67 -4.31
N MET C 640 -3.90 17.06 -5.57
CA MET C 640 -4.89 16.39 -6.40
C MET C 640 -4.54 14.91 -6.61
N SER C 641 -3.26 14.60 -6.78
CA SER C 641 -2.87 13.20 -6.90
C SER C 641 -3.27 12.41 -5.66
N GLU C 642 -2.98 12.96 -4.48
CA GLU C 642 -3.33 12.30 -3.23
C GLU C 642 -4.85 12.16 -3.09
N THR C 643 -5.60 13.22 -3.42
CA THR C 643 -7.05 13.16 -3.31
C THR C 643 -7.64 12.12 -4.24
N VAL C 644 -7.14 12.05 -5.47
CA VAL C 644 -7.65 11.04 -6.41
C VAL C 644 -7.32 9.64 -5.92
N ASN C 645 -6.12 9.45 -5.37
CA ASN C 645 -5.79 8.15 -4.81
C ASN C 645 -6.61 7.81 -3.57
N SER C 646 -7.13 8.82 -2.86
CA SER C 646 -7.85 8.59 -1.62
C SER C 646 -9.32 8.26 -1.84
N VAL C 647 -9.99 8.90 -2.81
CA VAL C 647 -11.43 8.75 -2.98
C VAL C 647 -11.77 7.83 -4.16
N ALA C 648 -10.85 6.99 -4.59
CA ALA C 648 -11.07 6.12 -5.73
C ALA C 648 -12.07 4.99 -5.45
N THR C 649 -12.50 4.76 -4.22
CA THR C 649 -13.40 3.65 -3.92
C THR C 649 -14.81 4.10 -3.53
N ASP C 650 -14.95 5.26 -2.90
CA ASP C 650 -16.27 5.77 -2.52
C ASP C 650 -16.99 6.46 -3.69
N SER C 651 -16.27 6.80 -4.76
CA SER C 651 -16.89 7.47 -5.88
C SER C 651 -17.92 6.57 -6.56
N TRP C 652 -17.66 5.27 -6.60
CA TRP C 652 -18.63 4.33 -7.18
C TRP C 652 -19.93 4.34 -6.39
N SER C 653 -19.84 4.29 -5.06
CA SER C 653 -21.04 4.32 -4.23
C SER C 653 -21.76 5.65 -4.35
N ILE C 654 -21.01 6.75 -4.45
CA ILE C 654 -21.63 8.07 -4.62
C ILE C 654 -22.38 8.12 -5.95
N TRP C 655 -21.79 7.56 -7.00
CA TRP C 655 -22.46 7.52 -8.30
C TRP C 655 -23.71 6.66 -8.24
N LYS C 656 -23.65 5.54 -7.53
CA LYS C 656 -24.85 4.71 -7.38
C LYS C 656 -25.96 5.45 -6.63
N LEU C 657 -25.58 6.20 -5.58
CA LEU C 657 -26.57 7.00 -4.87
C LEU C 657 -27.17 8.08 -5.77
N GLN C 658 -26.33 8.70 -6.61
CA GLN C 658 -26.82 9.69 -7.57
C GLN C 658 -27.82 9.06 -8.54
N LYS C 659 -27.50 7.87 -9.03
CA LYS C 659 -28.44 7.15 -9.90
C LYS C 659 -29.73 6.84 -9.17
N ALA C 660 -29.65 6.45 -7.90
CA ALA C 660 -30.86 6.16 -7.12
C ALA C 660 -31.72 7.40 -6.99
N ILE C 661 -31.11 8.56 -6.73
CA ILE C 661 -31.85 9.80 -6.63
C ILE C 661 -32.51 10.14 -7.96
N SER C 662 -31.76 9.98 -9.06
CA SER C 662 -32.31 10.28 -10.38
C SER C 662 -33.48 9.36 -10.70
N VAL C 663 -33.37 8.08 -10.35
CA VAL C 663 -34.45 7.12 -10.59
C VAL C 663 -35.68 7.49 -9.77
N LEU C 664 -35.48 7.85 -8.49
CA LEU C 664 -36.62 8.23 -7.66
C LEU C 664 -37.30 9.49 -8.20
N GLU C 665 -36.52 10.41 -8.79
CA GLU C 665 -37.12 11.57 -9.43
C GLU C 665 -37.92 11.18 -10.67
N MET C 666 -37.34 10.30 -11.50
CA MET C 666 -37.99 9.91 -12.75
C MET C 666 -39.21 9.01 -12.53
N GLU C 667 -39.32 8.36 -11.37
CA GLU C 667 -40.52 7.59 -11.07
C GLU C 667 -41.74 8.50 -11.00
N ASN C 668 -41.60 9.67 -10.40
CA ASN C 668 -42.62 10.69 -10.52
C ASN C 668 -42.66 11.21 -11.95
N GLY C 669 -43.73 11.94 -12.27
CA GLY C 669 -43.85 12.48 -13.60
C GLY C 669 -43.24 13.85 -13.70
N TYR C 670 -44.07 14.86 -13.96
CA TYR C 670 -43.60 16.24 -13.98
C TYR C 670 -44.55 17.10 -13.16
N TRP C 671 -44.36 18.41 -13.18
CA TRP C 671 -45.26 19.32 -12.48
C TRP C 671 -46.57 19.51 -13.22
N TRP C 672 -46.69 18.95 -14.43
CA TRP C 672 -47.92 19.02 -15.20
C TRP C 672 -48.54 17.65 -15.49
N CYS C 673 -47.79 16.56 -15.37
CA CYS C 673 -48.32 15.23 -15.65
C CYS C 673 -47.58 14.22 -14.78
N ARG C 674 -48.32 13.40 -14.05
CA ARG C 674 -47.75 12.42 -13.16
C ARG C 674 -47.67 11.05 -13.83
N ARG C 675 -46.51 10.41 -13.75
CA ARG C 675 -46.32 9.09 -14.31
C ARG C 675 -47.16 8.06 -13.56
N LYS C 676 -47.69 7.08 -14.31
CA LYS C 676 -48.39 5.96 -13.71
C LYS C 676 -47.39 5.11 -12.94
N ARG C 677 -47.75 4.74 -11.71
CA ARG C 677 -46.79 4.06 -10.85
C ARG C 677 -46.76 2.58 -11.17
N HIS C 678 -45.58 1.97 -11.02
CA HIS C 678 -45.32 0.60 -11.43
C HIS C 678 -44.85 -0.22 -10.23
N ARG C 679 -45.55 -1.33 -9.97
CA ARG C 679 -45.14 -2.24 -8.91
C ARG C 679 -43.82 -2.94 -9.28
N ALA C 680 -42.97 -3.11 -8.28
CA ALA C 680 -41.73 -3.86 -8.42
C ALA C 680 -41.85 -5.17 -7.66
N GLY C 681 -41.46 -6.27 -8.30
CA GLY C 681 -41.60 -7.57 -7.65
C GLY C 681 -42.95 -8.16 -8.00
N ARG C 682 -43.05 -9.47 -7.84
CA ARG C 682 -44.28 -10.19 -8.15
C ARG C 682 -44.78 -10.97 -6.93
N LEU C 683 -46.01 -11.44 -7.00
CA LEU C 683 -46.56 -12.26 -5.92
C LEU C 683 -46.03 -13.69 -6.00
N LEU C 684 -45.71 -14.24 -4.83
CA LEU C 684 -45.16 -15.59 -4.75
C LEU C 684 -46.01 -16.43 -3.81
N LYS C 685 -45.58 -17.68 -3.63
CA LYS C 685 -46.11 -18.57 -2.61
C LYS C 685 -45.10 -18.67 -1.45
N VAL C 686 -45.18 -17.68 -0.55
CA VAL C 686 -44.20 -17.58 0.52
C VAL C 686 -44.41 -18.68 1.55
N GLY C 687 -45.65 -18.87 1.99
CA GLY C 687 -45.92 -19.87 3.00
C GLY C 687 -47.31 -19.66 3.59
N THR C 688 -47.47 -20.18 4.82
CA THR C 688 -48.74 -20.14 5.53
C THR C 688 -48.57 -19.41 6.85
N LYS C 689 -49.50 -18.49 7.15
CA LYS C 689 -49.45 -17.75 8.39
C LYS C 689 -49.88 -18.63 9.55
N GLY C 690 -49.60 -18.16 10.77
CA GLY C 690 -49.93 -18.89 11.97
C GLY C 690 -51.27 -18.50 12.56
N ASP C 691 -52.04 -17.71 11.82
CA ASP C 691 -53.36 -17.28 12.28
C ASP C 691 -54.45 -17.86 11.38
N GLY C 692 -54.30 -17.67 10.06
CA GLY C 692 -55.28 -18.13 9.10
C GLY C 692 -54.75 -19.19 8.16
N ILE C 693 -54.52 -18.81 6.90
CA ILE C 693 -54.19 -19.73 5.82
C ILE C 693 -53.02 -19.14 5.00
N PRO C 694 -53.00 -18.89 3.67
CA PRO C 694 -51.78 -18.28 3.14
C PRO C 694 -51.64 -16.79 3.43
N ASP C 695 -50.39 -16.35 3.57
CA ASP C 695 -50.04 -14.94 3.79
C ASP C 695 -48.98 -14.57 2.76
N GLU C 696 -49.44 -14.11 1.59
CA GLU C 696 -48.54 -13.92 0.46
C GLU C 696 -48.20 -12.45 0.29
N ARG C 697 -46.94 -12.19 -0.08
CA ARG C 697 -46.37 -10.87 -0.12
C ARG C 697 -45.63 -10.66 -1.43
N TRP C 698 -45.45 -9.40 -1.79
CA TRP C 698 -44.72 -9.05 -3.01
C TRP C 698 -43.23 -9.25 -2.78
N CYS C 699 -42.58 -10.01 -3.66
CA CYS C 699 -41.19 -10.36 -3.50
C CYS C 699 -40.40 -9.99 -4.76
N PHE C 700 -39.08 -9.90 -4.59
CA PHE C 700 -38.14 -9.59 -5.66
C PHE C 700 -37.27 -10.81 -5.86
N ARG C 701 -37.16 -11.26 -7.12
CA ARG C 701 -36.51 -12.51 -7.44
C ARG C 701 -35.10 -12.29 -7.96
N VAL C 702 -34.15 -13.07 -7.45
CA VAL C 702 -32.77 -12.96 -7.94
C VAL C 702 -32.11 -14.33 -7.94
N GLU C 703 -31.43 -14.66 -9.04
CA GLU C 703 -30.73 -15.94 -9.13
C GLU C 703 -29.23 -15.74 -8.90
N GLU C 704 -28.62 -16.72 -8.24
CA GLU C 704 -27.16 -16.72 -8.10
C GLU C 704 -26.65 -18.14 -8.23
N VAL C 705 -25.54 -18.33 -8.94
CA VAL C 705 -24.87 -19.62 -9.04
C VAL C 705 -23.75 -19.62 -8.01
N ASN C 706 -24.04 -20.09 -6.80
CA ASN C 706 -23.09 -20.10 -5.70
C ASN C 706 -22.76 -21.55 -5.35
N TRP C 707 -21.47 -21.88 -5.32
CA TRP C 707 -21.03 -23.22 -4.99
C TRP C 707 -20.72 -23.39 -3.51
N ALA C 708 -20.40 -22.32 -2.80
CA ALA C 708 -20.08 -22.38 -1.37
C ALA C 708 -21.23 -22.93 -0.54
N ALA C 709 -22.42 -22.34 -0.68
CA ALA C 709 -23.57 -22.83 0.07
C ALA C 709 -24.01 -24.19 -0.46
N TRP C 710 -23.86 -24.43 -1.77
CA TRP C 710 -24.29 -25.69 -2.35
C TRP C 710 -23.46 -26.86 -1.82
N GLU C 711 -22.16 -26.64 -1.56
CA GLU C 711 -21.35 -27.70 -0.97
C GLU C 711 -21.67 -27.90 0.50
N LYS C 712 -22.33 -26.93 1.13
CA LYS C 712 -22.62 -26.99 2.56
C LYS C 712 -24.06 -27.47 2.80
N THR C 713 -24.57 -28.26 1.86
CA THR C 713 -25.89 -28.86 2.07
C THR C 713 -25.92 -30.35 1.74
N LEU C 714 -24.77 -31.01 1.62
CA LEU C 714 -24.74 -32.43 1.30
C LEU C 714 -24.94 -33.29 2.55
N PRO D 67 -63.69 -46.94 -5.78
CA PRO D 67 -62.31 -47.40 -5.58
C PRO D 67 -61.65 -47.84 -6.88
N ASN D 68 -62.41 -48.43 -7.79
CA ASN D 68 -61.87 -48.86 -9.06
C ASN D 68 -61.41 -47.68 -9.90
N ARG D 69 -62.22 -46.61 -9.93
CA ARG D 69 -61.94 -45.47 -10.78
C ARG D 69 -61.05 -44.48 -10.03
N PHE D 70 -59.84 -44.26 -10.56
CA PHE D 70 -58.87 -43.34 -9.97
C PHE D 70 -58.49 -42.30 -11.01
N ASP D 71 -58.60 -41.03 -10.62
CA ASP D 71 -58.22 -39.94 -11.51
C ASP D 71 -56.74 -39.60 -11.35
N ARG D 72 -56.29 -38.61 -12.14
CA ARG D 72 -54.90 -38.18 -12.06
C ARG D 72 -54.58 -37.58 -10.70
N ASP D 73 -55.40 -36.64 -10.24
CA ASP D 73 -55.14 -35.94 -8.99
C ASP D 73 -55.18 -36.89 -7.80
N ARG D 74 -56.10 -37.86 -7.82
CA ARG D 74 -56.16 -38.85 -6.75
C ARG D 74 -54.85 -39.64 -6.66
N LEU D 75 -54.33 -40.08 -7.81
CA LEU D 75 -53.08 -40.82 -7.83
C LEU D 75 -51.92 -39.95 -7.36
N PHE D 76 -51.89 -38.69 -7.80
CA PHE D 76 -50.82 -37.79 -7.36
C PHE D 76 -50.86 -37.59 -5.85
N SER D 77 -52.07 -37.41 -5.29
CA SER D 77 -52.20 -37.24 -3.86
C SER D 77 -51.78 -38.50 -3.11
N VAL D 78 -52.14 -39.67 -3.63
CA VAL D 78 -51.76 -40.93 -2.98
C VAL D 78 -50.26 -41.11 -2.99
N VAL D 79 -49.61 -40.85 -4.14
CA VAL D 79 -48.17 -41.06 -4.20
C VAL D 79 -47.41 -39.96 -3.48
N SER D 80 -48.04 -38.81 -3.25
CA SER D 80 -47.40 -37.77 -2.45
C SER D 80 -47.20 -38.19 -1.00
N ARG D 81 -48.17 -38.91 -0.43
CA ARG D 81 -48.05 -39.41 0.93
C ARG D 81 -47.20 -40.68 1.02
N GLY D 82 -46.88 -41.30 -0.12
CA GLY D 82 -46.06 -42.49 -0.12
C GLY D 82 -46.68 -43.69 0.55
N VAL D 83 -47.95 -43.97 0.28
CA VAL D 83 -48.64 -45.09 0.91
C VAL D 83 -48.91 -46.18 -0.12
N PRO D 84 -48.16 -47.29 -0.07
CA PRO D 84 -48.47 -48.41 -0.98
C PRO D 84 -49.83 -49.03 -0.74
N GLU D 85 -50.30 -49.04 0.51
CA GLU D 85 -51.55 -49.72 0.84
C GLU D 85 -52.75 -49.16 0.11
N GLU D 86 -52.65 -47.93 -0.41
CA GLU D 86 -53.75 -47.30 -1.14
C GLU D 86 -53.61 -47.45 -2.63
N LEU D 87 -52.75 -48.36 -3.09
CA LEU D 87 -52.55 -48.58 -4.52
C LEU D 87 -53.13 -49.90 -5.01
N THR D 88 -53.92 -50.59 -4.20
CA THR D 88 -54.53 -51.86 -4.62
C THR D 88 -55.88 -51.58 -5.28
N GLY D 89 -55.84 -50.64 -6.22
CA GLY D 89 -57.00 -50.32 -7.03
C GLY D 89 -56.62 -49.95 -8.45
N LEU D 90 -55.33 -49.99 -8.75
CA LEU D 90 -54.86 -49.50 -10.04
C LEU D 90 -54.86 -50.58 -11.11
N LEU D 91 -54.52 -51.82 -10.75
CA LEU D 91 -54.46 -52.90 -11.73
C LEU D 91 -55.83 -53.15 -12.33
N GLU D 92 -56.87 -53.15 -11.50
CA GLU D 92 -58.22 -53.32 -12.00
C GLU D 92 -58.63 -52.15 -12.90
N TYR D 93 -58.22 -50.94 -12.51
CA TYR D 93 -58.53 -49.76 -13.32
C TYR D 93 -57.89 -49.87 -14.70
N LEU D 94 -56.65 -50.36 -14.76
CA LEU D 94 -55.99 -50.55 -16.04
C LEU D 94 -56.66 -51.66 -16.86
N ARG D 95 -57.00 -52.78 -16.22
CA ARG D 95 -57.50 -53.93 -16.96
C ARG D 95 -58.98 -53.86 -17.28
N ARG D 96 -59.73 -52.91 -16.72
CA ARG D 96 -61.15 -52.79 -17.02
C ARG D 96 -61.41 -51.99 -18.29
N THR D 97 -60.82 -50.80 -18.41
CA THR D 97 -61.01 -49.94 -19.56
C THR D 97 -59.99 -50.21 -20.68
N SER D 98 -59.07 -51.15 -20.46
CA SER D 98 -58.06 -51.53 -21.45
C SER D 98 -57.24 -50.32 -21.89
N LYS D 99 -56.91 -49.46 -20.92
CA LYS D 99 -56.02 -48.33 -21.16
C LYS D 99 -54.63 -48.69 -20.67
N TYR D 100 -53.67 -47.77 -20.85
CA TYR D 100 -52.30 -47.98 -20.41
C TYR D 100 -51.92 -46.89 -19.44
N LEU D 101 -51.11 -47.25 -18.45
CA LEU D 101 -50.63 -46.27 -17.48
C LEU D 101 -49.75 -45.21 -18.13
N THR D 102 -49.25 -45.47 -19.34
CA THR D 102 -48.39 -44.55 -20.07
C THR D 102 -49.18 -43.65 -21.01
N ASP D 103 -50.51 -43.75 -21.00
CA ASP D 103 -51.35 -43.03 -21.94
C ASP D 103 -51.50 -41.58 -21.47
N SER D 104 -52.39 -40.82 -22.10
CA SER D 104 -52.63 -39.42 -21.78
C SER D 104 -53.74 -39.25 -20.75
N ALA D 105 -53.96 -40.25 -19.90
CA ALA D 105 -54.96 -40.16 -18.86
C ALA D 105 -54.36 -40.26 -17.46
N TYR D 106 -53.05 -40.07 -17.31
CA TYR D 106 -52.41 -40.20 -16.00
C TYR D 106 -51.45 -39.08 -15.67
N THR D 107 -51.09 -38.21 -16.62
CA THR D 107 -50.09 -37.19 -16.41
C THR D 107 -50.61 -35.83 -16.82
N GLU D 108 -50.02 -34.78 -16.23
CA GLU D 108 -50.42 -33.42 -16.54
C GLU D 108 -50.05 -33.06 -17.98
N GLY D 109 -51.00 -32.43 -18.68
CA GLY D 109 -50.76 -32.06 -20.06
C GLY D 109 -49.70 -31.00 -20.26
N SER D 110 -49.69 -29.98 -19.40
CA SER D 110 -48.76 -28.86 -19.54
C SER D 110 -47.32 -29.30 -19.39
N THR D 111 -46.96 -29.78 -18.20
CA THR D 111 -45.58 -30.16 -17.92
C THR D 111 -45.28 -31.57 -18.44
N GLY D 112 -46.01 -32.56 -17.94
CA GLY D 112 -45.76 -33.93 -18.31
C GLY D 112 -45.32 -34.78 -17.14
N LYS D 113 -45.31 -34.20 -15.95
CA LYS D 113 -44.92 -34.90 -14.73
C LYS D 113 -45.84 -36.10 -14.49
N THR D 114 -45.28 -37.31 -14.55
CA THR D 114 -46.07 -38.51 -14.39
C THR D 114 -46.22 -38.86 -12.91
N CYS D 115 -46.95 -39.94 -12.63
CA CYS D 115 -47.13 -40.39 -11.26
C CYS D 115 -45.82 -40.86 -10.65
N LEU D 116 -44.97 -41.53 -11.43
CA LEU D 116 -43.68 -41.97 -10.94
C LEU D 116 -42.84 -40.79 -10.48
N MET D 117 -42.70 -39.77 -11.33
CA MET D 117 -41.93 -38.59 -10.97
C MET D 117 -42.52 -37.91 -9.74
N LYS D 118 -43.84 -37.71 -9.74
CA LYS D 118 -44.51 -37.08 -8.61
C LYS D 118 -44.22 -37.82 -7.31
N ALA D 119 -44.10 -39.15 -7.39
CA ALA D 119 -43.63 -39.92 -6.24
C ALA D 119 -42.18 -39.56 -5.92
N VAL D 120 -41.35 -39.38 -6.95
CA VAL D 120 -39.93 -39.14 -6.72
C VAL D 120 -39.69 -37.73 -6.20
N LEU D 121 -40.60 -36.79 -6.49
CA LEU D 121 -40.43 -35.42 -6.01
C LEU D 121 -40.48 -35.28 -4.49
N ASN D 122 -40.97 -36.28 -3.77
CA ASN D 122 -40.98 -36.19 -2.31
C ASN D 122 -40.62 -37.52 -1.67
N LEU D 123 -39.59 -37.49 -0.82
CA LEU D 123 -39.15 -38.64 -0.03
C LEU D 123 -39.00 -38.18 1.41
N GLN D 124 -39.70 -38.86 2.33
CA GLN D 124 -39.72 -38.40 3.72
C GLN D 124 -38.35 -38.55 4.39
N ASP D 125 -37.68 -39.67 4.15
CA ASP D 125 -36.38 -39.94 4.75
C ASP D 125 -35.47 -40.55 3.68
N GLY D 126 -35.52 -40.00 2.48
CA GLY D 126 -34.74 -40.54 1.39
C GLY D 126 -35.16 -41.93 0.96
N VAL D 127 -36.45 -42.25 1.11
CA VAL D 127 -36.98 -43.54 0.69
C VAL D 127 -38.49 -43.42 0.59
N ASN D 128 -39.07 -44.15 -0.36
CA ASN D 128 -40.52 -44.26 -0.50
C ASN D 128 -40.86 -45.72 -0.70
N ALA D 129 -41.84 -46.23 0.05
CA ALA D 129 -42.34 -47.57 -0.13
C ALA D 129 -43.40 -47.66 -1.22
N CYS D 130 -43.72 -46.55 -1.87
CA CYS D 130 -44.75 -46.54 -2.91
C CYS D 130 -44.17 -46.50 -4.32
N ILE D 131 -42.89 -46.18 -4.48
CA ILE D 131 -42.31 -46.09 -5.82
C ILE D 131 -42.31 -47.44 -6.50
N LEU D 132 -41.78 -48.47 -5.82
CA LEU D 132 -41.70 -49.80 -6.42
C LEU D 132 -43.06 -50.44 -6.68
N PRO D 133 -44.05 -50.40 -5.78
CA PRO D 133 -45.33 -51.05 -6.10
C PRO D 133 -45.93 -50.56 -7.42
N LEU D 134 -45.81 -49.26 -7.67
CA LEU D 134 -46.17 -48.72 -8.97
C LEU D 134 -45.34 -49.38 -10.08
N LEU D 135 -44.09 -49.74 -9.77
CA LEU D 135 -43.24 -50.35 -10.79
C LEU D 135 -43.71 -51.76 -11.15
N GLN D 136 -44.01 -52.60 -10.14
CA GLN D 136 -44.45 -53.94 -10.54
C GLN D 136 -45.90 -53.95 -11.01
N ILE D 137 -46.70 -52.94 -10.68
CA ILE D 137 -48.02 -52.89 -11.29
C ILE D 137 -47.97 -52.23 -12.67
N ASP D 138 -46.84 -51.62 -13.03
CA ASP D 138 -46.67 -51.09 -14.38
C ASP D 138 -45.93 -52.03 -15.32
N ARG D 139 -45.07 -52.91 -14.79
CA ARG D 139 -44.30 -53.82 -15.64
C ARG D 139 -45.07 -55.05 -16.07
N ASP D 140 -46.27 -55.27 -15.54
CA ASP D 140 -47.10 -56.39 -15.97
C ASP D 140 -48.10 -56.00 -17.06
N SER D 141 -48.33 -54.71 -17.26
CA SER D 141 -49.27 -54.24 -18.28
C SER D 141 -48.75 -53.06 -19.08
N GLY D 142 -47.51 -52.62 -18.85
CA GLY D 142 -47.02 -51.43 -19.54
C GLY D 142 -46.80 -51.67 -21.02
N ASN D 143 -46.83 -50.57 -21.77
CA ASN D 143 -46.57 -50.54 -23.20
C ASN D 143 -45.04 -50.42 -23.30
N PRO D 144 -44.41 -50.40 -24.49
CA PRO D 144 -42.93 -50.52 -24.48
C PRO D 144 -42.22 -49.40 -23.73
N GLN D 145 -42.90 -48.29 -23.44
CA GLN D 145 -42.37 -47.32 -22.50
C GLN D 145 -42.87 -47.65 -21.10
N PRO D 146 -41.99 -47.99 -20.16
CA PRO D 146 -42.44 -48.34 -18.81
C PRO D 146 -42.62 -47.14 -17.89
N LEU D 147 -42.72 -45.94 -18.48
CA LEU D 147 -42.76 -44.69 -17.74
C LEU D 147 -41.48 -44.49 -16.93
N VAL D 148 -40.40 -45.10 -17.41
CA VAL D 148 -39.07 -44.90 -16.85
C VAL D 148 -38.26 -44.13 -17.89
N ASN D 149 -38.54 -44.39 -19.17
CA ASN D 149 -37.93 -43.67 -20.28
C ASN D 149 -38.81 -42.57 -20.82
N ALA D 150 -39.99 -42.35 -20.21
CA ALA D 150 -40.89 -41.29 -20.62
C ALA D 150 -40.54 -40.00 -19.88
N GLN D 151 -40.51 -38.89 -20.61
CA GLN D 151 -40.11 -37.61 -20.05
C GLN D 151 -41.13 -36.52 -20.33
N CYS D 152 -40.83 -35.30 -19.90
CA CYS D 152 -41.73 -34.18 -20.10
C CYS D 152 -41.69 -33.71 -21.55
N THR D 153 -42.80 -33.13 -21.99
CA THR D 153 -42.94 -32.64 -23.36
C THR D 153 -42.93 -31.13 -23.47
N ASP D 154 -42.99 -30.41 -22.34
CA ASP D 154 -42.98 -28.95 -22.39
C ASP D 154 -41.64 -28.43 -22.90
N GLU D 155 -41.67 -27.23 -23.48
CA GLU D 155 -40.46 -26.66 -24.08
C GLU D 155 -39.40 -26.42 -23.02
N PHE D 156 -39.82 -26.04 -21.80
CA PHE D 156 -38.86 -25.76 -20.73
C PHE D 156 -38.11 -27.01 -20.31
N TYR D 157 -38.81 -28.13 -20.18
CA TYR D 157 -38.24 -29.38 -19.68
C TYR D 157 -38.37 -30.51 -20.71
N ARG D 158 -38.06 -30.21 -21.97
CA ARG D 158 -38.18 -31.21 -23.02
C ARG D 158 -37.05 -32.24 -22.92
N GLY D 159 -37.31 -33.35 -22.22
CA GLY D 159 -36.31 -34.40 -22.11
C GLY D 159 -36.07 -34.84 -20.67
N HIS D 160 -36.51 -34.03 -19.72
CA HIS D 160 -36.26 -34.31 -18.31
C HIS D 160 -37.07 -35.52 -17.84
N SER D 161 -36.39 -36.62 -17.56
CA SER D 161 -37.06 -37.86 -17.20
C SER D 161 -37.00 -38.11 -15.69
N ALA D 162 -37.48 -39.28 -15.28
CA ALA D 162 -37.51 -39.63 -13.87
C ALA D 162 -36.10 -39.87 -13.33
N LEU D 163 -35.20 -40.41 -14.16
CA LEU D 163 -33.85 -40.70 -13.72
C LEU D 163 -33.11 -39.41 -13.34
N HIS D 164 -33.33 -38.35 -14.11
CA HIS D 164 -32.70 -37.07 -13.79
C HIS D 164 -33.19 -36.55 -12.44
N ILE D 165 -34.49 -36.68 -12.17
CA ILE D 165 -35.04 -36.25 -10.89
C ILE D 165 -34.43 -37.07 -9.76
N ALA D 166 -34.32 -38.39 -9.97
CA ALA D 166 -33.74 -39.26 -8.95
C ALA D 166 -32.30 -38.89 -8.65
N ILE D 167 -31.51 -38.62 -9.69
CA ILE D 167 -30.11 -38.27 -9.50
C ILE D 167 -29.97 -36.92 -8.82
N GLU D 168 -30.80 -35.94 -9.20
CA GLU D 168 -30.67 -34.59 -8.68
C GLU D 168 -30.93 -34.50 -7.18
N LYS D 169 -31.82 -35.33 -6.65
CA LYS D 169 -32.18 -35.28 -5.24
C LYS D 169 -31.20 -36.05 -4.35
N ARG D 170 -30.14 -36.61 -4.93
CA ARG D 170 -29.04 -37.21 -4.18
C ARG D 170 -29.52 -38.42 -3.37
N SER D 171 -30.20 -39.32 -4.07
CA SER D 171 -30.72 -40.55 -3.46
C SER D 171 -30.32 -41.72 -4.36
N LEU D 172 -29.32 -42.48 -3.92
CA LEU D 172 -28.81 -43.60 -4.72
C LEU D 172 -29.83 -44.73 -4.80
N TRP D 173 -30.65 -44.89 -3.75
CA TRP D 173 -31.59 -46.00 -3.69
C TRP D 173 -32.60 -45.96 -4.84
N CYS D 174 -33.21 -44.79 -5.06
CA CYS D 174 -34.20 -44.68 -6.13
C CYS D 174 -33.54 -44.77 -7.50
N VAL D 175 -32.32 -44.25 -7.63
CA VAL D 175 -31.59 -44.39 -8.89
C VAL D 175 -31.37 -45.86 -9.21
N LYS D 176 -30.94 -46.63 -8.22
CA LYS D 176 -30.84 -48.08 -8.39
C LYS D 176 -32.18 -48.65 -8.84
N LEU D 177 -33.21 -48.52 -8.00
CA LEU D 177 -34.49 -49.14 -8.28
C LEU D 177 -34.99 -48.79 -9.68
N LEU D 178 -34.67 -47.58 -10.15
CA LEU D 178 -34.99 -47.23 -11.53
C LEU D 178 -34.11 -47.98 -12.51
N VAL D 179 -32.85 -48.23 -12.16
CA VAL D 179 -31.94 -48.76 -13.18
C VAL D 179 -32.04 -50.28 -13.34
N GLU D 180 -32.34 -51.07 -12.29
CA GLU D 180 -32.42 -52.50 -12.62
C GLU D 180 -33.69 -52.84 -13.39
N ASN D 181 -34.76 -52.07 -13.20
CA ASN D 181 -36.01 -52.31 -13.91
C ASN D 181 -36.03 -51.71 -15.30
N GLY D 182 -34.87 -51.35 -15.85
CA GLY D 182 -34.80 -50.78 -17.18
C GLY D 182 -34.86 -49.27 -17.17
N ALA D 183 -33.81 -48.62 -17.66
CA ALA D 183 -33.77 -47.15 -17.71
C ALA D 183 -32.72 -46.76 -18.74
N ASN D 184 -33.17 -46.13 -19.83
CA ASN D 184 -32.25 -45.65 -20.85
C ASN D 184 -31.40 -44.51 -20.29
N VAL D 185 -30.12 -44.78 -20.07
CA VAL D 185 -29.22 -43.82 -19.42
C VAL D 185 -28.88 -42.71 -20.41
N HIS D 186 -29.18 -42.92 -21.68
CA HIS D 186 -28.83 -41.98 -22.73
C HIS D 186 -30.01 -41.10 -23.12
N ILE D 187 -30.80 -40.70 -22.13
CA ILE D 187 -31.94 -39.81 -22.32
C ILE D 187 -31.41 -38.38 -22.18
N ARG D 188 -31.54 -37.59 -23.24
CA ARG D 188 -31.08 -36.22 -23.21
C ARG D 188 -32.20 -35.28 -22.80
N ALA D 189 -31.92 -34.40 -21.85
CA ALA D 189 -32.88 -33.39 -21.38
C ALA D 189 -32.68 -32.07 -22.13
N CYS D 190 -33.01 -32.09 -23.41
CA CYS D 190 -32.82 -30.94 -24.30
C CYS D 190 -33.97 -29.95 -24.10
N GLY D 191 -33.99 -29.33 -22.92
CA GLY D 191 -34.99 -28.34 -22.59
C GLY D 191 -34.36 -26.95 -22.45
N ARG D 192 -35.22 -25.94 -22.47
CA ARG D 192 -34.75 -24.56 -22.43
C ARG D 192 -33.97 -24.23 -21.16
N PHE D 193 -34.31 -24.86 -20.04
CA PHE D 193 -33.61 -24.65 -18.78
C PHE D 193 -32.24 -25.31 -18.76
N PHE D 194 -32.05 -26.39 -19.51
CA PHE D 194 -30.82 -27.16 -19.46
C PHE D 194 -29.83 -26.82 -20.56
N GLN D 195 -30.15 -25.84 -21.42
CA GLN D 195 -29.21 -25.38 -22.42
C GLN D 195 -28.44 -24.17 -21.90
N LYS D 196 -27.42 -23.78 -22.67
CA LYS D 196 -26.54 -22.67 -22.29
C LYS D 196 -27.09 -21.39 -22.91
N HIS D 197 -27.67 -20.53 -22.08
CA HIS D 197 -28.19 -19.24 -22.52
C HIS D 197 -28.03 -18.24 -21.39
N GLN D 198 -28.67 -17.09 -21.54
CA GLN D 198 -28.65 -16.06 -20.52
C GLN D 198 -29.98 -16.00 -19.79
N GLY D 199 -29.92 -16.01 -18.46
CA GLY D 199 -31.11 -16.01 -17.62
C GLY D 199 -31.11 -17.20 -16.67
N THR D 200 -32.28 -17.83 -16.54
CA THR D 200 -32.45 -18.99 -15.68
C THR D 200 -32.05 -20.23 -16.47
N CYS D 201 -30.85 -20.75 -16.20
CA CYS D 201 -30.35 -21.91 -16.92
C CYS D 201 -29.28 -22.59 -16.09
N PHE D 202 -29.04 -23.87 -16.39
CA PHE D 202 -27.94 -24.61 -15.80
C PHE D 202 -27.58 -25.74 -16.76
N TYR D 203 -26.48 -25.57 -17.49
CA TYR D 203 -26.02 -26.58 -18.43
C TYR D 203 -25.11 -27.57 -17.72
N PHE D 204 -25.46 -28.86 -17.77
CA PHE D 204 -24.67 -29.90 -17.17
C PHE D 204 -24.35 -31.04 -18.13
N GLY D 205 -24.59 -30.87 -19.42
CA GLY D 205 -24.38 -31.92 -20.40
C GLY D 205 -25.62 -32.70 -20.79
N GLU D 206 -26.77 -32.37 -20.22
CA GLU D 206 -28.06 -33.03 -20.47
C GLU D 206 -27.91 -34.54 -20.59
N LEU D 207 -27.17 -35.12 -19.65
CA LEU D 207 -26.97 -36.55 -19.57
C LEU D 207 -26.91 -36.96 -18.11
N PRO D 208 -27.57 -38.06 -17.74
CA PRO D 208 -27.56 -38.48 -16.32
C PRO D 208 -26.16 -38.68 -15.75
N LEU D 209 -25.24 -39.26 -16.53
CA LEU D 209 -23.87 -39.43 -16.06
C LEU D 209 -23.21 -38.08 -15.85
N SER D 210 -23.35 -37.17 -16.82
CA SER D 210 -22.78 -35.84 -16.68
C SER D 210 -23.47 -35.06 -15.57
N LEU D 211 -24.78 -35.25 -15.42
CA LEU D 211 -25.51 -34.59 -14.34
C LEU D 211 -24.98 -35.03 -12.98
N ALA D 212 -24.75 -36.33 -12.82
CA ALA D 212 -24.20 -36.85 -11.57
C ALA D 212 -22.78 -36.35 -11.34
N ALA D 213 -21.97 -36.30 -12.41
CA ALA D 213 -20.60 -35.86 -12.27
C ALA D 213 -20.52 -34.38 -11.88
N CYS D 214 -21.39 -33.54 -12.46
CA CYS D 214 -21.33 -32.11 -12.22
C CYS D 214 -21.79 -31.71 -10.82
N THR D 215 -22.39 -32.63 -10.06
CA THR D 215 -22.95 -32.32 -8.75
C THR D 215 -22.13 -32.92 -7.61
N LYS D 216 -20.86 -33.25 -7.88
CA LYS D 216 -19.95 -33.79 -6.87
C LYS D 216 -20.53 -35.05 -6.23
N GLN D 217 -21.26 -35.84 -7.02
CA GLN D 217 -21.88 -37.07 -6.55
C GLN D 217 -21.00 -38.24 -6.95
N TRP D 218 -19.87 -38.40 -6.26
CA TRP D 218 -18.97 -39.51 -6.56
C TRP D 218 -19.38 -40.77 -5.82
N ASP D 219 -20.66 -41.13 -5.90
CA ASP D 219 -21.17 -42.40 -5.41
C ASP D 219 -22.06 -43.03 -6.47
N VAL D 220 -22.79 -42.19 -7.19
CA VAL D 220 -23.69 -42.67 -8.24
C VAL D 220 -23.01 -42.67 -9.61
N VAL D 221 -22.04 -41.77 -9.83
CA VAL D 221 -21.26 -41.81 -11.06
C VAL D 221 -20.60 -43.17 -11.22
N THR D 222 -20.05 -43.69 -10.13
CA THR D 222 -19.51 -45.04 -10.16
C THR D 222 -20.61 -46.06 -10.47
N TYR D 223 -21.74 -45.98 -9.76
CA TYR D 223 -22.78 -47.01 -9.89
C TYR D 223 -23.31 -47.09 -11.32
N LEU D 224 -23.24 -45.98 -12.06
CA LEU D 224 -23.64 -46.03 -13.46
C LEU D 224 -22.64 -46.82 -14.30
N LEU D 225 -21.48 -47.17 -13.74
CA LEU D 225 -20.42 -47.81 -14.53
C LEU D 225 -20.26 -49.30 -14.26
N GLU D 226 -20.65 -49.81 -13.08
CA GLU D 226 -20.63 -51.26 -12.87
C GLU D 226 -22.01 -51.87 -12.64
N ASN D 227 -23.09 -51.21 -13.04
CA ASN D 227 -24.40 -51.84 -12.99
C ASN D 227 -24.50 -52.98 -14.02
N PRO D 228 -24.88 -54.19 -13.60
CA PRO D 228 -24.79 -55.33 -14.52
C PRO D 228 -25.78 -55.28 -15.66
N HIS D 229 -26.91 -54.59 -15.49
CA HIS D 229 -27.99 -54.64 -16.46
C HIS D 229 -27.68 -53.83 -17.72
N GLN D 230 -27.48 -52.52 -17.58
CA GLN D 230 -27.23 -51.64 -18.71
C GLN D 230 -26.14 -50.64 -18.32
N PRO D 231 -24.93 -50.83 -18.82
CA PRO D 231 -23.83 -49.93 -18.45
C PRO D 231 -23.95 -48.59 -19.18
N ALA D 232 -23.44 -47.54 -18.54
CA ALA D 232 -23.47 -46.19 -19.10
C ALA D 232 -22.17 -45.90 -19.83
N SER D 233 -22.28 -45.61 -21.13
CA SER D 233 -21.09 -45.29 -21.91
C SER D 233 -20.50 -43.97 -21.45
N LEU D 234 -19.17 -43.94 -21.35
CA LEU D 234 -18.46 -42.74 -20.91
C LEU D 234 -18.07 -41.83 -22.06
N GLU D 235 -18.01 -42.35 -23.29
CA GLU D 235 -17.72 -41.55 -24.48
C GLU D 235 -19.00 -41.11 -25.18
N ALA D 236 -20.12 -41.11 -24.43
CA ALA D 236 -21.41 -40.71 -24.96
C ALA D 236 -21.51 -39.19 -24.98
N THR D 237 -22.06 -38.65 -26.06
CA THR D 237 -22.14 -37.21 -26.28
C THR D 237 -23.60 -36.77 -26.33
N ASP D 238 -23.81 -35.50 -26.01
CA ASP D 238 -25.15 -34.92 -26.00
C ASP D 238 -25.46 -34.31 -27.37
N SER D 239 -26.56 -33.57 -27.47
CA SER D 239 -26.96 -32.96 -28.74
C SER D 239 -26.03 -31.84 -29.18
N LEU D 240 -25.25 -31.26 -28.25
CA LEU D 240 -24.33 -30.19 -28.56
C LEU D 240 -22.94 -30.70 -28.94
N GLY D 241 -22.78 -32.02 -29.05
CA GLY D 241 -21.45 -32.57 -29.33
C GLY D 241 -20.53 -32.56 -28.14
N ASN D 242 -21.07 -32.43 -26.94
CA ASN D 242 -20.29 -32.34 -25.72
C ASN D 242 -20.38 -33.67 -24.96
N THR D 243 -19.23 -34.17 -24.53
CA THR D 243 -19.16 -35.36 -23.70
C THR D 243 -19.12 -34.94 -22.23
N VAL D 244 -18.92 -35.91 -21.34
CA VAL D 244 -18.91 -35.62 -19.92
C VAL D 244 -17.77 -34.68 -19.55
N LEU D 245 -16.60 -34.86 -20.19
CA LEU D 245 -15.46 -33.99 -19.91
C LEU D 245 -15.73 -32.55 -20.35
N HIS D 246 -16.37 -32.39 -21.52
CA HIS D 246 -16.77 -31.06 -21.96
C HIS D 246 -17.76 -30.44 -20.99
N ALA D 247 -18.73 -31.22 -20.51
CA ALA D 247 -19.69 -30.72 -19.54
C ALA D 247 -18.99 -30.27 -18.27
N LEU D 248 -17.98 -31.03 -17.83
CA LEU D 248 -17.23 -30.66 -16.64
C LEU D 248 -16.47 -29.35 -16.86
N VAL D 249 -15.88 -29.17 -18.03
CA VAL D 249 -15.06 -27.98 -18.24
C VAL D 249 -15.93 -26.75 -18.47
N MET D 250 -17.14 -26.94 -18.99
CA MET D 250 -18.04 -25.80 -19.20
C MET D 250 -18.52 -25.19 -17.89
N ILE D 251 -18.75 -26.03 -16.88
CA ILE D 251 -19.35 -25.55 -15.63
C ILE D 251 -18.27 -24.98 -14.72
N ALA D 252 -17.05 -24.87 -15.23
CA ALA D 252 -15.91 -24.42 -14.44
C ALA D 252 -15.90 -22.90 -14.39
N ASP D 253 -15.85 -22.36 -13.18
CA ASP D 253 -15.64 -20.93 -12.96
C ASP D 253 -14.25 -20.71 -12.35
N ASN D 254 -13.78 -19.48 -12.42
CA ASN D 254 -12.47 -19.12 -11.88
C ASN D 254 -12.56 -18.80 -10.39
N SER D 255 -13.11 -19.74 -9.63
CA SER D 255 -13.26 -19.65 -8.19
C SER D 255 -12.48 -20.77 -7.51
N PRO D 256 -11.89 -20.50 -6.34
CA PRO D 256 -11.08 -21.52 -5.67
C PRO D 256 -11.88 -22.75 -5.25
N GLU D 257 -13.18 -22.55 -5.00
CA GLU D 257 -14.01 -23.65 -4.52
C GLU D 257 -14.61 -24.48 -5.65
N ASN D 258 -14.82 -23.87 -6.82
CA ASN D 258 -15.32 -24.62 -7.97
C ASN D 258 -14.19 -25.26 -8.77
N SER D 259 -13.04 -24.60 -8.83
CA SER D 259 -11.90 -25.13 -9.56
C SER D 259 -11.42 -26.45 -8.96
N ALA D 260 -11.36 -26.52 -7.63
CA ALA D 260 -10.94 -27.75 -6.97
C ALA D 260 -11.92 -28.90 -7.27
N LEU D 261 -13.22 -28.60 -7.21
CA LEU D 261 -14.24 -29.60 -7.51
C LEU D 261 -14.08 -30.11 -8.94
N VAL D 262 -13.96 -29.20 -9.90
CA VAL D 262 -13.86 -29.58 -11.30
C VAL D 262 -12.59 -30.40 -11.54
N ILE D 263 -11.47 -29.95 -10.95
CA ILE D 263 -10.20 -30.64 -11.14
C ILE D 263 -10.27 -32.05 -10.57
N HIS D 264 -10.80 -32.20 -9.36
CA HIS D 264 -10.87 -33.52 -8.73
C HIS D 264 -11.77 -34.45 -9.51
N MET D 265 -12.94 -33.95 -9.95
CA MET D 265 -13.83 -34.80 -10.72
C MET D 265 -13.20 -35.18 -12.07
N TYR D 266 -12.52 -34.22 -12.70
CA TYR D 266 -11.82 -34.49 -13.96
C TYR D 266 -10.82 -35.63 -13.80
N ASP D 267 -9.94 -35.50 -12.80
CA ASP D 267 -8.90 -36.50 -12.58
C ASP D 267 -9.51 -37.86 -12.23
N SER D 268 -10.47 -37.87 -11.31
CA SER D 268 -11.06 -39.12 -10.87
C SER D 268 -11.78 -39.82 -12.02
N LEU D 269 -12.50 -39.05 -12.85
CA LEU D 269 -13.22 -39.66 -13.95
C LEU D 269 -12.27 -40.15 -15.04
N LEU D 270 -11.16 -39.45 -15.24
CA LEU D 270 -10.16 -39.93 -16.20
C LEU D 270 -9.57 -41.26 -15.73
N GLN D 271 -9.21 -41.35 -14.45
CA GLN D 271 -8.70 -42.61 -13.91
C GLN D 271 -9.74 -43.70 -13.99
N MET D 272 -11.01 -43.36 -13.73
CA MET D 272 -12.09 -44.34 -13.82
C MET D 272 -12.26 -44.85 -15.25
N GLY D 273 -12.17 -43.95 -16.22
CA GLY D 273 -12.31 -44.36 -17.62
C GLY D 273 -11.11 -45.13 -18.12
N ALA D 274 -9.96 -44.98 -17.44
CA ALA D 274 -8.79 -45.77 -17.79
C ALA D 274 -9.08 -47.26 -17.65
N ARG D 275 -9.81 -47.64 -16.60
CA ARG D 275 -10.07 -49.05 -16.31
C ARG D 275 -11.24 -49.62 -17.11
N LEU D 276 -12.05 -48.78 -17.75
CA LEU D 276 -13.22 -49.23 -18.50
C LEU D 276 -12.94 -49.28 -20.00
N CYS D 277 -12.51 -48.16 -20.58
CA CYS D 277 -12.25 -48.05 -22.02
C CYS D 277 -10.79 -47.66 -22.21
N PRO D 278 -9.89 -48.64 -22.33
CA PRO D 278 -8.46 -48.31 -22.53
C PRO D 278 -8.12 -48.09 -23.99
N THR D 279 -8.91 -48.66 -24.89
CA THR D 279 -8.60 -48.56 -26.32
C THR D 279 -8.92 -47.18 -26.89
N VAL D 280 -9.74 -46.40 -26.21
CA VAL D 280 -10.11 -45.06 -26.68
C VAL D 280 -9.58 -44.03 -25.69
N GLN D 281 -9.26 -42.85 -26.21
CA GLN D 281 -8.74 -41.75 -25.40
C GLN D 281 -9.79 -40.67 -25.28
N LEU D 282 -10.20 -40.38 -24.04
CA LEU D 282 -11.24 -39.40 -23.79
C LEU D 282 -10.80 -37.97 -24.05
N GLU D 283 -9.49 -37.69 -23.96
CA GLU D 283 -9.00 -36.33 -24.13
C GLU D 283 -9.12 -35.87 -25.58
N ASP D 284 -9.29 -36.81 -26.50
CA ASP D 284 -9.34 -36.47 -27.92
C ASP D 284 -10.72 -36.70 -28.51
N ILE D 285 -11.76 -36.41 -27.75
CA ILE D 285 -13.14 -36.49 -28.22
C ILE D 285 -13.49 -35.14 -28.82
N CYS D 286 -13.83 -35.12 -30.11
CA CYS D 286 -14.04 -33.86 -30.81
C CYS D 286 -15.45 -33.34 -30.58
N ASN D 287 -15.55 -32.03 -30.33
CA ASN D 287 -16.83 -31.36 -30.15
C ASN D 287 -17.50 -31.15 -31.51
N HIS D 288 -18.74 -30.68 -31.47
CA HIS D 288 -19.42 -30.28 -32.71
C HIS D 288 -18.71 -29.09 -33.34
N GLN D 289 -18.15 -28.20 -32.53
CA GLN D 289 -17.36 -27.07 -33.01
C GLN D 289 -15.94 -27.46 -33.34
N GLY D 290 -15.56 -28.72 -33.14
CA GLY D 290 -14.21 -29.16 -33.45
C GLY D 290 -13.21 -29.01 -32.32
N LEU D 291 -13.67 -28.90 -31.09
CA LEU D 291 -12.79 -28.63 -29.95
C LEU D 291 -12.68 -29.85 -29.04
N THR D 292 -11.61 -29.87 -28.27
CA THR D 292 -11.33 -30.87 -27.25
C THR D 292 -11.44 -30.20 -25.89
N PRO D 293 -11.48 -30.98 -24.80
CA PRO D 293 -11.57 -30.35 -23.47
C PRO D 293 -10.48 -29.33 -23.20
N LEU D 294 -9.25 -29.60 -23.64
CA LEU D 294 -8.19 -28.61 -23.49
C LEU D 294 -8.45 -27.37 -24.34
N LYS D 295 -8.81 -27.58 -25.60
CA LYS D 295 -9.13 -26.46 -26.48
C LYS D 295 -10.38 -25.72 -26.02
N LEU D 296 -11.37 -26.47 -25.53
CA LEU D 296 -12.59 -25.84 -25.02
C LEU D 296 -12.29 -24.99 -23.79
N ALA D 297 -11.42 -25.47 -22.91
CA ALA D 297 -10.99 -24.66 -21.77
C ALA D 297 -10.23 -23.43 -22.22
N ALA D 298 -9.38 -23.56 -23.24
CA ALA D 298 -8.63 -22.41 -23.74
C ALA D 298 -9.56 -21.35 -24.33
N LYS D 299 -10.56 -21.77 -25.11
CA LYS D 299 -11.46 -20.83 -25.75
C LYS D 299 -12.42 -20.16 -24.77
N GLU D 300 -12.94 -20.91 -23.80
CA GLU D 300 -13.91 -20.36 -22.86
C GLU D 300 -13.28 -19.54 -21.75
N GLY D 301 -11.95 -19.51 -21.67
CA GLY D 301 -11.27 -18.66 -20.72
C GLY D 301 -11.10 -19.23 -19.32
N LYS D 302 -11.56 -20.44 -19.08
CA LYS D 302 -11.32 -21.08 -17.79
C LYS D 302 -9.83 -21.34 -17.61
N ILE D 303 -9.21 -20.65 -16.66
CA ILE D 303 -7.76 -20.63 -16.54
C ILE D 303 -7.27 -21.70 -15.56
N GLU D 304 -8.07 -21.98 -14.52
CA GLU D 304 -7.64 -22.93 -13.51
C GLU D 304 -7.59 -24.35 -14.07
N ILE D 305 -8.68 -24.79 -14.69
CA ILE D 305 -8.73 -26.13 -15.26
C ILE D 305 -7.76 -26.25 -16.44
N PHE D 306 -7.62 -25.16 -17.21
CA PHE D 306 -6.66 -25.16 -18.32
C PHE D 306 -5.25 -25.37 -17.81
N ARG D 307 -4.87 -24.65 -16.75
CA ARG D 307 -3.54 -24.80 -16.18
C ARG D 307 -3.34 -26.20 -15.61
N HIS D 308 -4.36 -26.74 -14.94
CA HIS D 308 -4.22 -28.07 -14.36
C HIS D 308 -4.05 -29.13 -15.44
N ILE D 309 -4.85 -29.06 -16.50
CA ILE D 309 -4.73 -30.00 -17.61
C ILE D 309 -3.41 -29.85 -18.34
N LEU D 310 -2.90 -28.62 -18.49
CA LEU D 310 -1.67 -28.39 -19.22
C LEU D 310 -0.48 -29.05 -18.55
N GLN D 311 -0.40 -29.02 -17.23
CA GLN D 311 0.62 -29.72 -16.46
C GLN D 311 -0.05 -30.56 -15.37
N ARG D 312 -0.20 -31.86 -15.64
CA ARG D 312 -0.73 -32.81 -14.68
C ARG D 312 0.16 -34.04 -14.66
N GLU D 313 0.45 -34.54 -13.46
CA GLU D 313 1.32 -35.69 -13.27
C GLU D 313 0.66 -36.69 -12.33
N PHE D 314 0.90 -37.98 -12.58
CA PHE D 314 0.35 -39.06 -11.77
C PHE D 314 1.49 -39.93 -11.25
N SER D 315 1.16 -40.80 -10.28
CA SER D 315 2.19 -41.55 -9.56
C SER D 315 2.44 -42.93 -10.14
N GLY D 316 1.41 -43.78 -10.20
CA GLY D 316 1.61 -45.19 -10.47
C GLY D 316 1.09 -45.71 -11.79
N LEU D 317 -0.05 -46.42 -11.74
CA LEU D 317 -0.54 -47.14 -12.91
C LEU D 317 -1.01 -46.20 -14.01
N TYR D 318 -1.23 -44.92 -13.68
CA TYR D 318 -1.79 -43.95 -14.62
C TYR D 318 -0.73 -43.02 -15.18
N GLN D 319 0.46 -43.56 -15.44
CA GLN D 319 1.49 -42.77 -16.14
C GLN D 319 1.05 -42.33 -17.52
N PRO D 320 0.45 -43.19 -18.39
CA PRO D 320 0.06 -42.72 -19.72
C PRO D 320 -0.90 -41.54 -19.72
N LEU D 321 -1.71 -41.42 -18.66
CA LEU D 321 -2.69 -40.35 -18.56
C LEU D 321 -2.05 -39.14 -17.89
N SER D 322 -0.94 -38.68 -18.49
CA SER D 322 -0.21 -37.56 -17.92
C SER D 322 0.30 -36.68 -19.06
N ARG D 323 0.51 -35.41 -18.73
CA ARG D 323 1.03 -34.42 -19.67
C ARG D 323 2.44 -33.96 -19.35
N LYS D 324 2.74 -33.77 -18.07
CA LYS D 324 4.06 -33.36 -17.61
C LYS D 324 4.77 -34.56 -17.01
N PHE D 325 5.96 -34.88 -17.52
CA PHE D 325 6.76 -35.96 -17.00
C PHE D 325 8.06 -35.43 -16.41
N THR D 326 8.55 -36.12 -15.38
CA THR D 326 9.81 -35.77 -14.72
C THR D 326 10.84 -36.84 -15.01
N GLU D 327 11.88 -36.47 -15.73
CA GLU D 327 12.96 -37.38 -16.09
C GLU D 327 14.02 -37.31 -14.98
N TRP D 328 15.23 -37.83 -15.25
CA TRP D 328 16.27 -38.00 -14.23
C TRP D 328 16.42 -36.77 -13.35
N CYS D 329 16.33 -37.00 -12.05
CA CYS D 329 16.55 -35.95 -11.04
C CYS D 329 17.95 -36.04 -10.45
N TYR D 330 18.97 -35.75 -11.26
CA TYR D 330 20.34 -35.78 -10.77
C TYR D 330 20.59 -34.65 -9.78
N GLY D 331 20.67 -34.99 -8.50
CA GLY D 331 20.78 -33.99 -7.46
C GLY D 331 19.57 -33.08 -7.43
N PRO D 332 19.81 -31.76 -7.34
CA PRO D 332 18.70 -30.79 -7.25
C PRO D 332 18.23 -30.22 -8.58
N VAL D 333 18.76 -30.67 -9.71
CA VAL D 333 18.30 -30.22 -11.02
C VAL D 333 17.34 -31.26 -11.58
N ARG D 334 16.18 -30.80 -12.07
CA ARG D 334 15.21 -31.69 -12.66
C ARG D 334 14.80 -31.18 -14.03
N VAL D 335 14.62 -32.11 -14.96
CA VAL D 335 14.20 -31.81 -16.32
C VAL D 335 12.74 -32.24 -16.47
N SER D 336 11.90 -31.29 -16.87
CA SER D 336 10.47 -31.55 -17.05
C SER D 336 10.16 -31.57 -18.54
N LEU D 337 9.43 -32.59 -18.96
CA LEU D 337 8.98 -32.75 -20.34
C LEU D 337 7.48 -32.49 -20.38
N TYR D 338 7.09 -31.40 -21.03
CA TYR D 338 5.68 -31.07 -21.20
C TYR D 338 5.17 -31.59 -22.53
N ASP D 339 3.99 -32.20 -22.51
CA ASP D 339 3.40 -32.70 -23.74
C ASP D 339 3.01 -31.54 -24.64
N LEU D 340 3.39 -31.62 -25.92
CA LEU D 340 3.08 -30.59 -26.90
C LEU D 340 2.00 -31.04 -27.88
N SER D 341 1.05 -31.85 -27.41
CA SER D 341 -0.05 -32.31 -28.25
C SER D 341 -1.17 -31.28 -28.24
N SER D 342 -1.59 -30.86 -29.43
CA SER D 342 -2.70 -29.94 -29.63
C SER D 342 -2.43 -28.57 -29.00
N VAL D 343 -1.19 -28.32 -28.60
CA VAL D 343 -0.81 -27.00 -28.09
C VAL D 343 0.30 -26.36 -28.92
N ASP D 344 1.15 -27.15 -29.57
CA ASP D 344 2.14 -26.59 -30.48
C ASP D 344 1.46 -26.01 -31.70
N SER D 345 1.96 -24.85 -32.14
CA SER D 345 1.35 -24.12 -33.25
C SER D 345 1.53 -24.81 -34.59
N TRP D 346 2.34 -25.87 -34.67
CA TRP D 346 2.50 -26.62 -35.91
C TRP D 346 1.20 -27.24 -36.39
N GLU D 347 0.30 -27.58 -35.47
CA GLU D 347 -1.01 -28.11 -35.84
C GLU D 347 -1.90 -26.98 -36.37
N LYS D 348 -2.98 -27.38 -37.05
CA LYS D 348 -3.89 -26.42 -37.66
C LYS D 348 -4.56 -25.54 -36.61
N ASN D 349 -5.30 -26.16 -35.69
CA ASN D 349 -6.02 -25.45 -34.64
C ASN D 349 -5.35 -25.78 -33.31
N SER D 350 -4.37 -24.97 -32.93
CA SER D 350 -3.62 -25.19 -31.71
C SER D 350 -4.16 -24.33 -30.57
N VAL D 351 -3.73 -24.63 -29.35
CA VAL D 351 -4.12 -23.84 -28.19
C VAL D 351 -3.57 -22.43 -28.25
N LEU D 352 -2.35 -22.25 -28.76
CA LEU D 352 -1.77 -20.92 -28.88
C LEU D 352 -2.59 -20.02 -29.78
N GLU D 353 -3.06 -20.53 -30.92
CA GLU D 353 -3.92 -19.77 -31.81
C GLU D 353 -5.28 -19.49 -31.21
N ILE D 354 -5.85 -20.43 -30.45
CA ILE D 354 -7.16 -20.25 -29.83
C ILE D 354 -7.15 -19.06 -28.88
N ILE D 355 -6.15 -19.01 -28.00
CA ILE D 355 -6.03 -17.92 -27.04
C ILE D 355 -5.85 -16.61 -27.79
N ALA D 356 -5.00 -16.63 -28.83
CA ALA D 356 -4.64 -15.40 -29.51
C ALA D 356 -5.82 -14.80 -30.29
N PHE D 357 -6.58 -15.63 -30.99
CA PHE D 357 -7.49 -15.13 -32.01
C PHE D 357 -8.95 -15.54 -31.79
N HIS D 358 -9.27 -16.29 -30.75
CA HIS D 358 -10.63 -16.78 -30.58
C HIS D 358 -11.17 -16.51 -29.18
N CYS D 359 -10.29 -16.47 -28.19
CA CYS D 359 -10.71 -16.29 -26.81
C CYS D 359 -11.26 -14.87 -26.61
N LYS D 360 -12.46 -14.78 -26.06
CA LYS D 360 -13.16 -13.52 -25.84
C LYS D 360 -13.09 -13.08 -24.38
N SER D 361 -12.24 -13.72 -23.60
CA SER D 361 -12.19 -13.47 -22.16
C SER D 361 -11.65 -12.08 -21.86
N PRO D 362 -12.09 -11.47 -20.76
CA PRO D 362 -11.58 -10.13 -20.39
C PRO D 362 -10.08 -10.12 -20.17
N HIS D 363 -9.58 -11.09 -19.41
CA HIS D 363 -8.14 -11.21 -19.14
C HIS D 363 -7.68 -12.55 -19.72
N ARG D 364 -7.34 -12.54 -21.01
CA ARG D 364 -6.75 -13.68 -21.68
C ARG D 364 -5.24 -13.55 -21.82
N HIS D 365 -4.66 -12.46 -21.32
CA HIS D 365 -3.22 -12.29 -21.28
C HIS D 365 -2.57 -13.00 -20.11
N ARG D 366 -3.35 -13.52 -19.17
CA ARG D 366 -2.82 -14.33 -18.08
C ARG D 366 -2.71 -15.80 -18.45
N MET D 367 -3.44 -16.26 -19.46
CA MET D 367 -3.36 -17.64 -19.93
C MET D 367 -2.19 -17.88 -20.86
N VAL D 368 -1.49 -16.83 -21.28
CA VAL D 368 -0.40 -16.93 -22.25
C VAL D 368 0.97 -16.92 -21.57
N VAL D 369 1.03 -16.70 -20.27
CA VAL D 369 2.29 -16.55 -19.56
C VAL D 369 2.59 -17.73 -18.65
N LEU D 370 1.63 -18.64 -18.46
CA LEU D 370 1.84 -19.80 -17.60
C LEU D 370 2.77 -20.89 -18.15
N GLU D 371 3.10 -21.84 -17.27
CA GLU D 371 3.98 -22.96 -17.59
C GLU D 371 3.68 -23.65 -18.91
N PRO D 372 4.73 -24.08 -19.60
CA PRO D 372 4.69 -24.64 -20.95
C PRO D 372 3.68 -23.93 -21.85
N LEU D 373 3.89 -22.62 -21.97
CA LEU D 373 3.09 -21.71 -22.77
C LEU D 373 3.93 -20.45 -22.66
N ASN D 374 4.86 -20.51 -21.70
CA ASN D 374 5.79 -19.42 -21.39
C ASN D 374 7.12 -19.52 -22.17
N LYS D 375 7.89 -20.53 -21.82
CA LYS D 375 9.18 -20.96 -22.34
C LYS D 375 9.11 -21.24 -23.85
N LEU D 376 8.04 -21.89 -24.29
CA LEU D 376 7.87 -22.18 -25.71
C LEU D 376 7.79 -20.90 -26.53
N LEU D 377 7.00 -19.94 -26.05
CA LEU D 377 6.88 -18.67 -26.76
C LEU D 377 8.18 -17.89 -26.75
N GLN D 378 8.92 -17.94 -25.64
CA GLN D 378 10.21 -17.27 -25.58
C GLN D 378 11.18 -17.88 -26.58
N GLU D 379 11.20 -19.21 -26.67
CA GLU D 379 12.07 -19.88 -27.64
C GLU D 379 11.68 -19.50 -29.06
N LYS D 380 10.39 -19.48 -29.36
CA LYS D 380 9.94 -19.11 -30.69
C LYS D 380 10.31 -17.67 -31.03
N TRP D 381 10.16 -16.75 -30.07
CA TRP D 381 10.53 -15.37 -30.30
C TRP D 381 12.03 -15.23 -30.51
N ASP D 382 12.84 -15.93 -29.71
CA ASP D 382 14.28 -15.86 -29.88
C ASP D 382 14.70 -16.41 -31.24
N ARG D 383 14.00 -17.42 -31.74
CA ARG D 383 14.30 -17.96 -33.05
C ARG D 383 13.79 -17.06 -34.19
N LEU D 384 12.74 -16.28 -33.96
CA LEU D 384 12.15 -15.44 -35.00
C LEU D 384 12.58 -13.98 -34.94
N ILE D 385 13.46 -13.62 -34.00
CA ILE D 385 13.96 -12.23 -33.94
C ILE D 385 14.50 -11.73 -35.28
N PRO D 386 15.36 -12.47 -36.02
CA PRO D 386 15.92 -11.91 -37.26
C PRO D 386 14.87 -11.48 -38.27
N ARG D 387 13.80 -12.27 -38.42
CA ARG D 387 12.74 -11.92 -39.36
C ARG D 387 12.02 -10.66 -38.91
N PHE D 388 11.76 -10.53 -37.61
CA PHE D 388 11.10 -9.35 -37.08
C PHE D 388 11.92 -8.09 -37.37
N PHE D 389 13.22 -8.13 -37.09
CA PHE D 389 14.02 -6.93 -37.31
C PHE D 389 14.29 -6.70 -38.79
N PHE D 390 14.26 -7.75 -39.61
CA PHE D 390 14.35 -7.56 -41.06
C PHE D 390 13.12 -6.83 -41.58
N ASN D 391 11.93 -7.21 -41.09
CA ASN D 391 10.72 -6.49 -41.46
C ASN D 391 10.78 -5.03 -40.99
N PHE D 392 11.30 -4.82 -39.78
CA PHE D 392 11.46 -3.45 -39.29
C PHE D 392 12.39 -2.64 -40.20
N ALA D 393 13.50 -3.23 -40.61
CA ALA D 393 14.44 -2.53 -41.48
C ALA D 393 13.80 -2.23 -42.83
N CYS D 394 13.04 -3.18 -43.37
CA CYS D 394 12.36 -2.95 -44.64
C CYS D 394 11.37 -1.79 -44.54
N TYR D 395 10.59 -1.77 -43.46
CA TYR D 395 9.61 -0.68 -43.28
C TYR D 395 10.32 0.65 -43.09
N LEU D 396 11.44 0.66 -42.36
CA LEU D 396 12.20 1.90 -42.17
C LEU D 396 12.74 2.42 -43.48
N VAL D 397 13.26 1.53 -44.34
CA VAL D 397 13.74 1.94 -45.64
C VAL D 397 12.59 2.47 -46.49
N TYR D 398 11.43 1.81 -46.42
CA TYR D 398 10.28 2.27 -47.18
C TYR D 398 9.88 3.68 -46.77
N MET D 399 9.87 3.96 -45.47
CA MET D 399 9.50 5.31 -45.04
C MET D 399 10.61 6.33 -45.29
N ILE D 400 11.87 5.90 -45.32
CA ILE D 400 12.92 6.83 -45.75
C ILE D 400 12.69 7.24 -47.19
N ILE D 401 12.37 6.28 -48.05
CA ILE D 401 12.05 6.60 -49.44
C ILE D 401 10.82 7.51 -49.52
N PHE D 402 9.80 7.21 -48.70
CA PHE D 402 8.60 8.03 -48.69
C PHE D 402 8.90 9.48 -48.32
N THR D 403 9.69 9.67 -47.26
CA THR D 403 10.05 11.01 -46.81
C THR D 403 10.86 11.74 -47.88
N ILE D 404 11.81 11.04 -48.50
CA ILE D 404 12.63 11.66 -49.53
C ILE D 404 11.78 12.10 -50.71
N VAL D 405 10.82 11.25 -51.11
CA VAL D 405 9.97 11.60 -52.25
C VAL D 405 9.05 12.76 -51.91
N ALA D 406 8.46 12.75 -50.71
CA ALA D 406 7.53 13.81 -50.33
C ALA D 406 8.24 15.14 -50.15
N TYR D 407 9.46 15.14 -49.62
CA TYR D 407 10.20 16.37 -49.37
C TYR D 407 10.76 16.99 -50.63
N HIS D 408 11.04 16.19 -51.67
CA HIS D 408 11.71 16.70 -52.86
C HIS D 408 10.80 16.70 -54.08
N GLN D 409 9.53 17.07 -53.90
CA GLN D 409 8.63 17.09 -55.04
C GLN D 409 8.27 18.51 -55.42
N PRO D 410 8.00 18.78 -56.70
CA PRO D 410 7.68 20.13 -57.14
C PRO D 410 6.24 20.50 -56.79
N SER D 411 5.89 21.75 -57.10
CA SER D 411 4.55 22.25 -56.85
C SER D 411 3.64 22.03 -58.06
N THR D 423 15.61 14.84 -66.25
CA THR D 423 16.94 14.87 -65.66
C THR D 423 17.15 13.67 -64.75
N PHE D 424 18.35 13.56 -64.18
CA PHE D 424 18.63 12.48 -63.23
C PHE D 424 17.75 12.59 -62.00
N GLY D 425 17.58 13.81 -61.49
CA GLY D 425 16.70 14.02 -60.34
C GLY D 425 15.25 13.66 -60.65
N ASP D 426 14.78 14.06 -61.84
CA ASP D 426 13.41 13.72 -62.24
C ASP D 426 13.23 12.22 -62.39
N SER D 427 14.23 11.55 -62.97
CA SER D 427 14.15 10.09 -63.12
C SER D 427 14.11 9.42 -61.75
N MET D 428 14.96 9.88 -60.82
CA MET D 428 14.96 9.30 -59.48
C MET D 428 13.64 9.57 -58.77
N LEU D 429 13.06 10.75 -58.99
CA LEU D 429 11.77 11.08 -58.38
C LEU D 429 10.67 10.18 -58.92
N LEU D 430 10.66 9.94 -60.24
CA LEU D 430 9.67 9.02 -60.82
C LEU D 430 9.86 7.61 -60.29
N LEU D 431 11.10 7.16 -60.18
CA LEU D 431 11.38 5.84 -59.61
C LEU D 431 10.88 5.76 -58.17
N GLY D 432 11.10 6.82 -57.40
CA GLY D 432 10.59 6.84 -56.03
C GLY D 432 9.08 6.79 -55.98
N HIS D 433 8.42 7.53 -56.89
CA HIS D 433 6.96 7.53 -56.92
C HIS D 433 6.42 6.13 -57.22
N ILE D 434 6.98 5.46 -58.22
CA ILE D 434 6.48 4.13 -58.56
C ILE D 434 6.83 3.14 -57.44
N LEU D 435 8.00 3.29 -56.82
CA LEU D 435 8.35 2.42 -55.69
C LEU D 435 7.38 2.59 -54.53
N ILE D 436 7.00 3.83 -54.23
CA ILE D 436 5.98 4.07 -53.20
C ILE D 436 4.65 3.45 -53.60
N LEU D 437 4.28 3.54 -54.88
CA LEU D 437 3.01 2.95 -55.32
C LEU D 437 3.01 1.44 -55.07
N LEU D 438 4.07 0.75 -55.49
CA LEU D 438 4.15 -0.70 -55.26
C LEU D 438 4.23 -1.04 -53.78
N GLY D 439 4.96 -0.23 -52.99
CA GLY D 439 5.02 -0.49 -51.57
C GLY D 439 3.67 -0.35 -50.89
N GLY D 440 2.92 0.68 -51.27
CA GLY D 440 1.60 0.87 -50.71
C GLY D 440 0.64 -0.22 -51.11
N ILE D 441 0.70 -0.65 -52.37
CA ILE D 441 -0.19 -1.74 -52.79
C ILE D 441 0.19 -3.04 -52.10
N TYR D 442 1.49 -3.26 -51.86
CA TYR D 442 1.93 -4.43 -51.10
C TYR D 442 1.42 -4.41 -49.67
N LEU D 443 1.52 -3.27 -48.98
CA LEU D 443 1.01 -3.17 -47.62
C LEU D 443 -0.50 -3.37 -47.59
N LEU D 444 -1.21 -2.79 -48.56
CA LEU D 444 -2.65 -2.93 -48.64
C LEU D 444 -3.04 -4.39 -48.86
N LEU D 445 -2.33 -5.08 -49.75
CA LEU D 445 -2.62 -6.49 -50.02
C LEU D 445 -2.35 -7.34 -48.78
N GLY D 446 -1.27 -7.05 -48.07
CA GLY D 446 -0.98 -7.79 -46.84
C GLY D 446 -2.05 -7.60 -45.79
N GLN D 447 -2.48 -6.35 -45.58
CA GLN D 447 -3.53 -6.09 -44.60
C GLN D 447 -4.85 -6.72 -45.02
N LEU D 448 -5.16 -6.69 -46.32
CA LEU D 448 -6.39 -7.31 -46.79
C LEU D 448 -6.34 -8.83 -46.61
N TRP D 449 -5.19 -9.46 -46.85
CA TRP D 449 -5.06 -10.89 -46.60
C TRP D 449 -5.22 -11.20 -45.12
N TYR D 450 -4.64 -10.37 -44.26
CA TYR D 450 -4.80 -10.54 -42.82
C TYR D 450 -6.27 -10.49 -42.42
N PHE D 451 -7.00 -9.49 -42.92
CA PHE D 451 -8.40 -9.35 -42.52
C PHE D 451 -9.27 -10.42 -43.17
N TRP D 452 -8.85 -10.94 -44.33
CA TRP D 452 -9.58 -12.02 -44.97
C TRP D 452 -9.45 -13.31 -44.18
N ARG D 453 -8.22 -13.65 -43.77
CA ARG D 453 -7.97 -14.90 -43.04
C ARG D 453 -8.15 -14.74 -41.53
N ARG D 454 -8.53 -13.56 -41.07
CA ARG D 454 -8.83 -13.34 -39.66
C ARG D 454 -10.07 -12.46 -39.50
N ARG D 455 -11.14 -12.79 -40.25
CA ARG D 455 -12.30 -11.92 -40.33
C ARG D 455 -12.99 -11.74 -38.99
N LEU D 456 -13.01 -12.78 -38.15
CA LEU D 456 -13.72 -12.70 -36.88
C LEU D 456 -13.02 -11.79 -35.88
N PHE D 457 -11.69 -11.71 -35.93
CA PHE D 457 -10.90 -11.16 -34.82
C PHE D 457 -11.32 -9.73 -34.48
N ILE D 458 -11.82 -8.99 -35.46
CA ILE D 458 -12.19 -7.59 -35.23
C ILE D 458 -13.30 -7.48 -34.19
N TRP D 459 -14.09 -8.53 -34.04
CA TRP D 459 -15.16 -8.54 -33.05
C TRP D 459 -14.74 -9.15 -31.72
N ILE D 460 -13.86 -10.15 -31.73
CA ILE D 460 -13.34 -10.69 -30.48
C ILE D 460 -12.51 -9.66 -29.74
N SER D 461 -11.62 -8.97 -30.46
CA SER D 461 -10.71 -8.02 -29.80
C SER D 461 -10.34 -6.91 -30.78
N PHE D 462 -10.99 -5.76 -30.62
CA PHE D 462 -10.58 -4.54 -31.31
C PHE D 462 -9.37 -3.91 -30.64
N MET D 463 -9.31 -3.94 -29.31
CA MET D 463 -8.32 -3.17 -28.57
C MET D 463 -6.93 -3.82 -28.64
N ASP D 464 -6.88 -5.11 -28.93
CA ASP D 464 -5.62 -5.85 -28.79
C ASP D 464 -4.66 -5.67 -29.97
N SER D 465 -5.16 -5.31 -31.14
CA SER D 465 -4.22 -5.17 -32.25
C SER D 465 -4.08 -3.72 -32.70
N TYR D 466 -5.14 -3.13 -33.24
CA TYR D 466 -5.35 -1.69 -33.40
C TYR D 466 -4.20 -1.03 -34.17
N PHE D 467 -3.25 -1.84 -34.66
CA PHE D 467 -2.23 -1.37 -35.60
C PHE D 467 -2.48 -1.89 -37.00
N GLU D 468 -3.15 -3.03 -37.15
CA GLU D 468 -3.52 -3.49 -38.48
C GLU D 468 -4.47 -2.51 -39.14
N ILE D 469 -5.40 -1.94 -38.37
CA ILE D 469 -6.31 -0.94 -38.91
C ILE D 469 -5.54 0.29 -39.35
N LEU D 470 -4.57 0.73 -38.54
CA LEU D 470 -3.77 1.90 -38.88
C LEU D 470 -2.94 1.65 -40.13
N PHE D 471 -2.33 0.47 -40.24
CA PHE D 471 -1.57 0.14 -41.44
C PHE D 471 -2.47 0.10 -42.67
N LEU D 472 -3.67 -0.47 -42.53
CA LEU D 472 -4.61 -0.51 -43.64
C LEU D 472 -4.99 0.89 -44.08
N VAL D 473 -5.27 1.77 -43.11
CA VAL D 473 -5.65 3.14 -43.44
C VAL D 473 -4.50 3.87 -44.13
N GLN D 474 -3.27 3.68 -43.62
CA GLN D 474 -2.12 4.33 -44.23
C GLN D 474 -1.91 3.86 -45.66
N ALA D 475 -2.01 2.54 -45.88
CA ALA D 475 -1.84 2.00 -47.23
C ALA D 475 -2.94 2.51 -48.16
N LEU D 476 -4.18 2.56 -47.67
CA LEU D 476 -5.29 3.07 -48.46
C LEU D 476 -5.05 4.53 -48.85
N LEU D 477 -4.63 5.35 -47.89
CA LEU D 477 -4.37 6.75 -48.17
C LEU D 477 -3.25 6.91 -49.18
N THR D 478 -2.17 6.12 -49.02
CA THR D 478 -1.04 6.22 -49.93
C THR D 478 -1.44 5.84 -51.35
N VAL D 479 -2.12 4.70 -51.51
CA VAL D 479 -2.48 4.25 -52.85
C VAL D 479 -3.51 5.19 -53.48
N LEU D 480 -4.43 5.69 -52.67
CA LEU D 480 -5.46 6.59 -53.19
C LEU D 480 -4.85 7.91 -53.64
N SER D 481 -3.91 8.44 -52.85
CA SER D 481 -3.21 9.65 -53.25
C SER D 481 -2.37 9.43 -54.50
N GLN D 482 -1.72 8.27 -54.63
CA GLN D 482 -0.92 8.01 -55.81
C GLN D 482 -1.78 7.86 -57.06
N VAL D 483 -2.99 7.31 -56.91
CA VAL D 483 -3.87 7.15 -58.06
C VAL D 483 -4.65 8.44 -58.26
N LEU D 484 -4.54 9.35 -57.30
CA LEU D 484 -5.19 10.66 -57.40
C LEU D 484 -4.28 11.72 -58.00
N ARG D 485 -2.99 11.43 -58.14
CA ARG D 485 -2.08 12.34 -58.83
C ARG D 485 -2.25 12.29 -60.34
N PHE D 486 -2.71 11.17 -60.88
CA PHE D 486 -3.00 11.07 -62.31
C PHE D 486 -4.21 11.89 -62.70
N VAL D 487 -5.04 12.30 -61.73
CA VAL D 487 -6.19 13.16 -61.99
C VAL D 487 -5.81 14.64 -62.01
N GLU D 488 -4.60 14.98 -61.55
CA GLU D 488 -4.17 16.38 -61.40
C GLU D 488 -5.18 17.19 -60.59
N THR D 489 -5.53 16.65 -59.42
CA THR D 489 -6.48 17.32 -58.53
C THR D 489 -5.76 18.27 -57.59
N GLU D 490 -6.54 18.88 -56.69
CA GLU D 490 -6.01 19.85 -55.74
C GLU D 490 -5.86 19.28 -54.33
N TRP D 491 -6.47 18.12 -54.05
CA TRP D 491 -6.46 17.53 -52.71
C TRP D 491 -5.50 16.35 -52.63
N TYR D 492 -4.40 16.40 -53.38
CA TYR D 492 -3.35 15.40 -53.35
C TYR D 492 -2.41 15.52 -52.15
N LEU D 493 -1.81 16.70 -51.98
CA LEU D 493 -0.85 16.91 -50.90
C LEU D 493 -1.43 16.66 -49.51
N PRO D 494 -2.67 17.07 -49.18
CA PRO D 494 -3.21 16.74 -47.85
C PRO D 494 -3.19 15.25 -47.52
N LEU D 495 -3.70 14.42 -48.43
CA LEU D 495 -3.72 12.98 -48.18
C LEU D 495 -2.30 12.41 -48.18
N LEU D 496 -1.43 12.94 -49.04
CA LEU D 496 -0.05 12.48 -49.06
C LEU D 496 0.62 12.71 -47.71
N VAL D 497 0.49 13.92 -47.16
CA VAL D 497 1.14 14.21 -45.89
C VAL D 497 0.42 13.50 -44.74
N SER D 498 -0.88 13.25 -44.87
CA SER D 498 -1.57 12.46 -43.85
C SER D 498 -1.03 11.05 -43.78
N SER D 499 -0.81 10.42 -44.94
CA SER D 499 -0.18 9.10 -44.96
C SER D 499 1.24 9.16 -44.44
N LEU D 500 1.96 10.25 -44.75
CA LEU D 500 3.31 10.42 -44.24
C LEU D 500 3.34 10.49 -42.71
N VAL D 501 2.40 11.21 -42.11
CA VAL D 501 2.29 11.23 -40.65
C VAL D 501 1.92 9.86 -40.12
N LEU D 502 0.94 9.20 -40.74
CA LEU D 502 0.41 7.96 -40.19
C LEU D 502 1.46 6.86 -40.21
N GLY D 503 2.28 6.81 -41.25
CA GLY D 503 3.32 5.79 -41.31
C GLY D 503 4.38 5.98 -40.24
N TRP D 504 4.84 7.21 -40.05
CA TRP D 504 5.83 7.47 -39.01
C TRP D 504 5.25 7.19 -37.62
N LEU D 505 3.94 7.45 -37.44
CA LEU D 505 3.31 7.07 -36.18
C LEU D 505 3.24 5.56 -36.03
N ASN D 506 2.97 4.85 -37.14
CA ASN D 506 2.88 3.39 -37.11
C ASN D 506 4.25 2.75 -36.92
N LEU D 507 5.32 3.51 -37.13
CA LEU D 507 6.67 3.00 -36.90
C LEU D 507 6.84 2.54 -35.46
N LEU D 508 5.99 3.03 -34.56
CA LEU D 508 6.03 2.59 -33.17
C LEU D 508 5.50 1.18 -32.98
N TYR D 509 5.05 0.52 -34.04
CA TYR D 509 4.72 -0.90 -33.94
C TYR D 509 5.95 -1.72 -33.56
N TYR D 510 7.09 -1.42 -34.17
CA TYR D 510 8.31 -2.19 -33.89
C TYR D 510 8.97 -1.74 -32.59
N THR D 511 8.44 -0.70 -31.94
CA THR D 511 8.87 -0.39 -30.58
C THR D 511 8.68 -1.60 -29.68
N ARG D 512 7.67 -2.41 -29.97
CA ARG D 512 7.48 -3.72 -29.36
C ARG D 512 8.58 -4.67 -29.83
N GLY D 513 9.10 -5.48 -28.92
CA GLY D 513 10.24 -6.32 -29.22
C GLY D 513 11.28 -6.15 -28.13
N PHE D 514 11.17 -5.04 -27.40
CA PHE D 514 11.97 -4.77 -26.22
C PHE D 514 11.03 -4.51 -25.06
N GLN D 515 11.35 -5.10 -23.89
CA GLN D 515 10.45 -5.02 -22.75
C GLN D 515 10.28 -3.58 -22.28
N HIS D 516 11.38 -2.83 -22.18
CA HIS D 516 11.33 -1.48 -21.63
C HIS D 516 10.44 -0.57 -22.49
N THR D 517 10.53 -0.70 -23.81
CA THR D 517 9.75 0.16 -24.68
C THR D 517 8.38 -0.43 -25.00
N GLY D 518 8.27 -1.75 -25.06
CA GLY D 518 6.98 -2.37 -25.29
C GLY D 518 6.00 -2.13 -24.14
N ILE D 519 6.50 -2.23 -22.90
CA ILE D 519 5.65 -1.94 -21.75
C ILE D 519 5.25 -0.47 -21.75
N TYR D 520 6.15 0.40 -22.19
CA TYR D 520 5.83 1.82 -22.31
C TYR D 520 4.71 2.04 -23.32
N SER D 521 4.78 1.35 -24.46
CA SER D 521 3.72 1.48 -25.47
C SER D 521 2.38 0.97 -24.93
N VAL D 522 2.41 -0.14 -24.20
CA VAL D 522 1.18 -0.68 -23.61
C VAL D 522 0.59 0.31 -22.63
N MET D 523 1.45 0.92 -21.79
CA MET D 523 0.97 1.91 -20.83
C MET D 523 0.41 3.15 -21.54
N ILE D 524 1.04 3.55 -22.66
CA ILE D 524 0.52 4.66 -23.44
C ILE D 524 -0.88 4.36 -23.93
N GLN D 525 -1.09 3.14 -24.44
CA GLN D 525 -2.42 2.75 -24.89
C GLN D 525 -3.42 2.77 -23.75
N LYS D 526 -3.03 2.24 -22.59
CA LYS D 526 -3.95 2.21 -21.45
C LYS D 526 -4.31 3.61 -20.99
N VAL D 527 -3.34 4.51 -20.96
CA VAL D 527 -3.60 5.89 -20.55
C VAL D 527 -4.53 6.58 -21.55
N ILE D 528 -4.28 6.36 -22.84
CA ILE D 528 -5.14 6.97 -23.86
C ILE D 528 -6.57 6.47 -23.72
N LEU D 529 -6.75 5.16 -23.53
CA LEU D 529 -8.07 4.56 -23.47
C LEU D 529 -8.81 4.84 -22.17
N ARG D 530 -8.09 5.07 -21.07
CA ARG D 530 -8.72 5.11 -19.75
C ARG D 530 -9.08 6.50 -19.28
N ASP D 531 -8.17 7.47 -19.35
CA ASP D 531 -8.41 8.77 -18.72
C ASP D 531 -7.98 9.90 -19.65
N LEU D 532 -8.35 9.81 -20.93
CA LEU D 532 -8.08 10.92 -21.84
C LEU D 532 -9.34 11.31 -22.61
N LEU D 533 -10.21 10.33 -22.88
CA LEU D 533 -11.41 10.59 -23.67
C LEU D 533 -12.44 11.40 -22.89
N ARG D 534 -12.69 11.03 -21.63
CA ARG D 534 -13.64 11.77 -20.81
C ARG D 534 -13.14 13.18 -20.50
N PHE D 535 -11.83 13.32 -20.28
CA PHE D 535 -11.25 14.65 -20.14
C PHE D 535 -11.48 15.47 -21.40
N LEU D 536 -11.32 14.84 -22.57
CA LEU D 536 -11.56 15.54 -23.83
C LEU D 536 -13.02 15.96 -23.94
N LEU D 537 -13.94 15.09 -23.53
CA LEU D 537 -15.37 15.42 -23.58
C LEU D 537 -15.68 16.65 -22.74
N VAL D 538 -15.25 16.63 -21.48
CA VAL D 538 -15.49 17.76 -20.59
C VAL D 538 -14.83 19.02 -21.12
N TYR D 539 -13.60 18.90 -21.61
CA TYR D 539 -12.86 20.04 -22.13
C TYR D 539 -13.58 20.67 -23.32
N LEU D 540 -14.06 19.84 -24.25
CA LEU D 540 -14.75 20.37 -25.42
C LEU D 540 -16.07 21.02 -25.03
N VAL D 541 -16.79 20.44 -24.06
CA VAL D 541 -18.02 21.07 -23.59
C VAL D 541 -17.73 22.46 -23.04
N PHE D 542 -16.74 22.55 -22.14
CA PHE D 542 -16.39 23.84 -21.55
C PHE D 542 -15.95 24.85 -22.61
N LEU D 543 -15.09 24.40 -23.53
CA LEU D 543 -14.53 25.28 -24.55
C LEU D 543 -15.64 25.80 -25.46
N PHE D 544 -16.55 24.92 -25.90
CA PHE D 544 -17.63 25.35 -26.76
C PHE D 544 -18.52 26.35 -26.05
N GLY D 545 -18.89 26.07 -24.80
CA GLY D 545 -19.74 27.00 -24.07
C GLY D 545 -19.11 28.37 -23.93
N PHE D 546 -17.86 28.42 -23.49
CA PHE D 546 -17.21 29.71 -23.26
C PHE D 546 -16.93 30.44 -24.58
N ALA D 547 -16.59 29.70 -25.64
CA ALA D 547 -16.34 30.33 -26.93
C ALA D 547 -17.61 30.95 -27.49
N VAL D 548 -18.74 30.21 -27.40
CA VAL D 548 -20.00 30.77 -27.87
C VAL D 548 -20.38 31.99 -27.04
N ALA D 549 -20.13 31.95 -25.73
CA ALA D 549 -20.43 33.10 -24.88
C ALA D 549 -19.61 34.31 -25.30
N LEU D 550 -18.32 34.12 -25.56
CA LEU D 550 -17.46 35.25 -25.92
C LEU D 550 -17.78 35.78 -27.32
N VAL D 551 -18.22 34.90 -28.21
CA VAL D 551 -18.63 35.35 -29.54
C VAL D 551 -19.92 36.16 -29.46
N SER D 552 -20.85 35.73 -28.62
CA SER D 552 -22.15 36.41 -28.50
C SER D 552 -21.97 37.88 -28.16
N LEU D 553 -21.14 38.17 -27.16
CA LEU D 553 -20.78 39.55 -26.84
C LEU D 553 -19.50 39.95 -27.56
N SER D 554 -18.92 41.09 -27.17
CA SER D 554 -17.66 41.59 -27.70
C SER D 554 -17.79 42.03 -29.16
N ARG D 555 -19.02 42.14 -29.65
CA ARG D 555 -19.28 42.75 -30.95
C ARG D 555 -19.90 44.14 -30.80
N GLU D 556 -20.05 44.62 -29.57
CA GLU D 556 -20.65 45.93 -29.30
C GLU D 556 -19.52 46.92 -28.98
N ALA D 557 -19.15 47.69 -29.99
CA ALA D 557 -18.06 48.66 -29.87
C ALA D 557 -18.42 49.79 -28.93
N ARG D 558 -17.47 50.20 -28.10
CA ARG D 558 -17.68 51.32 -27.18
C ARG D 558 -17.65 52.64 -27.92
N PRO D 582 -8.68 44.54 -36.88
CA PRO D 582 -9.79 43.58 -36.78
C PRO D 582 -10.37 43.52 -35.36
N VAL D 583 -11.28 42.58 -35.14
CA VAL D 583 -11.96 42.45 -33.84
C VAL D 583 -11.67 41.07 -33.28
N PRO D 584 -11.20 40.96 -32.04
CA PRO D 584 -11.00 39.65 -31.43
C PRO D 584 -12.32 38.93 -31.18
N TYR D 585 -12.25 37.60 -31.19
CA TYR D 585 -13.41 36.73 -31.06
C TYR D 585 -14.46 37.06 -32.13
N GLY D 586 -13.99 37.16 -33.37
CA GLY D 586 -14.86 37.46 -34.48
C GLY D 586 -15.86 36.35 -34.78
N GLY D 587 -15.39 35.11 -34.76
CA GLY D 587 -16.24 33.97 -35.03
C GLY D 587 -16.03 32.84 -34.05
N ILE D 588 -16.75 31.73 -34.26
CA ILE D 588 -16.60 30.57 -33.39
C ILE D 588 -15.21 29.97 -33.44
N LEU D 589 -14.64 29.80 -34.64
CA LEU D 589 -13.31 29.21 -34.77
C LEU D 589 -12.24 30.09 -34.12
N ASP D 590 -12.32 31.39 -34.34
CA ASP D 590 -11.33 32.30 -33.76
C ASP D 590 -11.35 32.26 -32.24
N ALA D 591 -12.55 32.35 -31.65
CA ALA D 591 -12.68 32.32 -30.20
C ALA D 591 -12.25 30.97 -29.65
N SER D 592 -12.60 29.89 -30.34
CA SER D 592 -12.20 28.56 -29.89
C SER D 592 -10.68 28.42 -29.88
N LEU D 593 -10.02 28.93 -30.92
CA LEU D 593 -8.56 28.89 -30.97
C LEU D 593 -7.95 29.75 -29.86
N GLU D 594 -8.51 30.94 -29.64
CA GLU D 594 -7.99 31.81 -28.59
C GLU D 594 -8.13 31.16 -27.21
N LEU D 595 -9.24 30.46 -26.98
CA LEU D 595 -9.43 29.77 -25.71
C LEU D 595 -8.51 28.56 -25.59
N PHE D 596 -8.28 27.84 -26.70
CA PHE D 596 -7.39 26.69 -26.66
C PHE D 596 -5.95 27.12 -26.45
N LYS D 597 -5.61 28.35 -26.81
CA LYS D 597 -4.25 28.84 -26.58
C LYS D 597 -3.89 28.85 -25.09
N PHE D 598 -4.90 28.98 -24.23
CA PHE D 598 -4.64 28.97 -22.79
C PHE D 598 -4.07 27.64 -22.32
N THR D 599 -4.46 26.54 -22.97
CA THR D 599 -4.01 25.21 -22.54
C THR D 599 -2.51 25.04 -22.77
N ILE D 600 -1.99 25.62 -23.84
CA ILE D 600 -0.58 25.44 -24.20
C ILE D 600 0.25 26.57 -23.62
N GLY D 601 -0.31 27.30 -22.66
CA GLY D 601 0.40 28.39 -22.01
C GLY D 601 0.71 29.54 -22.92
N MET D 602 -0.24 29.90 -23.78
CA MET D 602 -0.03 31.02 -24.70
C MET D 602 -1.26 31.93 -24.81
N GLY D 603 -2.18 31.89 -23.85
CA GLY D 603 -3.41 32.66 -23.97
C GLY D 603 -3.21 34.12 -23.57
N GLU D 604 -3.85 35.01 -24.32
CA GLU D 604 -3.80 36.44 -24.01
C GLU D 604 -4.89 36.75 -22.98
N LEU D 605 -4.53 37.47 -21.92
CA LEU D 605 -5.47 37.80 -20.87
C LEU D 605 -5.41 39.29 -20.56
N ALA D 606 -5.44 40.11 -21.60
CA ALA D 606 -5.36 41.56 -21.45
C ALA D 606 -6.73 42.13 -21.10
N PHE D 607 -6.73 43.36 -20.59
CA PHE D 607 -7.95 44.09 -20.27
C PHE D 607 -8.30 44.99 -21.47
N GLN D 608 -8.87 44.38 -22.51
CA GLN D 608 -9.19 45.12 -23.72
C GLN D 608 -10.21 46.21 -23.43
N GLU D 609 -9.92 47.42 -23.89
CA GLU D 609 -10.72 48.59 -23.56
C GLU D 609 -11.58 49.09 -24.72
N GLN D 610 -11.45 48.51 -25.91
CA GLN D 610 -12.28 48.94 -27.03
C GLN D 610 -13.69 48.39 -26.89
N LEU D 611 -13.86 47.32 -26.12
CA LEU D 611 -15.16 46.71 -25.95
C LEU D 611 -15.98 47.43 -24.89
N ARG D 612 -17.30 47.37 -25.04
CA ARG D 612 -18.19 48.00 -24.07
C ARG D 612 -18.30 47.18 -22.79
N PHE D 613 -18.01 45.88 -22.85
CA PHE D 613 -18.23 45.00 -21.71
C PHE D 613 -16.91 44.36 -21.28
N ARG D 614 -15.87 45.18 -21.13
CA ARG D 614 -14.53 44.67 -20.83
C ARG D 614 -14.52 43.87 -19.53
N GLY D 615 -15.23 44.36 -18.51
CA GLY D 615 -15.26 43.65 -17.24
C GLY D 615 -15.89 42.28 -17.36
N VAL D 616 -16.97 42.18 -18.12
CA VAL D 616 -17.63 40.88 -18.32
C VAL D 616 -16.70 39.93 -19.07
N VAL D 617 -15.98 40.42 -20.08
CA VAL D 617 -15.01 39.59 -20.78
C VAL D 617 -13.90 39.10 -19.86
N LEU D 618 -13.34 40.00 -19.05
CA LEU D 618 -12.26 39.61 -18.15
C LEU D 618 -12.73 38.60 -17.11
N LEU D 619 -13.91 38.81 -16.52
CA LEU D 619 -14.43 37.87 -15.54
C LEU D 619 -14.69 36.51 -16.16
N LEU D 620 -15.25 36.49 -17.36
CA LEU D 620 -15.50 35.22 -18.05
C LEU D 620 -14.20 34.49 -18.36
N LEU D 621 -13.19 35.23 -18.83
CA LEU D 621 -11.91 34.62 -19.12
C LEU D 621 -11.25 34.06 -17.85
N LEU D 622 -11.34 34.80 -16.75
CA LEU D 622 -10.77 34.32 -15.49
C LEU D 622 -11.51 33.07 -15.01
N ALA D 623 -12.84 33.05 -15.13
CA ALA D 623 -13.60 31.87 -14.75
C ALA D 623 -13.18 30.67 -15.57
N TYR D 624 -13.04 30.87 -16.89
CA TYR D 624 -12.58 29.79 -17.76
C TYR D 624 -11.19 29.30 -17.37
N VAL D 625 -10.27 30.22 -17.07
CA VAL D 625 -8.90 29.85 -16.73
C VAL D 625 -8.88 29.01 -15.46
N LEU D 626 -9.53 29.49 -14.40
CA LEU D 626 -9.54 28.75 -13.14
C LEU D 626 -10.30 27.44 -13.26
N LEU D 627 -11.29 27.38 -14.16
CA LEU D 627 -12.12 26.18 -14.22
C LEU D 627 -11.53 25.12 -15.14
N THR D 628 -10.65 25.51 -16.07
CA THR D 628 -10.11 24.58 -17.04
C THR D 628 -8.61 24.34 -16.92
N TYR D 629 -7.80 25.37 -16.66
CA TYR D 629 -6.35 25.22 -16.64
C TYR D 629 -5.78 24.88 -15.28
N VAL D 630 -6.35 25.42 -14.20
CA VAL D 630 -5.85 25.15 -12.85
C VAL D 630 -6.40 23.81 -12.37
N LEU D 631 -7.68 23.57 -12.64
CA LEU D 631 -8.34 22.39 -12.11
C LEU D 631 -8.23 21.19 -13.03
N LEU D 632 -8.72 21.32 -14.26
CA LEU D 632 -8.95 20.15 -15.11
C LEU D 632 -7.65 19.50 -15.58
N LEU D 633 -6.66 20.30 -15.98
CA LEU D 633 -5.42 19.71 -16.50
C LEU D 633 -4.60 19.06 -15.39
N ASN D 634 -4.54 19.70 -14.21
CA ASN D 634 -3.83 19.09 -13.09
C ASN D 634 -4.55 17.84 -12.61
N MET D 635 -5.88 17.85 -12.64
CA MET D 635 -6.62 16.63 -12.32
C MET D 635 -6.37 15.54 -13.36
N LEU D 636 -6.17 15.94 -14.62
CA LEU D 636 -5.78 14.99 -15.65
C LEU D 636 -4.42 14.37 -15.33
N ILE D 637 -3.48 15.19 -14.85
CA ILE D 637 -2.17 14.68 -14.44
C ILE D 637 -2.33 13.67 -13.31
N ALA D 638 -3.17 14.00 -12.32
CA ALA D 638 -3.39 13.10 -11.20
C ALA D 638 -4.03 11.78 -11.65
N LEU D 639 -5.01 11.87 -12.56
CA LEU D 639 -5.64 10.67 -13.10
C LEU D 639 -4.65 9.81 -13.85
N MET D 640 -3.76 10.44 -14.64
CA MET D 640 -2.73 9.68 -15.32
C MET D 640 -1.80 9.00 -14.32
N SER D 641 -1.47 9.68 -13.22
CA SER D 641 -0.63 9.08 -12.20
C SER D 641 -1.28 7.84 -11.59
N GLU D 642 -2.55 7.95 -11.22
CA GLU D 642 -3.22 6.81 -10.60
C GLU D 642 -3.44 5.68 -11.60
N THR D 643 -3.69 6.01 -12.87
CA THR D 643 -3.81 4.97 -13.89
C THR D 643 -2.49 4.25 -14.10
N VAL D 644 -1.38 4.98 -14.14
CA VAL D 644 -0.08 4.34 -14.27
C VAL D 644 0.20 3.44 -13.07
N ASN D 645 -0.12 3.91 -11.86
CA ASN D 645 0.05 3.07 -10.69
C ASN D 645 -0.86 1.85 -10.69
N SER D 646 -2.01 1.93 -11.35
CA SER D 646 -2.97 0.83 -11.33
C SER D 646 -2.62 -0.30 -12.30
N VAL D 647 -2.10 0.02 -13.49
CA VAL D 647 -1.89 -0.97 -14.53
C VAL D 647 -0.42 -1.36 -14.67
N ALA D 648 0.38 -1.13 -13.64
CA ALA D 648 1.82 -1.43 -13.70
C ALA D 648 2.12 -2.92 -13.70
N THR D 649 1.17 -3.82 -13.45
CA THR D 649 1.46 -5.24 -13.40
C THR D 649 0.88 -6.03 -14.56
N ASP D 650 -0.27 -5.61 -15.09
CA ASP D 650 -0.87 -6.30 -16.23
C ASP D 650 -0.23 -5.92 -17.56
N SER D 651 0.50 -4.80 -17.61
CA SER D 651 1.11 -4.38 -18.87
C SER D 651 2.15 -5.39 -19.35
N TRP D 652 2.86 -6.02 -18.42
CA TRP D 652 3.83 -7.04 -18.81
C TRP D 652 3.16 -8.24 -19.47
N SER D 653 2.02 -8.68 -18.91
CA SER D 653 1.29 -9.79 -19.52
C SER D 653 0.70 -9.39 -20.86
N ILE D 654 0.23 -8.15 -20.98
CA ILE D 654 -0.28 -7.67 -22.27
C ILE D 654 0.83 -7.66 -23.31
N TRP D 655 2.04 -7.24 -22.92
CA TRP D 655 3.17 -7.25 -23.83
C TRP D 655 3.53 -8.66 -24.24
N LYS D 656 3.48 -9.61 -23.29
CA LYS D 656 3.74 -11.01 -23.64
C LYS D 656 2.71 -11.54 -24.63
N LEU D 657 1.44 -11.20 -24.43
CA LEU D 657 0.40 -11.62 -25.37
C LEU D 657 0.63 -11.00 -26.74
N GLN D 658 1.04 -9.74 -26.78
CA GLN D 658 1.35 -9.09 -28.05
C GLN D 658 2.49 -9.78 -28.76
N LYS D 659 3.53 -10.16 -28.01
CA LYS D 659 4.63 -10.92 -28.59
C LYS D 659 4.15 -12.26 -29.11
N ALA D 660 3.26 -12.92 -28.38
CA ALA D 660 2.72 -14.21 -28.84
C ALA D 660 1.98 -14.03 -30.16
N ILE D 661 1.18 -12.98 -30.28
CA ILE D 661 0.46 -12.72 -31.52
C ILE D 661 1.44 -12.46 -32.66
N SER D 662 2.47 -11.65 -32.39
CA SER D 662 3.47 -11.35 -33.41
C SER D 662 4.19 -12.62 -33.86
N VAL D 663 4.52 -13.50 -32.92
CA VAL D 663 5.20 -14.76 -33.24
C VAL D 663 4.30 -15.64 -34.07
N LEU D 664 3.02 -15.73 -33.71
CA LEU D 664 2.09 -16.55 -34.49
C LEU D 664 1.93 -16.00 -35.91
N GLU D 665 1.98 -14.67 -36.06
CA GLU D 665 1.92 -14.09 -37.40
C GLU D 665 3.19 -14.38 -38.18
N MET D 666 4.35 -14.26 -37.54
CA MET D 666 5.62 -14.48 -38.22
C MET D 666 5.88 -15.95 -38.54
N GLU D 667 5.22 -16.87 -37.83
CA GLU D 667 5.37 -18.28 -38.16
C GLU D 667 4.85 -18.58 -39.57
N ASN D 668 3.72 -17.97 -39.94
CA ASN D 668 3.29 -17.97 -41.33
C ASN D 668 4.28 -17.16 -42.17
N GLY D 669 4.14 -17.28 -43.49
CA GLY D 669 5.01 -16.54 -44.37
C GLY D 669 4.43 -15.20 -44.74
N TYR D 670 4.13 -15.01 -46.02
CA TYR D 670 3.46 -13.80 -46.48
C TYR D 670 2.32 -14.17 -47.40
N TRP D 671 1.65 -13.18 -47.98
CA TRP D 671 0.58 -13.42 -48.94
C TRP D 671 1.10 -13.93 -50.27
N TRP D 672 2.42 -13.91 -50.48
CA TRP D 672 3.04 -14.41 -51.70
C TRP D 672 3.95 -15.61 -51.49
N CYS D 673 4.40 -15.87 -50.26
CA CYS D 673 5.30 -17.00 -50.00
C CYS D 673 5.02 -17.52 -48.59
N ARG D 674 4.64 -18.78 -48.49
CA ARG D 674 4.36 -19.40 -47.20
C ARG D 674 5.62 -20.01 -46.62
N ARG D 675 5.93 -19.64 -45.38
CA ARG D 675 7.15 -20.13 -44.73
C ARG D 675 7.03 -21.61 -44.41
N LYS D 676 8.18 -22.28 -44.43
CA LYS D 676 8.24 -23.70 -44.07
C LYS D 676 8.00 -23.84 -42.57
N ARG D 677 7.11 -24.75 -42.19
CA ARG D 677 6.73 -24.86 -40.78
C ARG D 677 7.77 -25.70 -40.03
N HIS D 678 7.98 -25.36 -38.77
CA HIS D 678 9.04 -25.96 -37.95
C HIS D 678 8.42 -26.59 -36.72
N ARG D 679 8.73 -27.87 -36.50
CA ARG D 679 8.28 -28.56 -35.29
C ARG D 679 8.95 -27.97 -34.06
N ALA D 680 8.18 -27.81 -32.99
CA ALA D 680 8.71 -27.39 -31.70
C ALA D 680 8.69 -28.59 -30.76
N GLY D 681 9.80 -28.80 -30.06
CA GLY D 681 9.86 -29.94 -29.15
C GLY D 681 10.56 -31.12 -29.80
N ARG D 682 11.14 -31.97 -28.97
CA ARG D 682 11.88 -33.14 -29.41
C ARG D 682 11.04 -34.40 -29.20
N LEU D 683 11.35 -35.45 -29.95
CA LEU D 683 10.82 -36.77 -29.63
C LEU D 683 11.68 -37.41 -28.54
N LEU D 684 11.02 -37.97 -27.54
CA LEU D 684 11.69 -38.46 -26.34
C LEU D 684 11.33 -39.93 -26.13
N LYS D 685 11.64 -40.42 -24.92
CA LYS D 685 11.17 -41.72 -24.46
C LYS D 685 10.22 -41.52 -23.28
N VAL D 686 8.93 -41.55 -23.59
CA VAL D 686 7.91 -41.23 -22.59
C VAL D 686 7.58 -42.45 -21.75
N GLY D 687 7.18 -43.55 -22.39
CA GLY D 687 6.80 -44.73 -21.64
C GLY D 687 6.13 -45.75 -22.55
N THR D 688 5.35 -46.62 -21.92
CA THR D 688 4.69 -47.73 -22.59
C THR D 688 3.19 -47.65 -22.41
N LYS D 689 2.44 -47.84 -23.50
CA LYS D 689 1.00 -47.82 -23.46
C LYS D 689 0.46 -49.13 -22.90
N GLY D 690 -0.84 -49.15 -22.61
CA GLY D 690 -1.50 -50.32 -22.07
C GLY D 690 -2.23 -51.14 -23.12
N ASP D 691 -1.99 -50.82 -24.40
CA ASP D 691 -2.63 -51.57 -25.49
C ASP D 691 -1.61 -52.35 -26.29
N GLY D 692 -0.59 -51.66 -26.81
CA GLY D 692 0.48 -52.31 -27.52
C GLY D 692 1.79 -52.23 -26.76
N ILE D 693 2.73 -51.43 -27.27
CA ILE D 693 4.03 -51.22 -26.62
C ILE D 693 4.27 -49.70 -26.61
N PRO D 694 5.00 -49.11 -27.56
CA PRO D 694 5.45 -47.73 -27.34
C PRO D 694 4.37 -46.70 -27.68
N ASP D 695 4.17 -45.75 -26.76
CA ASP D 695 3.25 -44.63 -27.01
C ASP D 695 4.07 -43.34 -26.84
N GLU D 696 4.63 -42.87 -27.95
CA GLU D 696 5.61 -41.81 -27.90
C GLU D 696 5.02 -40.51 -28.43
N ARG D 697 5.40 -39.39 -27.81
CA ARG D 697 4.82 -38.10 -28.08
C ARG D 697 5.90 -37.04 -28.12
N TRP D 698 5.63 -35.95 -28.83
CA TRP D 698 6.54 -34.82 -28.90
C TRP D 698 6.47 -34.02 -27.60
N CYS D 699 7.62 -33.77 -27.00
CA CYS D 699 7.68 -33.11 -25.70
C CYS D 699 8.58 -31.89 -25.76
N PHE D 700 8.40 -31.00 -24.79
CA PHE D 700 9.19 -29.79 -24.64
C PHE D 700 9.98 -29.92 -23.36
N ARG D 701 11.29 -29.75 -23.45
CA ARG D 701 12.18 -29.95 -22.30
C ARG D 701 12.53 -28.64 -21.62
N VAL D 702 12.43 -28.63 -20.29
CA VAL D 702 12.84 -27.46 -19.52
C VAL D 702 13.55 -27.90 -18.25
N GLU D 703 14.72 -27.32 -17.99
CA GLU D 703 15.44 -27.60 -16.76
C GLU D 703 15.06 -26.59 -15.69
N GLU D 704 15.07 -27.03 -14.44
CA GLU D 704 14.90 -26.09 -13.34
C GLU D 704 15.79 -26.51 -12.18
N VAL D 705 16.51 -25.56 -11.60
CA VAL D 705 17.30 -25.80 -10.39
C VAL D 705 16.36 -25.52 -9.21
N ASN D 706 15.75 -26.58 -8.67
CA ASN D 706 14.80 -26.45 -7.59
C ASN D 706 15.29 -27.25 -6.39
N TRP D 707 15.39 -26.60 -5.24
CA TRP D 707 15.76 -27.28 -4.01
C TRP D 707 14.57 -27.73 -3.19
N ALA D 708 13.42 -27.09 -3.36
CA ALA D 708 12.20 -27.45 -2.63
C ALA D 708 11.74 -28.87 -2.93
N ALA D 709 11.62 -29.22 -4.21
CA ALA D 709 11.24 -30.57 -4.59
C ALA D 709 12.30 -31.57 -4.16
N TRP D 710 13.57 -31.19 -4.26
CA TRP D 710 14.65 -32.10 -3.89
C TRP D 710 14.68 -32.36 -2.38
N GLU D 711 14.18 -31.42 -1.58
CA GLU D 711 14.04 -31.68 -0.14
C GLU D 711 13.02 -32.76 0.15
N LYS D 712 11.96 -32.85 -0.66
CA LYS D 712 10.83 -33.73 -0.37
C LYS D 712 10.97 -35.06 -1.13
N THR D 713 12.22 -35.47 -1.33
CA THR D 713 12.44 -36.79 -1.95
C THR D 713 13.48 -37.61 -1.21
N LEU D 714 13.81 -37.29 0.04
CA LEU D 714 14.80 -38.05 0.80
C LEU D 714 14.12 -39.14 1.64
C1 CLR E . 22.94 15.38 -12.82
C2 CLR E . 23.16 15.14 -11.33
C3 CLR E . 22.77 13.73 -10.93
C4 CLR E . 23.60 12.72 -11.71
C5 CLR E . 23.51 13.02 -13.18
C6 CLR E . 23.17 12.03 -14.01
C7 CLR E . 22.99 12.23 -15.50
C8 CLR E . 23.85 13.40 -15.94
C9 CLR E . 23.51 14.64 -15.12
C10 CLR E . 23.80 14.44 -13.64
C11 CLR E . 24.21 15.91 -15.63
C12 CLR E . 24.16 16.09 -17.15
C13 CLR E . 24.62 14.79 -17.79
C14 CLR E . 23.62 13.74 -17.40
C15 CLR E . 23.80 12.61 -18.41
C16 CLR E . 24.27 13.33 -19.69
C17 CLR E . 24.64 14.75 -19.30
C18 CLR E . 25.99 14.42 -17.25
C19 CLR E . 25.27 14.73 -13.38
C20 CLR E . 26.01 15.13 -19.85
C21 CLR E . 25.99 16.54 -20.43
C22 CLR E . 26.48 14.11 -20.88
C23 CLR E . 27.03 14.80 -22.13
C24 CLR E . 28.42 15.37 -21.87
C25 CLR E . 29.50 14.43 -22.40
C26 CLR E . 29.44 13.08 -21.70
C27 CLR E . 29.40 14.28 -23.91
O1 CLR E . 23.02 13.56 -9.53
C1 CLR F . 3.62 30.20 3.71
C2 CLR F . 2.45 29.66 4.52
C3 CLR F . 2.81 28.34 5.20
C4 CLR F . 3.99 28.54 6.12
C5 CLR F . 5.11 29.22 5.38
C6 CLR F . 6.33 28.66 5.44
C7 CLR F . 7.52 29.20 4.67
C8 CLR F . 7.31 30.70 4.47
C9 CLR F . 5.99 30.96 3.78
C10 CLR F . 4.81 30.49 4.62
C11 CLR F . 5.80 32.43 3.39
C12 CLR F . 7.02 33.07 2.72
C13 CLR F . 8.23 32.79 3.59
C14 CLR F . 8.42 31.29 3.61
C15 CLR F . 9.85 31.07 4.05
C16 CLR F . 10.60 32.30 3.55
C17 CLR F . 9.56 33.33 3.12
C18 CLR F . 7.94 33.28 5.01
C19 CLR F . 4.43 31.58 5.62
C20 CLR F . 9.84 34.70 3.72
C21 CLR F . 9.65 35.80 2.67
C22 CLR F . 11.25 34.75 4.31
C23 CLR F . 11.99 36.00 3.88
C24 CLR F . 11.49 37.21 4.66
C25 CLR F . 12.42 37.54 5.83
C26 CLR F . 12.48 36.38 6.81
C27 CLR F . 13.80 37.93 5.33
O1 CLR F . 1.69 27.90 5.96
C1 CLR G . -18.12 20.53 -13.34
C2 CLR G . -18.56 19.10 -13.61
C3 CLR G . -18.47 18.24 -12.36
C4 CLR G . -19.35 18.83 -11.26
C5 CLR G . -19.03 20.28 -11.08
C6 CLR G . -18.76 20.73 -9.84
C7 CLR G . -18.36 22.15 -9.55
C8 CLR G . -18.94 23.06 -10.61
C9 CLR G . -18.50 22.58 -12.00
C10 CLR G . -19.02 21.19 -12.30
C11 CLR G . -18.91 23.55 -13.12
C12 CLR G . -18.63 25.02 -12.81
C13 CLR G . -19.22 25.33 -11.45
C14 CLR G . -18.48 24.48 -10.45
C15 CLR G . -18.72 25.15 -9.10
C16 CLR G . -18.89 26.63 -9.42
C17 CLR G . -19.06 26.74 -10.94
C18 CLR G . -20.70 24.95 -11.44
C19 CLR G . -20.44 21.27 -12.85
C20 CLR G . -20.26 27.61 -11.30
C21 CLR G . -19.93 28.57 -12.44
C22 CLR G . -20.77 28.37 -10.07
C23 CLR G . -21.03 29.83 -10.40
C24 CLR G . -22.32 30.00 -11.19
C25 CLR G . -23.47 30.41 -10.28
C26 CLR G . -23.73 29.35 -9.22
C27 CLR G . -23.21 31.77 -9.64
O1 CLR G . -18.93 16.92 -12.67
C1 CLR H . 1.14 5.93 -29.92
C2 CLR H . 2.09 4.80 -29.52
C3 CLR H . 1.42 3.84 -28.53
C4 CLR H . 0.17 3.23 -29.15
C5 CLR H . -0.71 4.32 -29.69
C6 CLR H . -2.00 4.34 -29.33
C7 CLR H . -2.96 5.42 -29.75
C8 CLR H . -2.49 6.00 -31.07
C9 CLR H . -1.06 6.50 -30.94
C10 CLR H . -0.10 5.36 -30.62
C11 CLR H . -0.57 7.26 -32.18
C12 CLR H . -1.57 8.28 -32.72
C13 CLR H . -2.91 7.59 -32.87
C14 CLR H . -3.34 7.17 -31.50
C15 CLR H . -4.85 6.95 -31.60
C16 CLR H . -5.30 7.92 -32.70
C17 CLR H . -4.05 8.43 -33.40
C18 CLR H . -2.74 6.35 -33.75
C19 CLR H . 0.33 4.67 -31.91
C20 CLR H . -4.18 8.31 -34.92
C21 CLR H . -3.66 9.57 -35.60
C22 CLR H . -5.62 8.02 -35.31
C23 CLR H . -6.08 8.91 -36.46
C24 CLR H . -5.48 8.44 -37.78
C25 CLR H . -6.49 7.60 -38.57
C26 CLR H . -6.88 6.36 -37.79
C27 CLR H . -7.71 8.43 -38.94
O1 CLR H . 2.34 2.80 -28.20
#